data_5QH4
# 
_entry.id   5QH4 
# 
_audit_conform.dict_name       mmcif_pdbx.dic 
_audit_conform.dict_version    5.381 
_audit_conform.dict_location   http://mmcif.pdb.org/dictionaries/ascii/mmcif_pdbx.dic 
# 
loop_
_database_2.database_id 
_database_2.database_code 
_database_2.pdbx_database_accession 
_database_2.pdbx_DOI 
PDB   5QH4         pdb_00005qh4 10.2210/pdb5qh4/pdb 
WWPDB D_1001401941 ?            ?                   
# 
_pdbx_database_status.entry_id                        5QH4 
_pdbx_database_status.status_code                     REL 
_pdbx_database_status.status_code_sf                  REL 
_pdbx_database_status.status_code_mr                  ? 
_pdbx_database_status.status_code_cs                  ? 
_pdbx_database_status.recvd_initial_deposition_date   2018-05-15 
_pdbx_database_status.deposit_site                    RCSB 
_pdbx_database_status.process_site                    RCSB 
_pdbx_database_status.SG_entry                        ? 
_pdbx_database_status.pdb_format_compatible           Y 
_pdbx_database_status.methods_development_category    ? 
_pdbx_database_status.status_code_nmr_data            ? 
# 
loop_
_audit_author.name 
_audit_author.pdbx_ordinal 
_audit_author.identifier_ORCID 
'Krojer, T.'         1  ? 
'Talon, R.'          2  ? 
'Fairhead, M.'       3  ? 
'Diaz Saez, L.'      4  ? 
'Bradley, A.R.'      5  ? 
'Aimon, A.'          6  ? 
'Collins, P.'        7  ? 
'Brandao-Neto, J.'   8  ? 
'Douangamath, A.'    9  ? 
'Ruda, G.F.'         10 ? 
'Szommer, T.'        11 ? 
'Srikannathasan, V.' 12 ? 
'Elkins, J.'         13 ? 
'Spencer, J.'        14 ? 
'London, N.'         15 ? 
'Nelson, A.'         16 ? 
'Brennan, P.E.'      17 ? 
'Huber, K.'          18 ? 
'Bountra, C.'        19 ? 
'Arrowsmith, C.H.'   20 ? 
'Edwards, A.'        21 ? 
'von Delft, F.'      22 ? 
# 
_citation.id                        primary 
_citation.title                     'PanDDA analysis group deposition of models with modelled events (e.g. bound ligands)' 
_citation.journal_abbrev            'To Be Published' 
_citation.journal_volume            ? 
_citation.page_first                ? 
_citation.page_last                 ? 
_citation.year                      ? 
_citation.journal_id_ASTM           ? 
_citation.country                   ? 
_citation.journal_id_ISSN           ? 
_citation.journal_id_CSD            0353 
_citation.book_publisher            ? 
_citation.pdbx_database_id_PubMed   ? 
_citation.pdbx_database_id_DOI      ? 
# 
loop_
_citation_author.citation_id 
_citation_author.name 
_citation_author.identifier_ORCID 
_citation_author.ordinal 
primary 'Krojer, T.'         ? 1  
primary 'Talon, R.'          ? 2  
primary 'Fairhead, M.'       ? 3  
primary 'Diaz Saez, L.'      ? 4  
primary 'Bradley, A.R.'      ? 5  
primary 'Aimon, A.'          ? 6  
primary 'Collins, P.'        ? 7  
primary 'Brandao-Neto, J.'   ? 8  
primary 'Douangamath, A.'    ? 9  
primary 'Ruda, G.F.'         ? 10 
primary 'Szommer, T.'        ? 11 
primary 'Srikannathasan, V.' ? 12 
primary 'Elkins, J.'         ? 13 
primary 'Spencer, J.'        ? 14 
primary 'London, N.'         ? 15 
primary 'Nelson, A.'         ? 16 
primary 'Brennan, P.E.'      ? 17 
primary 'Huber, K.'          ? 18 
primary 'Bountra, C.'        ? 19 
primary 'Arrowsmith, C.H.'   ? 20 
primary 'Edwards, A.'        ? 21 
primary 'von Delft, F.'      ? 22 
# 
_cell.entry_id           5QH4 
_cell.length_a           124.624 
_cell.length_b           124.624 
_cell.length_c           41.164 
_cell.angle_alpha        90.000 
_cell.angle_beta         90.000 
_cell.angle_gamma        120.000 
_cell.Z_PDB              6 
_cell.pdbx_unique_axis   ? 
# 
_symmetry.entry_id                         5QH4 
_symmetry.Int_Tables_number                150 
_symmetry.space_group_name_H-M             'P 3 2 1' 
_symmetry.pdbx_full_space_group_name_H-M   ? 
_symmetry.cell_setting                     ? 
# 
loop_
_entity.id 
_entity.type 
_entity.src_method 
_entity.pdbx_description 
_entity.formula_weight 
_entity.pdbx_number_of_molecules 
_entity.pdbx_ec 
_entity.pdbx_mutation 
_entity.pdbx_fragment 
_entity.details 
1 polymer     man 'Peroxisomal coenzyme A diphosphatase NUDT7'       22197.600 1   3.6.1.- ? ? ? 
2 non-polymer syn 'ACETATE ION'                                      59.044    2   ?       ? ? ? 
3 non-polymer syn 'DIMETHYL SULFOXIDE'                               78.133    2   ?       ? ? ? 
4 non-polymer syn '2-(3-methoxyphenyl)-N-(1,2-oxazol-3-yl)acetamide' 232.235   1   ?       ? ? ? 
5 water       nat water                                              18.015    159 ?       ? ? ? 
# 
_entity_name_com.entity_id   1 
_entity_name_com.name        'Nucleoside diphosphate-linked moiety X motif 7,Nudix motif 7' 
# 
_entity_poly.entity_id                      1 
_entity_poly.type                           'polypeptide(L)' 
_entity_poly.nstd_linkage                   no 
_entity_poly.nstd_monomer                   yes 
_entity_poly.pdbx_seq_one_letter_code       
;SMLDDAKARLRKYDIGGKYSHLPYNKYSVLLPLVAKEGKLHLLFTVRSEKLRRAPGEVCFPGGKRDPTDMDDAATALREA
QEEVGLR(HYP)HQVEVV(CSO)CLVPCLIDTDTLITPFVGLIDHNFQAQPNPAEVKDVFLVPLAYFLHPQVHDQHYVTR
LGHRFINHIFEYTNPEDGVTYQIKGMTANLAVLVAFIILEKKPT
;
_entity_poly.pdbx_seq_one_letter_code_can   
;SMLDDAKARLRKYDIGGKYSHLPYNKYSVLLPLVAKEGKLHLLFTVRSEKLRRAPGEVCFPGGKRDPTDMDDAATALREA
QEEVGLRPHQVEVVCCLVPCLIDTDTLITPFVGLIDHNFQAQPNPAEVKDVFLVPLAYFLHPQVHDQHYVTRLGHRFINH
IFEYTNPEDGVTYQIKGMTANLAVLVAFIILEKKPT
;
_entity_poly.pdbx_strand_id                 A 
_entity_poly.pdbx_target_identifier         ? 
# 
loop_
_entity_poly_seq.entity_id 
_entity_poly_seq.num 
_entity_poly_seq.mon_id 
_entity_poly_seq.hetero 
1 1   SER n 
1 2   MET n 
1 3   LEU n 
1 4   ASP n 
1 5   ASP n 
1 6   ALA n 
1 7   LYS n 
1 8   ALA n 
1 9   ARG n 
1 10  LEU n 
1 11  ARG n 
1 12  LYS n 
1 13  TYR n 
1 14  ASP n 
1 15  ILE n 
1 16  GLY n 
1 17  GLY n 
1 18  LYS n 
1 19  TYR n 
1 20  SER n 
1 21  HIS n 
1 22  LEU n 
1 23  PRO n 
1 24  TYR n 
1 25  ASN n 
1 26  LYS n 
1 27  TYR n 
1 28  SER n 
1 29  VAL n 
1 30  LEU n 
1 31  LEU n 
1 32  PRO n 
1 33  LEU n 
1 34  VAL n 
1 35  ALA n 
1 36  LYS n 
1 37  GLU n 
1 38  GLY n 
1 39  LYS n 
1 40  LEU n 
1 41  HIS n 
1 42  LEU n 
1 43  LEU n 
1 44  PHE n 
1 45  THR n 
1 46  VAL n 
1 47  ARG n 
1 48  SER n 
1 49  GLU n 
1 50  LYS n 
1 51  LEU n 
1 52  ARG n 
1 53  ARG n 
1 54  ALA n 
1 55  PRO n 
1 56  GLY n 
1 57  GLU n 
1 58  VAL n 
1 59  CYS n 
1 60  PHE n 
1 61  PRO n 
1 62  GLY n 
1 63  GLY n 
1 64  LYS n 
1 65  ARG n 
1 66  ASP n 
1 67  PRO n 
1 68  THR n 
1 69  ASP n 
1 70  MET n 
1 71  ASP n 
1 72  ASP n 
1 73  ALA n 
1 74  ALA n 
1 75  THR n 
1 76  ALA n 
1 77  LEU n 
1 78  ARG n 
1 79  GLU n 
1 80  ALA n 
1 81  GLN n 
1 82  GLU n 
1 83  GLU n 
1 84  VAL n 
1 85  GLY n 
1 86  LEU n 
1 87  ARG n 
1 88  HYP n 
1 89  HIS n 
1 90  GLN n 
1 91  VAL n 
1 92  GLU n 
1 93  VAL n 
1 94  VAL n 
1 95  CSO n 
1 96  CYS n 
1 97  LEU n 
1 98  VAL n 
1 99  PRO n 
1 100 CYS n 
1 101 LEU n 
1 102 ILE n 
1 103 ASP n 
1 104 THR n 
1 105 ASP n 
1 106 THR n 
1 107 LEU n 
1 108 ILE n 
1 109 THR n 
1 110 PRO n 
1 111 PHE n 
1 112 VAL n 
1 113 GLY n 
1 114 LEU n 
1 115 ILE n 
1 116 ASP n 
1 117 HIS n 
1 118 ASN n 
1 119 PHE n 
1 120 GLN n 
1 121 ALA n 
1 122 GLN n 
1 123 PRO n 
1 124 ASN n 
1 125 PRO n 
1 126 ALA n 
1 127 GLU n 
1 128 VAL n 
1 129 LYS n 
1 130 ASP n 
1 131 VAL n 
1 132 PHE n 
1 133 LEU n 
1 134 VAL n 
1 135 PRO n 
1 136 LEU n 
1 137 ALA n 
1 138 TYR n 
1 139 PHE n 
1 140 LEU n 
1 141 HIS n 
1 142 PRO n 
1 143 GLN n 
1 144 VAL n 
1 145 HIS n 
1 146 ASP n 
1 147 GLN n 
1 148 HIS n 
1 149 TYR n 
1 150 VAL n 
1 151 THR n 
1 152 ARG n 
1 153 LEU n 
1 154 GLY n 
1 155 HIS n 
1 156 ARG n 
1 157 PHE n 
1 158 ILE n 
1 159 ASN n 
1 160 HIS n 
1 161 ILE n 
1 162 PHE n 
1 163 GLU n 
1 164 TYR n 
1 165 THR n 
1 166 ASN n 
1 167 PRO n 
1 168 GLU n 
1 169 ASP n 
1 170 GLY n 
1 171 VAL n 
1 172 THR n 
1 173 TYR n 
1 174 GLN n 
1 175 ILE n 
1 176 LYS n 
1 177 GLY n 
1 178 MET n 
1 179 THR n 
1 180 ALA n 
1 181 ASN n 
1 182 LEU n 
1 183 ALA n 
1 184 VAL n 
1 185 LEU n 
1 186 VAL n 
1 187 ALA n 
1 188 PHE n 
1 189 ILE n 
1 190 ILE n 
1 191 LEU n 
1 192 GLU n 
1 193 LYS n 
1 194 LYS n 
1 195 PRO n 
1 196 THR n 
# 
_entity_src_gen.entity_id                          1 
_entity_src_gen.pdbx_src_id                        1 
_entity_src_gen.pdbx_alt_source_flag               sample 
_entity_src_gen.pdbx_seq_type                      'Biological sequence' 
_entity_src_gen.pdbx_beg_seq_num                   1 
_entity_src_gen.pdbx_end_seq_num                   196 
_entity_src_gen.gene_src_common_name               Human 
_entity_src_gen.gene_src_genus                     ? 
_entity_src_gen.pdbx_gene_src_gene                 NUDT7 
_entity_src_gen.gene_src_species                   ? 
_entity_src_gen.gene_src_strain                    ? 
_entity_src_gen.gene_src_tissue                    ? 
_entity_src_gen.gene_src_tissue_fraction           ? 
_entity_src_gen.gene_src_details                   ? 
_entity_src_gen.pdbx_gene_src_fragment             ? 
_entity_src_gen.pdbx_gene_src_scientific_name      'Homo sapiens' 
_entity_src_gen.pdbx_gene_src_ncbi_taxonomy_id     9606 
_entity_src_gen.pdbx_gene_src_variant              ? 
_entity_src_gen.pdbx_gene_src_cell_line            ? 
_entity_src_gen.pdbx_gene_src_atcc                 ? 
_entity_src_gen.pdbx_gene_src_organ                ? 
_entity_src_gen.pdbx_gene_src_organelle            ? 
_entity_src_gen.pdbx_gene_src_cell                 ? 
_entity_src_gen.pdbx_gene_src_cellular_location    ? 
_entity_src_gen.host_org_common_name               ? 
_entity_src_gen.pdbx_host_org_scientific_name      'Escherichia coli' 
_entity_src_gen.pdbx_host_org_ncbi_taxonomy_id     562 
_entity_src_gen.host_org_genus                     ? 
_entity_src_gen.pdbx_host_org_gene                 ? 
_entity_src_gen.pdbx_host_org_organ                ? 
_entity_src_gen.host_org_species                   ? 
_entity_src_gen.pdbx_host_org_tissue               ? 
_entity_src_gen.pdbx_host_org_tissue_fraction      ? 
_entity_src_gen.pdbx_host_org_strain               ? 
_entity_src_gen.pdbx_host_org_variant              ? 
_entity_src_gen.pdbx_host_org_cell_line            ? 
_entity_src_gen.pdbx_host_org_atcc                 ? 
_entity_src_gen.pdbx_host_org_culture_collection   ? 
_entity_src_gen.pdbx_host_org_cell                 ? 
_entity_src_gen.pdbx_host_org_organelle            ? 
_entity_src_gen.pdbx_host_org_cellular_location    ? 
_entity_src_gen.pdbx_host_org_vector_type          ? 
_entity_src_gen.pdbx_host_org_vector               ? 
_entity_src_gen.host_org_details                   ? 
_entity_src_gen.expression_system_id               ? 
_entity_src_gen.plasmid_name                       ? 
_entity_src_gen.plasmid_details                    ? 
_entity_src_gen.pdbx_description                   ? 
# 
_struct_ref.id                         1 
_struct_ref.db_name                    UNP 
_struct_ref.db_code                    NUDT7_HUMAN 
_struct_ref.pdbx_db_accession          P0C024 
_struct_ref.pdbx_db_isoform            ? 
_struct_ref.entity_id                  1 
_struct_ref.pdbx_seq_one_letter_code   
;SLLDDAKARLRKYDIGGKYSHLPYNKYSVLLPLVAKEGKLHLLFTVRSEKLRRAPGEVCFPGGKRDPTDMDDAATALREA
QEEVGLRPHQVEVVCCLVPCLIDTDTLITPFVGLIDHNFQAQPNPAEVKDVFLVPLAYFLHPQVHDQHYVTRLGHRFINH
IFEYTNPEDGVTYQIKGMTANLAVLVAFIILEKKPT
;
_struct_ref.pdbx_align_begin           14 
# 
_struct_ref_seq.align_id                      1 
_struct_ref_seq.ref_id                        1 
_struct_ref_seq.pdbx_PDB_id_code              5QH4 
_struct_ref_seq.pdbx_strand_id                A 
_struct_ref_seq.seq_align_beg                 1 
_struct_ref_seq.pdbx_seq_align_beg_ins_code   ? 
_struct_ref_seq.seq_align_end                 196 
_struct_ref_seq.pdbx_seq_align_end_ins_code   ? 
_struct_ref_seq.pdbx_db_accession             P0C024 
_struct_ref_seq.db_align_beg                  14 
_struct_ref_seq.pdbx_db_align_beg_ins_code    ? 
_struct_ref_seq.db_align_end                  209 
_struct_ref_seq.pdbx_db_align_end_ins_code    ? 
_struct_ref_seq.pdbx_auth_seq_align_beg       15 
_struct_ref_seq.pdbx_auth_seq_align_end       210 
# 
_struct_ref_seq_dif.align_id                     1 
_struct_ref_seq_dif.pdbx_pdb_id_code             5QH4 
_struct_ref_seq_dif.mon_id                       MET 
_struct_ref_seq_dif.pdbx_pdb_strand_id           A 
_struct_ref_seq_dif.seq_num                      2 
_struct_ref_seq_dif.pdbx_pdb_ins_code            ? 
_struct_ref_seq_dif.pdbx_seq_db_name             UNP 
_struct_ref_seq_dif.pdbx_seq_db_accession_code   P0C024 
_struct_ref_seq_dif.db_mon_id                    LEU 
_struct_ref_seq_dif.pdbx_seq_db_seq_num          15 
_struct_ref_seq_dif.details                      conflict 
_struct_ref_seq_dif.pdbx_auth_seq_num            16 
_struct_ref_seq_dif.pdbx_ordinal                 1 
# 
loop_
_chem_comp.id 
_chem_comp.type 
_chem_comp.mon_nstd_flag 
_chem_comp.name 
_chem_comp.pdbx_synonyms 
_chem_comp.formula 
_chem_comp.formula_weight 
ACT non-polymer         . 'ACETATE ION'                                      ?              'C2 H3 O2 -1'    59.044  
ALA 'L-peptide linking' y ALANINE                                            ?              'C3 H7 N O2'     89.093  
ARG 'L-peptide linking' y ARGININE                                           ?              'C6 H15 N4 O2 1' 175.209 
ASN 'L-peptide linking' y ASPARAGINE                                         ?              'C4 H8 N2 O3'    132.118 
ASP 'L-peptide linking' y 'ASPARTIC ACID'                                    ?              'C4 H7 N O4'     133.103 
CSO 'L-peptide linking' n S-HYDROXYCYSTEINE                                  ?              'C3 H7 N O3 S'   137.158 
CYS 'L-peptide linking' y CYSTEINE                                           ?              'C3 H7 N O2 S'   121.158 
DMS non-polymer         . 'DIMETHYL SULFOXIDE'                               ?              'C2 H6 O S'      78.133  
GLN 'L-peptide linking' y GLUTAMINE                                          ?              'C5 H10 N2 O3'   146.144 
GLU 'L-peptide linking' y 'GLUTAMIC ACID'                                    ?              'C5 H9 N O4'     147.129 
GLY 'peptide linking'   y GLYCINE                                            ?              'C2 H5 N O2'     75.067  
H47 non-polymer         . '2-(3-methoxyphenyl)-N-(1,2-oxazol-3-yl)acetamide' ?              'C12 H12 N2 O3'  232.235 
HIS 'L-peptide linking' y HISTIDINE                                          ?              'C6 H10 N3 O2 1' 156.162 
HOH non-polymer         . WATER                                              ?              'H2 O'           18.015  
HYP 'L-peptide linking' n 4-HYDROXYPROLINE                                   HYDROXYPROLINE 'C5 H9 N O3'     131.130 
ILE 'L-peptide linking' y ISOLEUCINE                                         ?              'C6 H13 N O2'    131.173 
LEU 'L-peptide linking' y LEUCINE                                            ?              'C6 H13 N O2'    131.173 
LYS 'L-peptide linking' y LYSINE                                             ?              'C6 H15 N2 O2 1' 147.195 
MET 'L-peptide linking' y METHIONINE                                         ?              'C5 H11 N O2 S'  149.211 
PHE 'L-peptide linking' y PHENYLALANINE                                      ?              'C9 H11 N O2'    165.189 
PRO 'L-peptide linking' y PROLINE                                            ?              'C5 H9 N O2'     115.130 
SER 'L-peptide linking' y SERINE                                             ?              'C3 H7 N O3'     105.093 
THR 'L-peptide linking' y THREONINE                                          ?              'C4 H9 N O3'     119.119 
TYR 'L-peptide linking' y TYROSINE                                           ?              'C9 H11 N O3'    181.189 
VAL 'L-peptide linking' y VALINE                                             ?              'C5 H11 N O2'    117.146 
# 
_exptl.crystals_number   1 
_exptl.entry_id          5QH4 
_exptl.method            'X-RAY DIFFRACTION' 
# 
_exptl_crystal.id                    1 
_exptl_crystal.pdbx_mosaicity        0.070 
_exptl_crystal.pdbx_mosaicity_esd    ? 
_exptl_crystal.density_Matthews      4.16 
_exptl_crystal.density_diffrn        ? 
_exptl_crystal.density_meas          ? 
_exptl_crystal.density_meas_temp     ? 
_exptl_crystal.density_percent_sol   70.41 
_exptl_crystal.size_max              ? 
_exptl_crystal.size_mid              ? 
_exptl_crystal.size_min              ? 
_exptl_crystal.size_rad              ? 
_exptl_crystal.description           ? 
_exptl_crystal.preparation           ? 
# 
_exptl_crystal_grow.crystal_id      1 
_exptl_crystal_grow.method          'VAPOR DIFFUSION, SITTING DROP' 
_exptl_crystal_grow.pH              5.5 
_exptl_crystal_grow.temp            293 
_exptl_crystal_grow.pdbx_details    '0.1M bis-tris pH 5.5 -- 0.1M ammonium acetate -- 5%(w/v) PEG10K' 
_exptl_crystal_grow.temp_details    ? 
_exptl_crystal_grow.pdbx_pH_range   ? 
# 
_diffrn.id                     1 
_diffrn.ambient_temp           100 
_diffrn.crystal_id             1 
_diffrn.ambient_temp_details   ? 
# 
_diffrn_detector.detector               PIXEL 
_diffrn_detector.type                   'DECTRIS PILATUS 6M' 
_diffrn_detector.pdbx_collection_date   2017-09-07 
_diffrn_detector.diffrn_id              1 
_diffrn_detector.details                ? 
# 
_diffrn_radiation.diffrn_id                        1 
_diffrn_radiation.wavelength_id                    1 
_diffrn_radiation.pdbx_diffrn_protocol             'SINGLE WAVELENGTH' 
_diffrn_radiation.pdbx_monochromatic_or_laue_m_l   ? 
_diffrn_radiation.monochromator                    ? 
_diffrn_radiation.pdbx_scattering_type             x-ray 
# 
_diffrn_radiation_wavelength.id           1 
_diffrn_radiation_wavelength.wavelength   0.91587 
_diffrn_radiation_wavelength.wt           1.0 
# 
_diffrn_source.diffrn_id                   1 
_diffrn_source.source                      SYNCHROTRON 
_diffrn_source.type                        'DIAMOND BEAMLINE I04-1' 
_diffrn_source.pdbx_wavelength_list        0.91587 
_diffrn_source.pdbx_synchrotron_site       Diamond 
_diffrn_source.pdbx_synchrotron_beamline   I04-1 
_diffrn_source.pdbx_wavelength             ? 
# 
_reflns.entry_id                     5QH4 
_reflns.pdbx_diffrn_id               1 
_reflns.pdbx_ordinal                 1 
_reflns.observed_criterion_sigma_I   ? 
_reflns.observed_criterion_sigma_F   ? 
_reflns.d_resolution_low             28.980 
_reflns.d_resolution_high            1.670 
_reflns.number_obs                   42885 
_reflns.number_all                   ? 
_reflns.percent_possible_obs         99.800 
_reflns.pdbx_Rmerge_I_obs            0.043 
_reflns.pdbx_Rsym_value              ? 
_reflns.pdbx_netI_over_sigmaI        29.300 
_reflns.B_iso_Wilson_estimate        ? 
_reflns.pdbx_redundancy              10.100 
_reflns.pdbx_Rrim_I_all              0.046 
_reflns.pdbx_Rpim_I_all              0.014 
_reflns.pdbx_CC_half                 1.000 
_reflns.pdbx_netI_over_av_sigmaI     ? 
_reflns.pdbx_number_measured_all     431624 
_reflns.pdbx_scaling_rejects         0 
_reflns.pdbx_chi_squared             ? 
_reflns.Rmerge_F_all                 ? 
_reflns.Rmerge_F_obs                 ? 
_reflns.observed_criterion_F_max     ? 
_reflns.observed_criterion_F_min     ? 
_reflns.observed_criterion_I_max     ? 
_reflns.observed_criterion_I_min     ? 
_reflns.pdbx_d_res_high_opt          ? 
_reflns.pdbx_d_res_low_opt           ? 
_reflns.details                      ? 
# 
loop_
_reflns_shell.pdbx_diffrn_id 
_reflns_shell.pdbx_ordinal 
_reflns_shell.d_res_high 
_reflns_shell.d_res_low 
_reflns_shell.number_measured_obs 
_reflns_shell.number_measured_all 
_reflns_shell.number_unique_obs 
_reflns_shell.pdbx_rejects 
_reflns_shell.Rmerge_I_obs 
_reflns_shell.meanI_over_sigI_obs 
_reflns_shell.pdbx_Rsym_value 
_reflns_shell.pdbx_chi_squared 
_reflns_shell.pdbx_redundancy 
_reflns_shell.percent_possible_obs 
_reflns_shell.pdbx_netI_over_sigmaI_obs 
_reflns_shell.number_possible 
_reflns_shell.number_unique_all 
_reflns_shell.Rmerge_F_all 
_reflns_shell.Rmerge_F_obs 
_reflns_shell.Rmerge_I_all 
_reflns_shell.meanI_over_sigI_all 
_reflns_shell.percent_possible_all 
_reflns_shell.pdbx_Rrim_I_all 
_reflns_shell.pdbx_Rpim_I_all 
_reflns_shell.pdbx_CC_half 
1 1 1.670 1.710  ? 28193 ? ? 0.828 ? ? ? 9.100 ? 2.700  ? 3099 ? ? ? ? 98.000 0.877 0.288 0.818 
1 2 7.460 28.980 ? 5094  ? ? 0.024 ? ? ? 9.700 ? 86.600 ? 524  ? ? ? ? 98.300 0.026 0.008 1.000 
# 
_refine.entry_id                                 5QH4 
_refine.pdbx_refine_id                           'X-RAY DIFFRACTION' 
_refine.ls_d_res_high                            1.6700 
_refine.ls_d_res_low                             107.9300 
_refine.pdbx_ls_sigma_F                          0.000 
_refine.pdbx_data_cutoff_high_absF               ? 
_refine.pdbx_data_cutoff_low_absF                ? 
_refine.ls_percent_reflns_obs                    99.7900 
_refine.ls_number_reflns_obs                     40796 
_refine.ls_number_reflns_all                     ? 
_refine.pdbx_ls_cross_valid_method               THROUGHOUT 
_refine.ls_matrix_type                           ? 
_refine.pdbx_R_Free_selection_details            RANDOM 
_refine.details                                  
'HYDROGENS HAVE BEEN ADDED IN THE RIDING POSITIONS U VALUES      : REFINED INDIVIDUALLY' 
_refine.ls_R_factor_all                          ? 
_refine.ls_R_factor_obs                          0.2019 
_refine.ls_R_factor_R_work                       0.2010 
_refine.ls_wR_factor_R_work                      ? 
_refine.ls_R_factor_R_free                       0.2184 
_refine.ls_wR_factor_R_free                      ? 
_refine.ls_percent_reflns_R_free                 4.9000 
_refine.ls_number_reflns_R_free                  2089 
_refine.ls_number_reflns_R_work                  ? 
_refine.ls_R_factor_R_free_error                 ? 
_refine.B_iso_mean                               29.5100 
_refine.solvent_model_param_bsol                 ? 
_refine.solvent_model_param_ksol                 ? 
_refine.pdbx_isotropic_thermal_model             ? 
_refine.aniso_B[1][1]                            0.0000 
_refine.aniso_B[2][2]                            0.0000 
_refine.aniso_B[3][3]                            -0.0100 
_refine.aniso_B[1][2]                            0.0000 
_refine.aniso_B[1][3]                            0.0000 
_refine.aniso_B[2][3]                            -0.0000 
_refine.correlation_coeff_Fo_to_Fc               0.9570 
_refine.correlation_coeff_Fo_to_Fc_free          0.9480 
_refine.overall_SU_R_Cruickshank_DPI             ? 
_refine.pdbx_overall_SU_R_free_Cruickshank_DPI   ? 
_refine.pdbx_overall_SU_R_Blow_DPI               ? 
_refine.pdbx_overall_SU_R_free_Blow_DPI          ? 
_refine.overall_SU_R_free                        ? 
_refine.pdbx_overall_ESU_R                       0.0760 
_refine.pdbx_overall_ESU_R_Free                  0.0750 
_refine.overall_SU_ML                            0.0530 
_refine.overall_SU_B                             1.5900 
_refine.solvent_model_details                    MASK 
_refine.pdbx_solvent_vdw_probe_radii             1.2000 
_refine.pdbx_solvent_ion_probe_radii             0.8000 
_refine.pdbx_solvent_shrinkage_radii             0.8000 
_refine.ls_number_parameters                     ? 
_refine.ls_number_restraints                     ? 
_refine.pdbx_starting_model                      5T3P 
_refine.pdbx_method_to_determine_struct          'FOURIER SYNTHESIS' 
_refine.pdbx_stereochemistry_target_values       'MAXIMUM LIKELIHOOD' 
_refine.pdbx_stereochem_target_val_spec_case     ? 
_refine.overall_FOM_work_R_set                   ? 
_refine.B_iso_max                                92.450 
_refine.B_iso_min                                15.570 
_refine.pdbx_overall_phase_error                 ? 
_refine.occupancy_max                            ? 
_refine.occupancy_min                            ? 
_refine.pdbx_diffrn_id                           1 
_refine.pdbx_TLS_residual_ADP_flag               ? 
_refine.pdbx_ls_sigma_I                          ? 
_refine.pdbx_data_cutoff_high_rms_absF           ? 
_refine.ls_R_factor_R_free_error_details         ? 
# 
_refine_hist.cycle_id                         final 
_refine_hist.pdbx_refine_id                   'X-RAY DIFFRACTION' 
_refine_hist.d_res_high                       1.6700 
_refine_hist.d_res_low                        107.9300 
_refine_hist.pdbx_number_atoms_ligand         33 
_refine_hist.number_atoms_solvent             159 
_refine_hist.number_atoms_total               1659 
_refine_hist.pdbx_number_residues_total       186 
_refine_hist.pdbx_B_iso_mean_ligand           45.03 
_refine_hist.pdbx_B_iso_mean_solvent          40.69 
_refine_hist.pdbx_number_atoms_protein        1467 
_refine_hist.pdbx_number_atoms_nucleic_acid   0 
# 
loop_
_refine_ls_restr.pdbx_refine_id 
_refine_ls_restr.type 
_refine_ls_restr.number 
_refine_ls_restr.dev_ideal 
_refine_ls_restr.dev_ideal_target 
_refine_ls_restr.weight 
_refine_ls_restr.pdbx_restraint_function 
'X-RAY DIFFRACTION' r_bond_refined_d       1550 0.009  0.019  ? ? 
'X-RAY DIFFRACTION' r_bond_other_d         1463 0.002  0.020  ? ? 
'X-RAY DIFFRACTION' r_angle_refined_deg    2105 1.421  1.992  ? ? 
'X-RAY DIFFRACTION' r_angle_other_deg      3393 0.895  2.990  ? ? 
'X-RAY DIFFRACTION' r_dihedral_angle_1_deg 188  5.749  5.000  ? ? 
'X-RAY DIFFRACTION' r_dihedral_angle_2_deg 67   32.676 24.179 ? ? 
'X-RAY DIFFRACTION' r_dihedral_angle_3_deg 254  13.205 15.000 ? ? 
'X-RAY DIFFRACTION' r_dihedral_angle_4_deg 8    16.425 15.000 ? ? 
'X-RAY DIFFRACTION' r_chiral_restr         239  0.086  0.200  ? ? 
'X-RAY DIFFRACTION' r_gen_planes_refined   1703 0.006  0.021  ? ? 
'X-RAY DIFFRACTION' r_gen_planes_other     297  0.002  0.020  ? ? 
'X-RAY DIFFRACTION' r_mcbond_it            754  1.741  2.664  ? ? 
'X-RAY DIFFRACTION' r_mcbond_other         751  1.715  2.653  ? ? 
'X-RAY DIFFRACTION' r_mcangle_it           940  2.800  3.960  ? ? 
# 
_refine_ls_shell.d_res_high                       1.6680 
_refine_ls_shell.d_res_low                        1.7110 
_refine_ls_shell.pdbx_total_number_of_bins_used   20 
_refine_ls_shell.percent_reflns_obs               97.7600 
_refine_ls_shell.number_reflns_R_work             2928 
_refine_ls_shell.R_factor_all                     ? 
_refine_ls_shell.R_factor_R_work                  0.3650 
_refine_ls_shell.R_factor_R_free                  0.3370 
_refine_ls_shell.percent_reflns_R_free            ? 
_refine_ls_shell.number_reflns_R_free             169 
_refine_ls_shell.R_factor_R_free_error            ? 
_refine_ls_shell.number_reflns_all                3097 
_refine_ls_shell.number_reflns_obs                ? 
_refine_ls_shell.pdbx_refine_id                   'X-RAY DIFFRACTION' 
# 
_struct.entry_id                  5QH4 
_struct.title                     
;PanDDA analysis group deposition of models with modelled events (e.g. bound ligands) -- Crystal Structure of NUDT7 in complex with NUOOA000220a
;
_struct.pdbx_model_details        ? 
_struct.pdbx_CASP_flag            ? 
_struct.pdbx_model_type_details   ? 
# 
_struct_keywords.entry_id        5QH4 
_struct_keywords.text            'PanDDA, SGC - Diamond I04-1 fragment screening, NUDIX domain, XChemExplorer, HYDROLASE' 
_struct_keywords.pdbx_keywords   HYDROLASE 
# 
loop_
_struct_asym.id 
_struct_asym.pdbx_blank_PDB_chainid_flag 
_struct_asym.pdbx_modified 
_struct_asym.entity_id 
_struct_asym.details 
A N N 1 ? 
B N N 2 ? 
C N N 2 ? 
D N N 3 ? 
E N N 3 ? 
F N N 4 ? 
G N N 5 ? 
# 
loop_
_struct_conf.conf_type_id 
_struct_conf.id 
_struct_conf.pdbx_PDB_helix_id 
_struct_conf.beg_label_comp_id 
_struct_conf.beg_label_asym_id 
_struct_conf.beg_label_seq_id 
_struct_conf.pdbx_beg_PDB_ins_code 
_struct_conf.end_label_comp_id 
_struct_conf.end_label_asym_id 
_struct_conf.end_label_seq_id 
_struct_conf.pdbx_end_PDB_ins_code 
_struct_conf.beg_auth_comp_id 
_struct_conf.beg_auth_asym_id 
_struct_conf.beg_auth_seq_id 
_struct_conf.end_auth_comp_id 
_struct_conf.end_auth_asym_id 
_struct_conf.end_auth_seq_id 
_struct_conf.pdbx_PDB_helix_class 
_struct_conf.details 
_struct_conf.pdbx_PDB_helix_length 
HELX_P HELX_P1 AA1 SER A 1   ? LYS A 12  ? SER A 15  LYS A 26  1 ? 12 
HELX_P HELX_P2 AA2 ASP A 71  ? GLY A 85  ? ASP A 85  GLY A 99  1 ? 15 
HELX_P HELX_P3 AA3 ARG A 87  ? HIS A 89  ? ARG A 101 HIS A 103 5 ? 3  
HELX_P HELX_P4 AA4 ALA A 137 ? HIS A 141 ? ALA A 151 HIS A 155 5 ? 5  
HELX_P HELX_P5 AA5 LYS A 176 ? GLU A 192 ? LYS A 190 GLU A 206 1 ? 17 
# 
_struct_conf_type.id          HELX_P 
_struct_conf_type.criteria    ? 
_struct_conf_type.reference   ? 
# 
loop_
_struct_conn.id 
_struct_conn.conn_type_id 
_struct_conn.pdbx_leaving_atom_flag 
_struct_conn.pdbx_PDB_id 
_struct_conn.ptnr1_label_asym_id 
_struct_conn.ptnr1_label_comp_id 
_struct_conn.ptnr1_label_seq_id 
_struct_conn.ptnr1_label_atom_id 
_struct_conn.pdbx_ptnr1_label_alt_id 
_struct_conn.pdbx_ptnr1_PDB_ins_code 
_struct_conn.pdbx_ptnr1_standard_comp_id 
_struct_conn.ptnr1_symmetry 
_struct_conn.ptnr2_label_asym_id 
_struct_conn.ptnr2_label_comp_id 
_struct_conn.ptnr2_label_seq_id 
_struct_conn.ptnr2_label_atom_id 
_struct_conn.pdbx_ptnr2_label_alt_id 
_struct_conn.pdbx_ptnr2_PDB_ins_code 
_struct_conn.ptnr1_auth_asym_id 
_struct_conn.ptnr1_auth_comp_id 
_struct_conn.ptnr1_auth_seq_id 
_struct_conn.ptnr2_auth_asym_id 
_struct_conn.ptnr2_auth_comp_id 
_struct_conn.ptnr2_auth_seq_id 
_struct_conn.ptnr2_symmetry 
_struct_conn.pdbx_ptnr3_label_atom_id 
_struct_conn.pdbx_ptnr3_label_seq_id 
_struct_conn.pdbx_ptnr3_label_comp_id 
_struct_conn.pdbx_ptnr3_label_asym_id 
_struct_conn.pdbx_ptnr3_label_alt_id 
_struct_conn.pdbx_ptnr3_PDB_ins_code 
_struct_conn.details 
_struct_conn.pdbx_dist_value 
_struct_conn.pdbx_value_order 
_struct_conn.pdbx_role 
covale1 covale both ? A ARG 87 C ? ? ? 1_555 A HYP 88 N ? ? A ARG 101 A HYP 102 1_555 ? ? ? ? ? ? ? 1.350 ? ? 
covale2 covale both ? A HYP 88 C ? ? ? 1_555 A HIS 89 N ? ? A HYP 102 A HIS 103 1_555 ? ? ? ? ? ? ? 1.334 ? ? 
covale3 covale both ? A VAL 94 C ? ? ? 1_555 A CSO 95 N ? ? A VAL 108 A CSO 109 1_555 ? ? ? ? ? ? ? 1.329 ? ? 
covale4 covale both ? A CSO 95 C ? ? ? 1_555 A CYS 96 N ? ? A CSO 109 A CYS 110 1_555 ? ? ? ? ? ? ? 1.326 ? ? 
# 
_struct_conn_type.id          covale 
_struct_conn_type.criteria    ? 
_struct_conn_type.reference   ? 
# 
loop_
_struct_sheet.id 
_struct_sheet.type 
_struct_sheet.number_strands 
_struct_sheet.details 
AA1 ? 4 ? 
AA2 ? 4 ? 
AA3 ? 3 ? 
AA4 ? 3 ? 
# 
loop_
_struct_sheet_order.sheet_id 
_struct_sheet_order.range_id_1 
_struct_sheet_order.range_id_2 
_struct_sheet_order.offset 
_struct_sheet_order.sense 
AA1 1 2 ? anti-parallel 
AA1 2 3 ? parallel      
AA1 3 4 ? anti-parallel 
AA2 1 2 ? anti-parallel 
AA2 2 3 ? parallel      
AA2 3 4 ? anti-parallel 
AA3 1 2 ? anti-parallel 
AA3 2 3 ? anti-parallel 
AA4 1 2 ? anti-parallel 
AA4 2 3 ? anti-parallel 
# 
loop_
_struct_sheet_range.sheet_id 
_struct_sheet_range.id 
_struct_sheet_range.beg_label_comp_id 
_struct_sheet_range.beg_label_asym_id 
_struct_sheet_range.beg_label_seq_id 
_struct_sheet_range.pdbx_beg_PDB_ins_code 
_struct_sheet_range.end_label_comp_id 
_struct_sheet_range.end_label_asym_id 
_struct_sheet_range.end_label_seq_id 
_struct_sheet_range.pdbx_end_PDB_ins_code 
_struct_sheet_range.beg_auth_comp_id 
_struct_sheet_range.beg_auth_asym_id 
_struct_sheet_range.beg_auth_seq_id 
_struct_sheet_range.end_auth_comp_id 
_struct_sheet_range.end_auth_asym_id 
_struct_sheet_range.end_auth_seq_id 
AA1 1 VAL A 91  ? CYS A 96  ? VAL A 105 CYS A 110 
AA1 2 THR A 106 ? ILE A 115 ? THR A 120 ILE A 129 
AA1 3 ASN A 25  ? LYS A 36  ? ASN A 39  LYS A 50  
AA1 4 LYS A 39  ? ARG A 47  ? LYS A 53  ARG A 61  
AA2 1 CYS A 100 ? ILE A 102 ? CYS A 114 ILE A 116 
AA2 2 THR A 106 ? ILE A 115 ? THR A 120 ILE A 129 
AA2 3 ASN A 25  ? LYS A 36  ? ASN A 39  LYS A 50  
AA2 4 GLY A 62  ? LYS A 64  ? GLY A 76  LYS A 78  
AA3 1 VAL A 128 ? PRO A 135 ? VAL A 142 PRO A 149 
AA3 2 LYS A 39  ? ARG A 47  ? LYS A 53  ARG A 61  
AA3 3 VAL A 58  ? CYS A 59  ? VAL A 72  CYS A 73  
AA4 1 VAL A 144 ? ASP A 146 ? VAL A 158 ASP A 160 
AA4 2 HIS A 160 ? THR A 165 ? HIS A 174 THR A 179 
AA4 3 THR A 172 ? ILE A 175 ? THR A 186 ILE A 189 
# 
loop_
_pdbx_struct_sheet_hbond.sheet_id 
_pdbx_struct_sheet_hbond.range_id_1 
_pdbx_struct_sheet_hbond.range_id_2 
_pdbx_struct_sheet_hbond.range_1_label_atom_id 
_pdbx_struct_sheet_hbond.range_1_label_comp_id 
_pdbx_struct_sheet_hbond.range_1_label_asym_id 
_pdbx_struct_sheet_hbond.range_1_label_seq_id 
_pdbx_struct_sheet_hbond.range_1_PDB_ins_code 
_pdbx_struct_sheet_hbond.range_1_auth_atom_id 
_pdbx_struct_sheet_hbond.range_1_auth_comp_id 
_pdbx_struct_sheet_hbond.range_1_auth_asym_id 
_pdbx_struct_sheet_hbond.range_1_auth_seq_id 
_pdbx_struct_sheet_hbond.range_2_label_atom_id 
_pdbx_struct_sheet_hbond.range_2_label_comp_id 
_pdbx_struct_sheet_hbond.range_2_label_asym_id 
_pdbx_struct_sheet_hbond.range_2_label_seq_id 
_pdbx_struct_sheet_hbond.range_2_PDB_ins_code 
_pdbx_struct_sheet_hbond.range_2_auth_atom_id 
_pdbx_struct_sheet_hbond.range_2_auth_comp_id 
_pdbx_struct_sheet_hbond.range_2_auth_asym_id 
_pdbx_struct_sheet_hbond.range_2_auth_seq_id 
AA1 1 2 N VAL A 94  ? N VAL A 108 O VAL A 112 ? O VAL A 126 
AA1 2 3 O GLY A 113 ? O GLY A 127 N LEU A 33  ? N LEU A 47  
AA1 3 4 N VAL A 34  ? N VAL A 48  O HIS A 41  ? O HIS A 55  
AA2 1 2 N CYS A 100 ? N CYS A 114 O ILE A 108 ? O ILE A 122 
AA2 2 3 O GLY A 113 ? O GLY A 127 N LEU A 33  ? N LEU A 47  
AA2 3 4 N SER A 28  ? N SER A 42  O GLY A 63  ? O GLY A 77  
AA3 1 2 O PHE A 132 ? O PHE A 146 N PHE A 44  ? N PHE A 58  
AA3 2 3 N THR A 45  ? N THR A 59  O CYS A 59  ? O CYS A 73  
AA4 1 2 N HIS A 145 ? N HIS A 159 O ILE A 161 ? O ILE A 175 
AA4 2 3 N TYR A 164 ? N TYR A 178 O TYR A 173 ? O TYR A 187 
# 
loop_
_struct_site.id 
_struct_site.pdbx_evidence_code 
_struct_site.pdbx_auth_asym_id 
_struct_site.pdbx_auth_comp_id 
_struct_site.pdbx_auth_seq_id 
_struct_site.pdbx_auth_ins_code 
_struct_site.pdbx_num_residues 
_struct_site.details 
AC1 Software A ACT 301 ? 4  'binding site for residue ACT A 301' 
AC2 Software A ACT 302 ? 2  'binding site for residue ACT A 302' 
AC3 Software A DMS 303 ? 6  'binding site for residue DMS A 303' 
AC4 Software A DMS 304 ? 5  'binding site for residue DMS A 304' 
AC5 Software A H47 305 ? 15 'binding site for residue H47 A 305' 
# 
loop_
_struct_site_gen.id 
_struct_site_gen.site_id 
_struct_site_gen.pdbx_num_res 
_struct_site_gen.label_comp_id 
_struct_site_gen.label_asym_id 
_struct_site_gen.label_seq_id 
_struct_site_gen.pdbx_auth_ins_code 
_struct_site_gen.auth_comp_id 
_struct_site_gen.auth_asym_id 
_struct_site_gen.auth_seq_id 
_struct_site_gen.label_atom_id 
_struct_site_gen.label_alt_id 
_struct_site_gen.symmetry 
_struct_site_gen.details 
1  AC1 4  GLY A 56  ? GLY A 70  . ? 1_555 ? 
2  AC1 4  TYR A 173 ? TYR A 187 . ? 1_555 ? 
3  AC1 4  GLN A 174 ? GLN A 188 . ? 1_555 ? 
4  AC1 4  HOH G .   ? HOH A 471 . ? 1_555 ? 
5  AC2 2  HYP A 88  ? HYP A 102 . ? 1_555 ? 
6  AC2 2  VAL A 91  ? VAL A 105 . ? 1_555 ? 
7  AC3 6  GLY A 85  ? GLY A 99  . ? 1_555 ? 
8  AC3 6  ARG A 87  ? ARG A 101 . ? 1_555 ? 
9  AC3 6  GLN A 90  ? GLN A 104 . ? 1_555 ? 
10 AC3 6  PHE A 119 ? PHE A 133 . ? 1_555 ? 
11 AC3 6  GLN A 120 ? GLN A 134 . ? 1_555 ? 
12 AC3 6  GLN A 122 ? GLN A 136 . ? 1_555 ? 
13 AC4 5  ASP A 116 ? ASP A 130 . ? 1_555 ? 
14 AC4 5  HIS A 117 ? HIS A 131 . ? 1_555 ? 
15 AC4 5  ASP A 130 ? ASP A 144 . ? 2_545 ? 
16 AC4 5  TYR A 173 ? TYR A 187 . ? 2_545 ? 
17 AC4 5  HOH G .   ? HOH A 430 . ? 2_545 ? 
18 AC5 15 VAL A 29  ? VAL A 43  . ? 1_555 ? 
19 AC5 15 THR A 45  ? THR A 59  . ? 1_555 ? 
20 AC5 15 ARG A 47  ? ARG A 61  . ? 1_555 ? 
21 AC5 15 ARG A 53  ? ARG A 67  . ? 1_555 ? 
22 AC5 15 CYS A 59  ? CYS A 73  . ? 1_555 ? 
23 AC5 15 PHE A 60  ? PHE A 74  . ? 1_555 ? 
24 AC5 15 GLY A 62  ? GLY A 76  . ? 1_555 ? 
25 AC5 15 GLY A 63  ? GLY A 77  . ? 1_555 ? 
26 AC5 15 GLU A 83  ? GLU A 97  . ? 1_555 ? 
27 AC5 15 GLU A 127 ? GLU A 141 . ? 1_555 ? 
28 AC5 15 VAL A 128 ? VAL A 142 . ? 1_555 ? 
29 AC5 15 MET A 178 ? MET A 192 . ? 1_555 ? 
30 AC5 15 THR A 179 ? THR A 193 . ? 1_555 ? 
31 AC5 15 HOH G .   ? HOH A 418 . ? 1_555 ? 
32 AC5 15 HOH G .   ? HOH A 514 . ? 1_555 ? 
# 
_atom_sites.entry_id                    5QH4 
_atom_sites.fract_transf_matrix[1][1]   -0.00282278 
_atom_sites.fract_transf_matrix[1][2]   0.00877776 
_atom_sites.fract_transf_matrix[1][3]   -0.00091221 
_atom_sites.fract_transf_matrix[2][1]   0.00059733 
_atom_sites.fract_transf_matrix[2][2]   0.00582816 
_atom_sites.fract_transf_matrix[2][3]   0.00717746 
_atom_sites.fract_transf_matrix[3][1]   0.02232458 
_atom_sites.fract_transf_matrix[3][2]   0.00644246 
_atom_sites.fract_transf_matrix[3][3]   -0.00708927 
_atom_sites.fract_transf_vector[1]      0.135737 
_atom_sites.fract_transf_vector[2]      -0.434622 
_atom_sites.fract_transf_vector[3]      1.980237 
# 
loop_
_atom_type.symbol 
C 
N 
O 
S 
# 
loop_
_atom_site.group_PDB 
_atom_site.id 
_atom_site.type_symbol 
_atom_site.label_atom_id 
_atom_site.label_alt_id 
_atom_site.label_comp_id 
_atom_site.label_asym_id 
_atom_site.label_entity_id 
_atom_site.label_seq_id 
_atom_site.pdbx_PDB_ins_code 
_atom_site.Cartn_x 
_atom_site.Cartn_y 
_atom_site.Cartn_z 
_atom_site.occupancy 
_atom_site.B_iso_or_equiv 
_atom_site.pdbx_formal_charge 
_atom_site.auth_seq_id 
_atom_site.auth_comp_id 
_atom_site.auth_asym_id 
_atom_site.auth_atom_id 
_atom_site.pdbx_PDB_model_num 
ATOM   1    N N   . SER A 1 1   ? 4.599   7.109   -21.645 1.00 39.95 ? 15  SER A N   1 
ATOM   2    C CA  . SER A 1 1   ? 4.424   8.051   -20.498 1.00 37.48 ? 15  SER A CA  1 
ATOM   3    C C   . SER A 1 1   ? 4.797   7.368   -19.177 1.00 35.57 ? 15  SER A C   1 
ATOM   4    O O   . SER A 1 1   ? 4.906   6.136   -19.123 1.00 38.33 ? 15  SER A O   1 
ATOM   5    C CB  . SER A 1 1   ? 2.984   8.574   -20.460 1.00 37.31 ? 15  SER A CB  1 
ATOM   6    O OG  . SER A 1 1   ? 2.052   7.593   -19.997 1.00 36.25 ? 15  SER A OG  1 
ATOM   7    N N   . MET A 1 2   ? 4.999   8.172   -18.131 1.00 34.30 ? 16  MET A N   1 
ATOM   8    C CA  . MET A 1 2   ? 5.373   7.671   -16.802 1.00 34.38 ? 16  MET A CA  1 
ATOM   9    C C   . MET A 1 2   ? 4.345   6.660   -16.290 1.00 35.27 ? 16  MET A C   1 
ATOM   10   O O   . MET A 1 2   ? 4.717   5.602   -15.764 1.00 32.54 ? 16  MET A O   1 
ATOM   11   C CB  . MET A 1 2   ? 5.525   8.817   -15.794 1.00 35.04 ? 16  MET A CB  1 
ATOM   12   C CG  . MET A 1 2   ? 5.699   8.390   -14.340 1.00 35.74 ? 16  MET A CG  1 
ATOM   13   S SD  . MET A 1 2   ? 6.228   9.734   -13.254 1.00 39.16 ? 16  MET A SD  1 
ATOM   14   C CE  . MET A 1 2   ? 4.710   10.633  -12.989 1.00 37.64 ? 16  MET A CE  1 
ATOM   15   N N   . LEU A 1 3   ? 3.063   6.980   -16.455 1.00 34.37 ? 17  LEU A N   1 
ATOM   16   C CA  . LEU A 1 3   ? 2.008   6.121   -15.920 1.00 34.12 ? 17  LEU A CA  1 
ATOM   17   C C   . LEU A 1 3   ? 1.804   4.860   -16.748 1.00 34.46 ? 17  LEU A C   1 
ATOM   18   O O   . LEU A 1 3   ? 1.574   3.786   -16.180 1.00 35.35 ? 17  LEU A O   1 
ATOM   19   C CB  . LEU A 1 3   ? 0.695   6.892   -15.760 1.00 34.56 ? 17  LEU A CB  1 
ATOM   20   C CG  . LEU A 1 3   ? 0.723   7.972   -14.678 1.00 36.07 ? 17  LEU A CG  1 
ATOM   21   C CD1 . LEU A 1 3   ? -0.581  8.759   -14.670 1.00 35.08 ? 17  LEU A CD1 1 
ATOM   22   C CD2 . LEU A 1 3   ? 1.003   7.379   -13.300 1.00 37.64 ? 17  LEU A CD2 1 
ATOM   23   N N   . ASP A 1 4   ? 1.885   4.978   -18.075 1.00 33.93 ? 18  ASP A N   1 
ATOM   24   C CA  . ASP A 1 4   ? 1.792   3.815   -18.953 1.00 35.31 ? 18  ASP A CA  1 
ATOM   25   C C   . ASP A 1 4   ? 2.968   2.854   -18.730 1.00 33.19 ? 18  ASP A C   1 
ATOM   26   O O   . ASP A 1 4   ? 2.790   1.640   -18.760 1.00 30.78 ? 18  ASP A O   1 
ATOM   27   C CB  . ASP A 1 4   ? 1.717   4.237   -20.428 1.00 38.72 ? 18  ASP A CB  1 
ATOM   28   C CG  . ASP A 1 4   ? 0.347   4.814   -20.814 1.00 43.14 ? 18  ASP A CG  1 
ATOM   29   O OD1 . ASP A 1 4   ? -0.549  4.959   -19.943 1.00 44.71 ? 18  ASP A OD1 1 
ATOM   30   O OD2 . ASP A 1 4   ? 0.165   5.124   -22.009 1.00 46.47 ? 18  ASP A OD2 1 
ATOM   31   N N   . ASP A 1 5   ? 4.152   3.415   -18.509 1.00 30.77 ? 19  ASP A N   1 
ATOM   32   C CA  . ASP A 1 5   ? 5.343   2.640   -18.214 1.00 30.96 ? 19  ASP A CA  1 
ATOM   33   C C   . ASP A 1 5   ? 5.194   1.890   -16.870 1.00 28.29 ? 19  ASP A C   1 
ATOM   34   O O   . ASP A 1 5   ? 5.532   0.703   -16.785 1.00 27.36 ? 19  ASP A O   1 
ATOM   35   C CB  . ASP A 1 5   ? 6.586   3.545   -18.180 1.00 33.97 ? 19  ASP A CB  1 
ATOM   36   C CG  . ASP A 1 5   ? 7.044   4.010   -19.569 1.00 37.31 ? 19  ASP A CG  1 
ATOM   37   O OD1 . ASP A 1 5   ? 6.544   3.522   -20.609 1.00 39.42 ? 19  ASP A OD1 1 
ATOM   38   O OD2 . ASP A 1 5   ? 7.933   4.894   -19.609 1.00 42.49 ? 19  ASP A OD2 1 
ATOM   39   N N   . ALA A 1 6   ? 4.685   2.569   -15.844 1.00 25.30 ? 20  ALA A N   1 
ATOM   40   C CA  . ALA A 1 6   ? 4.480   1.930   -14.528 1.00 25.74 ? 20  ALA A CA  1 
ATOM   41   C C   . ALA A 1 6   ? 3.491   0.761   -14.587 1.00 25.08 ? 20  ALA A C   1 
ATOM   42   O O   . ALA A 1 6   ? 3.755   -0.336  -14.056 1.00 21.90 ? 20  ALA A O   1 
ATOM   43   C CB  . ALA A 1 6   ? 4.015   2.943   -13.505 1.00 26.84 ? 20  ALA A CB  1 
ATOM   44   N N   . LYS A 1 7   ? 2.353   0.987   -15.247 1.00 24.19 ? 21  LYS A N   1 
ATOM   45   C CA  . LYS A 1 7   ? 1.350   -0.057  -15.414 1.00 26.15 ? 21  LYS A CA  1 
ATOM   46   C C   . LYS A 1 7   ? 1.895   -1.256  -16.196 1.00 24.68 ? 21  LYS A C   1 
ATOM   47   O O   . LYS A 1 7   ? 1.664   -2.400  -15.816 1.00 24.86 ? 21  LYS A O   1 
ATOM   48   C CB  . LYS A 1 7   ? 0.111   0.485   -16.125 1.00 28.35 ? 21  LYS A CB  1 
ATOM   49   C CG  . LYS A 1 7   ? -0.659  1.495   -15.315 1.00 31.86 ? 21  LYS A CG  1 
ATOM   50   C CD  . LYS A 1 7   ? -2.015  1.829   -15.950 1.00 35.79 ? 21  LYS A CD  1 
ATOM   51   C CE  . LYS A 1 7   ? -2.042  3.177   -16.660 1.00 39.39 ? 21  LYS A CE  1 
ATOM   52   N NZ  . LYS A 1 7   ? -3.457  3.546   -16.979 1.00 42.46 ? 21  LYS A NZ  1 
ATOM   53   N N   . ALA A 1 8   ? 2.626   -0.991  -17.278 1.00 24.60 ? 22  ALA A N   1 
ATOM   54   C CA  . ALA A 1 8   ? 3.228   -2.063  -18.074 1.00 25.12 ? 22  ALA A CA  1 
ATOM   55   C C   . ALA A 1 8   ? 4.199   -2.918  -17.226 1.00 24.40 ? 22  ALA A C   1 
ATOM   56   O O   . ALA A 1 8   ? 4.186   -4.165  -17.314 1.00 25.01 ? 22  ALA A O   1 
ATOM   57   C CB  . ALA A 1 8   ? 3.928   -1.494  -19.301 1.00 26.18 ? 22  ALA A CB  1 
ATOM   58   N N   . ARG A 1 9   ? 4.994   -2.253  -16.378 1.00 21.80 ? 23  ARG A N   1 
ATOM   59   C CA  . ARG A 1 9   ? 5.922   -2.954  -15.482 1.00 21.74 ? 23  ARG A CA  1 
ATOM   60   C C   . ARG A 1 9   ? 5.151   -3.814  -14.485 1.00 21.53 ? 23  ARG A C   1 
ATOM   61   O O   . ARG A 1 9   ? 5.461   -4.989  -14.295 1.00 21.18 ? 23  ARG A O   1 
ATOM   62   C CB  . ARG A 1 9   ? 6.820   -1.982  -14.712 1.00 23.69 ? 23  ARG A CB  1 
ATOM   63   C CG  . ARG A 1 9   ? 7.932   -1.335  -15.531 1.00 26.15 ? 23  ARG A CG  1 
ATOM   64   C CD  . ARG A 1 9   ? 9.031   -2.319  -15.857 1.00 27.87 ? 23  ARG A CD  1 
ATOM   65   N NE  . ARG A 1 9   ? 10.192  -1.662  -16.486 1.00 29.75 ? 23  ARG A NE  1 
ATOM   66   C CZ  . ARG A 1 9   ? 11.193  -1.045  -15.843 1.00 30.18 ? 23  ARG A CZ  1 
ATOM   67   N NH1 . ARG A 1 9   ? 11.239  -0.953  -14.509 1.00 25.86 ? 23  ARG A NH1 1 
ATOM   68   N NH2 . ARG A 1 9   ? 12.197  -0.513  -16.561 1.00 30.83 ? 23  ARG A NH2 1 
ATOM   69   N N   . LEU A 1 10  ? 4.169   -3.200  -13.830 1.00 19.09 ? 24  LEU A N   1 
ATOM   70   C CA  . LEU A 1 10  ? 3.383   -3.871  -12.807 1.00 19.91 ? 24  LEU A CA  1 
ATOM   71   C C   . LEU A 1 10  ? 2.670   -5.120  -13.323 1.00 20.98 ? 24  LEU A C   1 
ATOM   72   O O   . LEU A 1 10  ? 2.632   -6.141  -12.619 1.00 22.22 ? 24  LEU A O   1 
ATOM   73   C CB  . LEU A 1 10  ? 2.369   -2.905  -12.191 1.00 20.00 ? 24  LEU A CB  1 
ATOM   74   C CG  . LEU A 1 10  ? 2.933   -1.814  -11.276 1.00 20.59 ? 24  LEU A CG  1 
ATOM   75   C CD1 . LEU A 1 10  ? 1.936   -0.665  -11.132 1.00 21.04 ? 24  LEU A CD1 1 
ATOM   76   C CD2 . LEU A 1 10  ? 3.297   -2.378  -9.919  1.00 21.06 ? 24  LEU A CD2 1 
ATOM   77   N N   . ARG A 1 11  ? 2.121   -5.050  -14.534 1.00 20.98 ? 25  ARG A N   1 
ATOM   78   C CA  . ARG A 1 11  ? 1.356   -6.172  -15.084 1.00 24.05 ? 25  ARG A CA  1 
ATOM   79   C C   . ARG A 1 11  ? 2.208   -7.448  -15.242 1.00 24.05 ? 25  ARG A C   1 
ATOM   80   O O   . ARG A 1 11  ? 1.674   -8.554  -15.158 1.00 24.46 ? 25  ARG A O   1 
ATOM   81   C CB  . ARG A 1 11  ? 0.672   -5.787  -16.399 1.00 26.94 ? 25  ARG A CB  1 
ATOM   82   C CG  . ARG A 1 11  ? -0.497  -4.835  -16.206 1.00 31.03 ? 25  ARG A CG  1 
ATOM   83   C CD  . ARG A 1 11  ? -1.132  -4.450  -17.534 1.00 35.79 ? 25  ARG A CD  1 
ATOM   84   N NE  . ARG A 1 11  ? -2.036  -3.301  -17.402 1.00 39.41 ? 25  ARG A NE  1 
ATOM   85   C CZ  . ARG A 1 11  ? -1.966  -2.157  -18.097 1.00 42.37 ? 25  ARG A CZ  1 
ATOM   86   N NH1 . ARG A 1 11  ? -1.029  -1.946  -19.036 1.00 42.81 ? 25  ARG A NH1 1 
ATOM   87   N NH2 . ARG A 1 11  ? -2.867  -1.202  -17.854 1.00 42.39 ? 25  ARG A NH2 1 
ATOM   88   N N   . LYS A 1 12  ? 3.519   -7.291  -15.438 1.00 24.91 ? 26  LYS A N   1 
ATOM   89   C CA  . LYS A 1 12  ? 4.434   -8.430  -15.541 1.00 26.26 ? 26  LYS A CA  1 
ATOM   90   C C   . LYS A 1 12  ? 4.589   -9.249  -14.244 1.00 25.29 ? 26  LYS A C   1 
ATOM   91   O O   . LYS A 1 12  ? 5.055   -10.388 -14.303 1.00 26.52 ? 26  LYS A O   1 
ATOM   92   C CB  . LYS A 1 12  ? 5.811   -7.973  -16.038 1.00 28.89 ? 26  LYS A CB  1 
ATOM   93   C CG  . LYS A 1 12  ? 5.789   -7.407  -17.454 1.00 32.10 ? 26  LYS A CG  1 
ATOM   94   C CD  . LYS A 1 12  ? 7.188   -7.083  -17.956 1.00 36.16 ? 26  LYS A CD  1 
ATOM   95   C CE  . LYS A 1 12  ? 7.159   -6.371  -19.303 1.00 40.84 ? 26  LYS A CE  1 
ATOM   96   N NZ  . LYS A 1 12  ? 7.004   -7.326  -20.435 1.00 45.95 ? 26  LYS A NZ  1 
ATOM   97   N N   . TYR A 1 13  ? 4.212   -8.678  -13.090 1.00 22.06 ? 27  TYR A N   1 
ATOM   98   C CA  . TYR A 1 13  ? 4.314   -9.320  -11.792 1.00 21.14 ? 27  TYR A CA  1 
ATOM   99   C C   . TYR A 1 13  ? 2.949   -9.748  -11.231 1.00 20.78 ? 27  TYR A C   1 
ATOM   100  O O   . TYR A 1 13  ? 2.886   -10.249 -10.116 1.00 21.58 ? 27  TYR A O   1 
ATOM   101  C CB  . TYR A 1 13  ? 5.039   -8.403  -10.808 1.00 20.85 ? 27  TYR A CB  1 
ATOM   102  C CG  . TYR A 1 13  ? 6.438   -8.063  -11.260 1.00 20.71 ? 27  TYR A CG  1 
ATOM   103  C CD1 . TYR A 1 13  ? 6.645   -7.018  -12.156 1.00 21.19 ? 27  TYR A CD1 1 
ATOM   104  C CD2 . TYR A 1 13  ? 7.537   -8.785  -10.821 1.00 22.14 ? 27  TYR A CD2 1 
ATOM   105  C CE1 . TYR A 1 13  ? 7.909   -6.693  -12.603 1.00 22.81 ? 27  TYR A CE1 1 
ATOM   106  C CE2 . TYR A 1 13  ? 8.827   -8.467  -11.268 1.00 22.93 ? 27  TYR A CE2 1 
ATOM   107  C CZ  . TYR A 1 13  ? 8.994   -7.409  -12.160 1.00 23.41 ? 27  TYR A CZ  1 
ATOM   108  O OH  . TYR A 1 13  ? 10.255  -7.058  -12.617 1.00 25.32 ? 27  TYR A OH  1 
ATOM   109  N N   . ASP A 1 14  ? 1.890   -9.571  -12.018 1.00 22.39 ? 28  ASP A N   1 
ATOM   110  C CA  . ASP A 1 14  ? 0.504   -9.878  -11.616 1.00 24.80 ? 28  ASP A CA  1 
ATOM   111  C C   . ASP A 1 14  ? 0.384   -11.391 -11.449 1.00 27.85 ? 28  ASP A C   1 
ATOM   112  O O   . ASP A 1 14  ? 0.700   -12.146 -12.367 1.00 30.19 ? 28  ASP A O   1 
ATOM   113  C CB  . ASP A 1 14  ? -0.461  -9.371  -12.691 1.00 25.95 ? 28  ASP A CB  1 
ATOM   114  C CG  . ASP A 1 14  ? -1.930  -9.315  -12.247 1.00 28.85 ? 28  ASP A CG  1 
ATOM   115  O OD1 . ASP A 1 14  ? -2.256  -9.428  -11.061 1.00 27.74 ? 28  ASP A OD1 1 
ATOM   116  O OD2 . ASP A 1 14  ? -2.770  -9.072  -13.137 1.00 36.23 ? 28  ASP A OD2 1 
ATOM   117  N N   . ILE A 1 15  ? 0.014   -11.821 -10.252 1.00 28.83 ? 29  ILE A N   1 
ATOM   118  C CA  . ILE A 1 15  ? -0.277  -13.233 -10.023 1.00 35.22 ? 29  ILE A CA  1 
ATOM   119  C C   . ILE A 1 15  ? -1.756  -13.535 -10.317 1.00 35.32 ? 29  ILE A C   1 
ATOM   120  O O   . ILE A 1 15  ? -2.127  -14.690 -10.466 1.00 40.73 ? 29  ILE A O   1 
ATOM   121  C CB  . ILE A 1 15  ? 0.158   -13.686 -8.612  1.00 38.07 ? 29  ILE A CB  1 
ATOM   122  C CG1 . ILE A 1 15  ? -0.742  -13.126 -7.513  1.00 39.39 ? 29  ILE A CG1 1 
ATOM   123  C CG2 . ILE A 1 15  ? 1.624   -13.310 -8.349  1.00 40.85 ? 29  ILE A CG2 1 
ATOM   124  C CD1 . ILE A 1 15  ? -1.015  -14.149 -6.434  1.00 41.97 ? 29  ILE A CD1 1 
ATOM   125  N N   . GLY A 1 16  ? -2.595  -12.494 -10.390 1.00 37.06 ? 30  GLY A N   1 
ATOM   126  C CA  . GLY A 1 16  ? -4.039  -12.660 -10.596 1.00 36.77 ? 30  GLY A CA  1 
ATOM   127  C C   . GLY A 1 16  ? -4.706  -13.370 -9.426  1.00 36.17 ? 30  GLY A C   1 
ATOM   128  O O   . GLY A 1 16  ? -4.305  -13.183 -8.272  1.00 37.05 ? 30  GLY A O   1 
ATOM   129  N N   . GLY A 1 17  ? -5.702  -14.206 -9.735  1.00 37.69 ? 31  GLY A N   1 
ATOM   130  C CA  . GLY A 1 17  ? -6.508  -14.906 -8.721  1.00 34.65 ? 31  GLY A CA  1 
ATOM   131  C C   . GLY A 1 17  ? -6.012  -16.292 -8.332  1.00 33.95 ? 31  GLY A C   1 
ATOM   132  O O   . GLY A 1 17  ? -6.730  -17.046 -7.679  1.00 30.16 ? 31  GLY A O   1 
ATOM   133  N N   . LYS A 1 18  ? -4.764  -16.588 -8.694  1.00 36.88 ? 32  LYS A N   1 
ATOM   134  C CA  . LYS A 1 18  ? -4.141  -17.900 -8.521  1.00 35.53 ? 32  LYS A CA  1 
ATOM   135  C C   . LYS A 1 18  ? -4.282  -18.448 -7.074  1.00 33.12 ? 32  LYS A C   1 
ATOM   136  O O   . LYS A 1 18  ? -4.695  -19.579 -6.889  1.00 35.43 ? 32  LYS A O   1 
ATOM   137  C CB  . LYS A 1 18  ? -2.668  -17.795 -8.992  1.00 36.95 ? 32  LYS A CB  1 
ATOM   138  C CG  . LYS A 1 18  ? -1.923  -19.103 -9.184  1.00 39.93 ? 32  LYS A CG  1 
ATOM   139  C CD  . LYS A 1 18  ? -0.632  -18.915 -9.975  1.00 39.32 ? 32  LYS A CD  1 
ATOM   140  C CE  . LYS A 1 18  ? -0.882  -18.807 -11.471 1.00 41.49 ? 32  LYS A CE  1 
ATOM   141  N NZ  . LYS A 1 18  ? 0.385   -18.707 -12.250 1.00 42.92 ? 32  LYS A NZ  1 
ATOM   142  N N   . TYR A 1 19  ? -4.023  -17.611 -6.074  1.00 29.06 ? 33  TYR A N   1 
ATOM   143  C CA  . TYR A 1 19  ? -4.064  -17.992 -4.655  1.00 25.69 ? 33  TYR A CA  1 
ATOM   144  C C   . TYR A 1 19  ? -5.357  -17.575 -3.916  1.00 25.36 ? 33  TYR A C   1 
ATOM   145  O O   . TYR A 1 19  ? -5.502  -17.830 -2.712  1.00 25.06 ? 33  TYR A O   1 
ATOM   146  C CB  . TYR A 1 19  ? -2.841  -17.388 -3.941  1.00 24.71 ? 33  TYR A CB  1 
ATOM   147  C CG  . TYR A 1 19  ? -1.541  -18.089 -4.305  1.00 23.58 ? 33  TYR A CG  1 
ATOM   148  C CD1 . TYR A 1 19  ? -0.974  -17.943 -5.567  1.00 23.69 ? 33  TYR A CD1 1 
ATOM   149  C CD2 . TYR A 1 19  ? -0.903  -18.920 -3.396  1.00 22.66 ? 33  TYR A CD2 1 
ATOM   150  C CE1 . TYR A 1 19  ? 0.204   -18.610 -5.920  1.00 23.15 ? 33  TYR A CE1 1 
ATOM   151  C CE2 . TYR A 1 19  ? 0.279   -19.569 -3.727  1.00 22.89 ? 33  TYR A CE2 1 
ATOM   152  C CZ  . TYR A 1 19  ? 0.822   -19.424 -4.983  1.00 22.83 ? 33  TYR A CZ  1 
ATOM   153  O OH  . TYR A 1 19  ? 2.000   -20.053 -5.324  1.00 21.87 ? 33  TYR A OH  1 
ATOM   154  N N   . SER A 1 20  ? -6.311  -16.997 -4.647  1.00 24.26 ? 34  SER A N   1 
ATOM   155  C CA  . SER A 1 20  ? -7.448  -16.324 -4.003  1.00 23.93 ? 34  SER A CA  1 
ATOM   156  C C   . SER A 1 20  ? -8.527  -17.227 -3.381  1.00 23.07 ? 34  SER A C   1 
ATOM   157  O O   . SER A 1 20  ? -9.261  -16.758 -2.504  1.00 25.30 ? 34  SER A O   1 
ATOM   158  C CB  . SER A 1 20  ? -8.122  -15.391 -5.009  1.00 25.29 ? 34  SER A CB  1 
ATOM   159  O OG  . SER A 1 20  ? -8.692  -16.128 -6.082  1.00 29.49 ? 34  SER A OG  1 
ATOM   160  N N   A HIS A 1 21  ? -8.653  -18.483 -3.816  0.35 19.39 ? 35  HIS A N   1 
ATOM   161  N N   B HIS A 1 21  ? -8.620  -18.474 -3.848  0.15 21.60 ? 35  HIS A N   1 
ATOM   162  C CA  A HIS A 1 21  ? -9.698  -19.368 -3.273  0.35 19.52 ? 35  HIS A CA  1 
ATOM   163  C CA  B HIS A 1 21  ? -9.633  -19.429 -3.389  0.15 21.51 ? 35  HIS A CA  1 
ATOM   164  C C   A HIS A 1 21  ? -9.223  -20.203 -2.084  0.35 19.54 ? 35  HIS A C   1 
ATOM   165  C C   B HIS A 1 21  ? -9.201  -20.260 -2.171  0.15 21.10 ? 35  HIS A C   1 
ATOM   166  O O   A HIS A 1 21  ? -10.042 -20.853 -1.432  0.35 18.05 ? 35  HIS A O   1 
ATOM   167  O O   B HIS A 1 21  ? -10.031 -20.957 -1.585  0.15 20.37 ? 35  HIS A O   1 
ATOM   168  C CB  A HIS A 1 21  ? -10.187 -20.349 -4.319  0.35 19.51 ? 35  HIS A CB  1 
ATOM   169  C CB  B HIS A 1 21  ? -10.000 -20.385 -4.528  0.15 21.93 ? 35  HIS A CB  1 
ATOM   170  C CG  A HIS A 1 21  ? -9.266  -21.508 -4.487  0.35 19.66 ? 35  HIS A CG  1 
ATOM   171  C CG  B HIS A 1 21  ? -10.505 -19.700 -5.761  0.15 22.15 ? 35  HIS A CG  1 
ATOM   172  N ND1 A HIS A 1 21  ? -8.260  -21.511 -5.422  0.35 19.87 ? 35  HIS A ND1 1 
ATOM   173  N ND1 B HIS A 1 21  ? -9.907  -18.574 -6.286  0.15 22.81 ? 35  HIS A ND1 1 
ATOM   174  C CD2 A HIS A 1 21  ? -9.142  -22.663 -3.792  0.35 19.52 ? 35  HIS A CD2 1 
ATOM   175  C CD2 B HIS A 1 21  ? -11.541 -19.992 -6.583  0.15 22.58 ? 35  HIS A CD2 1 
ATOM   176  C CE1 A HIS A 1 21  ? -7.573  -22.633 -5.321  0.35 18.92 ? 35  HIS A CE1 1 
ATOM   177  C CE1 B HIS A 1 21  ? -10.561 -18.194 -7.370  0.15 22.63 ? 35  HIS A CE1 1 
ATOM   178  N NE2 A HIS A 1 21  ? -8.081  -23.345 -4.334  0.35 19.69 ? 35  HIS A NE2 1 
ATOM   179  N NE2 B HIS A 1 21  ? -11.554 -19.040 -7.575  0.15 22.23 ? 35  HIS A NE2 1 
ATOM   180  N N   . LEU A 1 22  ? -7.916  -20.205 -1.805  1.00 21.12 ? 36  LEU A N   1 
ATOM   181  C CA  . LEU A 1 22  ? -7.379  -21.027 -0.705  1.00 21.50 ? 36  LEU A CA  1 
ATOM   182  C C   . LEU A 1 22  ? -8.013  -20.672 0.644   1.00 22.46 ? 36  LEU A C   1 
ATOM   183  O O   . LEU A 1 22  ? -8.289  -19.499 0.915   1.00 22.53 ? 36  LEU A O   1 
ATOM   184  C CB  . LEU A 1 22  ? -5.847  -20.933 -0.631  1.00 22.03 ? 36  LEU A CB  1 
ATOM   185  C CG  . LEU A 1 22  ? -5.081  -21.542 -1.807  1.00 21.80 ? 36  LEU A CG  1 
ATOM   186  C CD1 . LEU A 1 22  ? -3.641  -21.095 -1.815  1.00 23.11 ? 36  LEU A CD1 1 
ATOM   187  C CD2 . LEU A 1 22  ? -5.156  -23.064 -1.770  1.00 22.32 ? 36  LEU A CD2 1 
ATOM   188  N N   . PRO A 1 23  ? -8.260  -21.677 1.503   1.00 23.17 ? 37  PRO A N   1 
ATOM   189  C CA  . PRO A 1 23  ? -9.101  -21.483 2.694   1.00 23.57 ? 37  PRO A CA  1 
ATOM   190  C C   . PRO A 1 23  ? -8.425  -20.791 3.897   1.00 23.61 ? 37  PRO A C   1 
ATOM   191  O O   . PRO A 1 23  ? -8.335  -21.347 4.996   1.00 26.06 ? 37  PRO A O   1 
ATOM   192  C CB  . PRO A 1 23  ? -9.523  -22.935 3.025   1.00 24.99 ? 37  PRO A CB  1 
ATOM   193  C CG  . PRO A 1 23  ? -8.323  -23.725 2.637   1.00 24.79 ? 37  PRO A CG  1 
ATOM   194  C CD  . PRO A 1 23  ? -7.855  -23.097 1.352   1.00 24.73 ? 37  PRO A CD  1 
ATOM   195  N N   . TYR A 1 24  ? -7.968  -19.553 3.695   1.00 21.70 ? 38  TYR A N   1 
ATOM   196  C CA  . TYR A 1 24  ? -7.314  -18.787 4.731   1.00 20.86 ? 38  TYR A CA  1 
ATOM   197  C C   . TYR A 1 24  ? -8.261  -17.773 5.386   1.00 20.92 ? 38  TYR A C   1 
ATOM   198  O O   . TYR A 1 24  ? -9.332  -17.478 4.839   1.00 21.36 ? 38  TYR A O   1 
ATOM   199  C CB  . TYR A 1 24  ? -6.166  -18.000 4.098   1.00 20.94 ? 38  TYR A CB  1 
ATOM   200  C CG  . TYR A 1 24  ? -4.952  -18.842 3.824   1.00 20.73 ? 38  TYR A CG  1 
ATOM   201  C CD1 . TYR A 1 24  ? -4.078  -19.151 4.851   1.00 22.07 ? 38  TYR A CD1 1 
ATOM   202  C CD2 . TYR A 1 24  ? -4.680  -19.311 2.555   1.00 21.41 ? 38  TYR A CD2 1 
ATOM   203  C CE1 . TYR A 1 24  ? -2.938  -19.913 4.621   1.00 22.10 ? 38  TYR A CE1 1 
ATOM   204  C CE2 . TYR A 1 24  ? -3.540  -20.074 2.303   1.00 20.84 ? 38  TYR A CE2 1 
ATOM   205  C CZ  . TYR A 1 24  ? -2.686  -20.368 3.338   1.00 20.80 ? 38  TYR A CZ  1 
ATOM   206  O OH  . TYR A 1 24  ? -1.562  -21.144 3.093   1.00 22.77 ? 38  TYR A OH  1 
ATOM   207  N N   . ASN A 1 25  ? -7.842  -17.238 6.523   1.00 20.45 ? 39  ASN A N   1 
ATOM   208  C CA  . ASN A 1 25  ? -8.374  -15.948 7.004   1.00 22.53 ? 39  ASN A CA  1 
ATOM   209  C C   . ASN A 1 25  ? -7.801  -14.901 6.043   1.00 21.88 ? 39  ASN A C   1 
ATOM   210  O O   . ASN A 1 25  ? -6.581  -14.810 5.902   1.00 21.61 ? 39  ASN A O   1 
ATOM   211  C CB  . ASN A 1 25  ? -7.953  -15.650 8.432   1.00 24.86 ? 39  ASN A CB  1 
ATOM   212  C CG  . ASN A 1 25  ? -8.527  -16.640 9.435   1.00 28.49 ? 39  ASN A CG  1 
ATOM   213  O OD1 . ASN A 1 25  ? -9.730  -16.869 9.480   1.00 33.05 ? 39  ASN A OD1 1 
ATOM   214  N ND2 . ASN A 1 25  ? -7.662  -17.230 10.237  1.00 30.66 ? 39  ASN A ND2 1 
ATOM   215  N N   . LYS A 1 26  ? -8.668  -14.145 5.374   1.00 21.86 ? 40  LYS A N   1 
ATOM   216  C CA  . LYS A 1 26  ? -8.254  -13.359 4.198   1.00 20.56 ? 40  LYS A CA  1 
ATOM   217  C C   . LYS A 1 26  ? -8.353  -11.852 4.452   1.00 21.04 ? 40  LYS A C   1 
ATOM   218  O O   . LYS A 1 26  ? -9.382  -11.355 4.917   1.00 20.84 ? 40  LYS A O   1 
ATOM   219  C CB  . LYS A 1 26  ? -9.051  -13.779 2.979   1.00 21.33 ? 40  LYS A CB  1 
ATOM   220  C CG  . LYS A 1 26  ? -8.675  -15.174 2.463   1.00 22.02 ? 40  LYS A CG  1 
ATOM   221  C CD  . LYS A 1 26  ? -9.579  -15.700 1.369   1.00 22.69 ? 40  LYS A CD  1 
ATOM   222  C CE  . LYS A 1 26  ? -9.551  -14.868 0.095   1.00 22.46 ? 40  LYS A CE  1 
ATOM   223  N NZ  . LYS A 1 26  ? -8.158  -14.621 -0.410  1.00 22.59 ? 40  LYS A NZ  1 
ATOM   224  N N   . TYR A 1 27  ? -7.253  -11.158 4.151   1.00 21.18 ? 41  TYR A N   1 
ATOM   225  C CA  . TYR A 1 27  ? -7.149  -9.680  4.206   1.00 20.15 ? 41  TYR A CA  1 
ATOM   226  C C   . TYR A 1 27  ? -6.577  -9.191  2.886   1.00 20.32 ? 41  TYR A C   1 
ATOM   227  O O   . TYR A 1 27  ? -5.800  -9.893  2.248   1.00 18.08 ? 41  TYR A O   1 
ATOM   228  C CB  . TYR A 1 27  ? -6.188  -9.238  5.314   1.00 20.96 ? 41  TYR A CB  1 
ATOM   229  C CG  . TYR A 1 27  ? -6.641  -9.541  6.712   1.00 22.57 ? 41  TYR A CG  1 
ATOM   230  C CD1 . TYR A 1 27  ? -6.624  -10.856 7.202   1.00 23.86 ? 41  TYR A CD1 1 
ATOM   231  C CD2 . TYR A 1 27  ? -7.065  -8.524  7.570   1.00 23.91 ? 41  TYR A CD2 1 
ATOM   232  C CE1 . TYR A 1 27  ? -7.047  -11.139 8.494   1.00 26.03 ? 41  TYR A CE1 1 
ATOM   233  C CE2 . TYR A 1 27  ? -7.486  -8.804  8.860   1.00 24.83 ? 41  TYR A CE2 1 
ATOM   234  C CZ  . TYR A 1 27  ? -7.474  -10.110 9.312   1.00 27.19 ? 41  TYR A CZ  1 
ATOM   235  O OH  . TYR A 1 27  ? -7.889  -10.394 10.595  1.00 31.01 ? 41  TYR A OH  1 
ATOM   236  N N   . SER A 1 28  ? -6.953  -7.976  2.465   1.00 18.76 ? 42  SER A N   1 
ATOM   237  C CA  . SER A 1 28  ? -6.349  -7.339  1.292   1.00 18.22 ? 42  SER A CA  1 
ATOM   238  C C   . SER A 1 28  ? -5.811  -5.971  1.689   1.00 18.40 ? 42  SER A C   1 
ATOM   239  O O   . SER A 1 28  ? -6.340  -5.331  2.609   1.00 18.69 ? 42  SER A O   1 
ATOM   240  C CB  . SER A 1 28  ? -7.352  -7.165  0.138   1.00 18.84 ? 42  SER A CB  1 
ATOM   241  O OG  . SER A 1 28  ? -7.881  -8.405  -0.352  1.00 19.64 ? 42  SER A OG  1 
ATOM   242  N N   . VAL A 1 29  ? -4.753  -5.543  1.003   1.00 17.05 ? 43  VAL A N   1 
ATOM   243  C CA  . VAL A 1 29  ? -4.236  -4.171  1.128   1.00 17.63 ? 43  VAL A CA  1 
ATOM   244  C C   . VAL A 1 29  ? -4.158  -3.531  -0.245  1.00 17.33 ? 43  VAL A C   1 
ATOM   245  O O   . VAL A 1 29  ? -4.018  -4.212  -1.272  1.00 17.95 ? 43  VAL A O   1 
ATOM   246  C CB  . VAL A 1 29  ? -2.889  -4.059  1.869   1.00 19.09 ? 43  VAL A CB  1 
ATOM   247  C CG1 . VAL A 1 29  ? -3.034  -4.539  3.313   1.00 19.79 ? 43  VAL A CG1 1 
ATOM   248  C CG2 . VAL A 1 29  ? -1.778  -4.803  1.150   1.00 19.23 ? 43  VAL A CG2 1 
ATOM   249  N N   . LEU A 1 30  ? -4.309  -2.199  -0.250  1.00 17.24 ? 44  LEU A N   1 
ATOM   250  C CA  . LEU A 1 30  ? -4.125  -1.392  -1.436  1.00 17.31 ? 44  LEU A CA  1 
ATOM   251  C C   . LEU A 1 30  ? -2.825  -0.606  -1.311  1.00 16.59 ? 44  LEU A C   1 
ATOM   252  O O   . LEU A 1 30  ? -2.600  0.075   -0.315  1.00 16.96 ? 44  LEU A O   1 
ATOM   253  C CB  . LEU A 1 30  ? -5.285  -0.408  -1.621  1.00 17.53 ? 44  LEU A CB  1 
ATOM   254  C CG  . LEU A 1 30  ? -5.211  0.466   -2.867  1.00 17.76 ? 44  LEU A CG  1 
ATOM   255  C CD1 . LEU A 1 30  ? -5.398  -0.338  -4.135  1.00 19.25 ? 44  LEU A CD1 1 
ATOM   256  C CD2 . LEU A 1 30  ? -6.253  1.571   -2.793  1.00 19.44 ? 44  LEU A CD2 1 
ATOM   257  N N   . LEU A 1 31  ? -1.970  -0.759  -2.311  1.00 17.27 ? 45  LEU A N   1 
ATOM   258  C CA  . LEU A 1 31  ? -0.725  -0.021  -2.436  1.00 18.54 ? 45  LEU A CA  1 
ATOM   259  C C   . LEU A 1 31  ? -1.049  1.139   -3.401  1.00 17.61 ? 45  LEU A C   1 
ATOM   260  O O   . LEU A 1 31  ? -1.103  0.923   -4.609  1.00 18.01 ? 45  LEU A O   1 
ATOM   261  C CB  . LEU A 1 31  ? 0.363   -0.938  -3.010  1.00 20.24 ? 45  LEU A CB  1 
ATOM   262  C CG  . LEU A 1 31  ? 1.055   -1.997  -2.106  1.00 24.19 ? 45  LEU A CG  1 
ATOM   263  C CD1 . LEU A 1 31  ? 0.258   -2.519  -0.945  1.00 25.17 ? 45  LEU A CD1 1 
ATOM   264  C CD2 . LEU A 1 31  ? 1.654   -3.155  -2.920  1.00 24.17 ? 45  LEU A CD2 1 
ATOM   265  N N   . PRO A 1 32  ? -1.340  2.346   -2.874  1.00 16.99 ? 46  PRO A N   1 
ATOM   266  C CA  . PRO A 1 32  ? -1.887  3.403   -3.716  1.00 17.02 ? 46  PRO A CA  1 
ATOM   267  C C   . PRO A 1 32  ? -0.784  4.294   -4.294  1.00 16.63 ? 46  PRO A C   1 
ATOM   268  O O   . PRO A 1 32  ? -0.046  4.923   -3.535  1.00 16.44 ? 46  PRO A O   1 
ATOM   269  C CB  . PRO A 1 32  ? -2.796  4.182   -2.748  1.00 17.74 ? 46  PRO A CB  1 
ATOM   270  C CG  . PRO A 1 32  ? -2.702  3.464   -1.411  1.00 17.52 ? 46  PRO A CG  1 
ATOM   271  C CD  . PRO A 1 32  ? -1.384  2.772   -1.465  1.00 17.30 ? 46  PRO A CD  1 
ATOM   272  N N   . LEU A 1 33  ? -0.667  4.300   -5.621  1.00 16.85 ? 47  LEU A N   1 
ATOM   273  C CA  . LEU A 1 33  ? 0.335   5.120   -6.316  1.00 18.62 ? 47  LEU A CA  1 
ATOM   274  C C   . LEU A 1 33  ? -0.273  6.445   -6.743  1.00 19.21 ? 47  LEU A C   1 
ATOM   275  O O   . LEU A 1 33  ? -1.288  6.451   -7.442  1.00 19.15 ? 47  LEU A O   1 
ATOM   276  C CB  . LEU A 1 33  ? 0.847   4.414   -7.566  1.00 20.50 ? 47  LEU A CB  1 
ATOM   277  C CG  . LEU A 1 33  ? 1.817   3.262   -7.331  1.00 21.84 ? 47  LEU A CG  1 
ATOM   278  C CD1 . LEU A 1 33  ? 2.018   2.502   -8.642  1.00 22.51 ? 47  LEU A CD1 1 
ATOM   279  C CD2 . LEU A 1 33  ? 3.148   3.781   -6.818  1.00 21.68 ? 47  LEU A CD2 1 
ATOM   280  N N   . VAL A 1 34  ? 0.399   7.520   -6.359  1.00 20.40 ? 48  VAL A N   1 
ATOM   281  C CA  . VAL A 1 34  ? -0.035  8.900   -6.591  1.00 21.58 ? 48  VAL A CA  1 
ATOM   282  C C   . VAL A 1 34  ? 1.074   9.574   -7.386  1.00 22.42 ? 48  VAL A C   1 
ATOM   283  O O   . VAL A 1 34  ? 2.249   9.482   -6.998  1.00 22.26 ? 48  VAL A O   1 
ATOM   284  C CB  . VAL A 1 34  ? -0.243  9.599   -5.225  1.00 22.95 ? 48  VAL A CB  1 
ATOM   285  C CG1 . VAL A 1 34  ? -0.484  11.095  -5.379  1.00 24.58 ? 48  VAL A CG1 1 
ATOM   286  C CG2 . VAL A 1 34  ? -1.392  8.936   -4.460  1.00 23.88 ? 48  VAL A CG2 1 
ATOM   287  N N   . ALA A 1 35  ? 0.719   10.237  -8.489  1.00 22.41 ? 49  ALA A N   1 
ATOM   288  C CA  . ALA A 1 35  ? 1.698   11.011  -9.268  1.00 24.18 ? 49  ALA A CA  1 
ATOM   289  C C   . ALA A 1 35  ? 1.595   12.479  -8.883  1.00 26.96 ? 49  ALA A C   1 
ATOM   290  O O   . ALA A 1 35  ? 0.527   13.063  -9.069  1.00 29.36 ? 49  ALA A O   1 
ATOM   291  C CB  . ALA A 1 35  ? 1.456   10.833  -10.743 1.00 25.42 ? 49  ALA A CB  1 
ATOM   292  N N   . LYS A 1 36  ? 2.676   13.039  -8.324  1.00 27.73 ? 50  LYS A N   1 
ATOM   293  C CA  . LYS A 1 36  ? 2.770   14.478  -7.956  1.00 31.88 ? 50  LYS A CA  1 
ATOM   294  C C   . LYS A 1 36  ? 4.145   14.992  -8.344  1.00 31.42 ? 50  LYS A C   1 
ATOM   295  O O   . LYS A 1 36  ? 5.140   14.280  -8.197  1.00 27.61 ? 50  LYS A O   1 
ATOM   296  C CB  . LYS A 1 36  ? 2.608   14.708  -6.446  1.00 34.90 ? 50  LYS A CB  1 
ATOM   297  C CG  . LYS A 1 36  ? 1.294   14.274  -5.832  1.00 41.23 ? 50  LYS A CG  1 
ATOM   298  C CD  . LYS A 1 36  ? 0.091   15.101  -6.272  1.00 44.49 ? 50  LYS A CD  1 
ATOM   299  C CE  . LYS A 1 36  ? -1.126  14.806  -5.397  1.00 48.05 ? 50  LYS A CE  1 
ATOM   300  N NZ  . LYS A 1 36  ? -2.422  14.980  -6.119  1.00 50.97 ? 50  LYS A NZ  1 
ATOM   301  N N   . GLU A 1 37  ? 4.218   16.240  -8.818  1.00 31.38 ? 51  GLU A N   1 
ATOM   302  C CA  . GLU A 1 37  ? 5.504   16.885  -9.097  1.00 33.05 ? 51  GLU A CA  1 
ATOM   303  C C   . GLU A 1 37  ? 6.408   16.066  -10.018 1.00 29.81 ? 51  GLU A C   1 
ATOM   304  O O   . GLU A 1 37  ? 7.631   16.063  -9.860  1.00 30.86 ? 51  GLU A O   1 
ATOM   305  C CB  . GLU A 1 37  ? 6.243   17.190  -7.782  1.00 37.91 ? 51  GLU A CB  1 
ATOM   306  C CG  . GLU A 1 37  ? 5.396   17.882  -6.722  1.00 42.52 ? 51  GLU A CG  1 
ATOM   307  C CD  . GLU A 1 37  ? 6.079   17.971  -5.364  1.00 49.39 ? 51  GLU A CD  1 
ATOM   308  O OE1 . GLU A 1 37  ? 5.717   18.886  -4.595  1.00 56.55 ? 51  GLU A OE1 1 
ATOM   309  O OE2 . GLU A 1 37  ? 6.958   17.130  -5.047  1.00 53.41 ? 51  GLU A OE2 1 
ATOM   310  N N   . GLY A 1 38  ? 5.796   15.375  -10.977 1.00 27.54 ? 52  GLY A N   1 
ATOM   311  C CA  . GLY A 1 38  ? 6.489   14.615  -11.984 1.00 27.14 ? 52  GLY A CA  1 
ATOM   312  C C   . GLY A 1 38  ? 7.090   13.295  -11.511 1.00 28.32 ? 52  GLY A C   1 
ATOM   313  O O   . GLY A 1 38  ? 7.942   12.730  -12.208 1.00 28.82 ? 52  GLY A O   1 
ATOM   314  N N   . LYS A 1 39  ? 6.660   12.807  -10.338 1.00 26.20 ? 53  LYS A N   1 
ATOM   315  C CA  . LYS A 1 39  ? 7.235   11.582  -9.729  1.00 26.81 ? 53  LYS A CA  1 
ATOM   316  C C   . LYS A 1 39  ? 6.126   10.747  -9.098  1.00 23.23 ? 53  LYS A C   1 
ATOM   317  O O   . LYS A 1 39  ? 5.090   11.283  -8.703  1.00 22.49 ? 53  LYS A O   1 
ATOM   318  C CB  . LYS A 1 39  ? 8.252   11.953  -8.649  1.00 31.00 ? 53  LYS A CB  1 
ATOM   319  C CG  . LYS A 1 39  ? 9.359   12.879  -9.152  1.00 37.13 ? 53  LYS A CG  1 
ATOM   320  C CD  . LYS A 1 39  ? 10.341  13.369  -8.096  1.00 41.42 ? 53  LYS A CD  1 
ATOM   321  C CE  . LYS A 1 39  ? 9.709   14.144  -6.941  1.00 46.27 ? 53  LYS A CE  1 
ATOM   322  N NZ  . LYS A 1 39  ? 9.878   13.445  -5.631  1.00 48.31 ? 53  LYS A NZ  1 
ATOM   323  N N   . LEU A 1 40  ? 6.354   9.440   -8.987  1.00 21.10 ? 54  LEU A N   1 
ATOM   324  C CA  . LEU A 1 40  ? 5.399   8.566   -8.292  1.00 19.95 ? 54  LEU A CA  1 
ATOM   325  C C   . LEU A 1 40  ? 5.653   8.541   -6.785  1.00 18.78 ? 54  LEU A C   1 
ATOM   326  O O   . LEU A 1 40  ? 6.803   8.624   -6.344  1.00 19.48 ? 54  LEU A O   1 
ATOM   327  C CB  . LEU A 1 40  ? 5.472   7.139   -8.847  1.00 21.11 ? 54  LEU A CB  1 
ATOM   328  C CG  . LEU A 1 40  ? 5.032   6.993   -10.301 1.00 23.07 ? 54  LEU A CG  1 
ATOM   329  C CD1 . LEU A 1 40  ? 5.442   5.636   -10.852 1.00 24.76 ? 54  LEU A CD1 1 
ATOM   330  C CD2 . LEU A 1 40  ? 3.549   7.225   -10.443 1.00 24.04 ? 54  LEU A CD2 1 
ATOM   331  N N   . HIS A 1 41  ? 4.564   8.424   -6.021  1.00 18.54 ? 55  HIS A N   1 
ATOM   332  C CA  . HIS A 1 41  ? 4.575   8.362   -4.559  1.00 19.26 ? 55  HIS A CA  1 
ATOM   333  C C   . HIS A 1 41  ? 3.685   7.197   -4.129  1.00 18.84 ? 55  HIS A C   1 
ATOM   334  O O   . HIS A 1 41  ? 2.781   6.805   -4.863  1.00 19.65 ? 55  HIS A O   1 
ATOM   335  C CB  . HIS A 1 41  ? 4.001   9.634   -3.936  1.00 20.19 ? 55  HIS A CB  1 
ATOM   336  C CG  . HIS A 1 41  ? 4.768   10.860  -4.280  1.00 21.53 ? 55  HIS A CG  1 
ATOM   337  N ND1 . HIS A 1 41  ? 4.761   11.400  -5.543  1.00 24.37 ? 55  HIS A ND1 1 
ATOM   338  C CD2 . HIS A 1 41  ? 5.591   11.632  -3.540  1.00 22.89 ? 55  HIS A CD2 1 
ATOM   339  C CE1 . HIS A 1 41  ? 5.558   12.456  -5.569  1.00 23.16 ? 55  HIS A CE1 1 
ATOM   340  N NE2 . HIS A 1 41  ? 6.071   12.618  -4.366  1.00 24.78 ? 55  HIS A NE2 1 
ATOM   341  N N   . LEU A 1 42  ? 3.967   6.633   -2.962  1.00 17.53 ? 56  LEU A N   1 
ATOM   342  C CA  . LEU A 1 42  ? 3.028   5.745   -2.305  1.00 17.64 ? 56  LEU A CA  1 
ATOM   343  C C   . LEU A 1 42  ? 2.308   6.474   -1.183  1.00 17.54 ? 56  LEU A C   1 
ATOM   344  O O   . LEU A 1 42  ? 2.933   7.226   -0.441  1.00 18.55 ? 56  LEU A O   1 
ATOM   345  C CB  . LEU A 1 42  ? 3.745   4.511   -1.739  1.00 18.26 ? 56  LEU A CB  1 
ATOM   346  C CG  . LEU A 1 42  ? 4.046   3.415   -2.764  1.00 19.07 ? 56  LEU A CG  1 
ATOM   347  C CD1 . LEU A 1 42  ? 5.067   2.436   -2.166  1.00 19.70 ? 56  LEU A CD1 1 
ATOM   348  C CD2 . LEU A 1 42  ? 2.785   2.665   -3.188  1.00 19.18 ? 56  LEU A CD2 1 
ATOM   349  N N   . LEU A 1 43  ? 1.025   6.182   -1.029  1.00 17.37 ? 57  LEU A N   1 
ATOM   350  C CA  . LEU A 1 43  ? 0.196   6.712   0.058   1.00 18.59 ? 57  LEU A CA  1 
ATOM   351  C C   . LEU A 1 43  ? 0.152   5.704   1.198   1.00 18.76 ? 57  LEU A C   1 
ATOM   352  O O   . LEU A 1 43  ? -0.183  4.540   0.967   1.00 18.59 ? 57  LEU A O   1 
ATOM   353  C CB  . LEU A 1 43  ? -1.207  7.002   -0.458  1.00 19.63 ? 57  LEU A CB  1 
ATOM   354  C CG  . LEU A 1 43  ? -2.196  7.593   0.565   1.00 21.18 ? 57  LEU A CG  1 
ATOM   355  C CD1 . LEU A 1 43  ? -3.219  8.493   -0.121  1.00 22.82 ? 57  LEU A CD1 1 
ATOM   356  C CD2 . LEU A 1 43  ? -2.929  6.516   1.335   1.00 22.97 ? 57  LEU A CD2 1 
ATOM   357  N N   . PHE A 1 44  ? 0.468   6.171   2.407   1.00 18.13 ? 58  PHE A N   1 
ATOM   358  C CA  . PHE A 1 44  ? 0.463   5.362   3.625   1.00 18.59 ? 58  PHE A CA  1 
ATOM   359  C C   . PHE A 1 44  ? -0.547  5.923   4.623   1.00 21.02 ? 58  PHE A C   1 
ATOM   360  O O   . PHE A 1 44  ? -0.867  7.136   4.597   1.00 21.16 ? 58  PHE A O   1 
ATOM   361  C CB  . PHE A 1 44  ? 1.838   5.375   4.291   1.00 18.84 ? 58  PHE A CB  1 
ATOM   362  C CG  . PHE A 1 44  ? 2.920   4.738   3.480   1.00 18.87 ? 58  PHE A CG  1 
ATOM   363  C CD1 . PHE A 1 44  ? 3.615   5.454   2.511   1.00 18.17 ? 58  PHE A CD1 1 
ATOM   364  C CD2 . PHE A 1 44  ? 3.244   3.395   3.678   1.00 17.92 ? 58  PHE A CD2 1 
ATOM   365  C CE1 . PHE A 1 44  ? 4.619   4.859   1.748   1.00 18.40 ? 58  PHE A CE1 1 
ATOM   366  C CE2 . PHE A 1 44  ? 4.238   2.787   2.903   1.00 18.14 ? 58  PHE A CE2 1 
ATOM   367  C CZ  . PHE A 1 44  ? 4.939   3.520   1.943   1.00 17.50 ? 58  PHE A CZ  1 
ATOM   368  N N   . THR A 1 45  ? -1.034  5.046   5.507   1.00 20.12 ? 59  THR A N   1 
ATOM   369  C CA  . THR A 1 45  ? -1.847  5.472   6.656   1.00 22.18 ? 59  THR A CA  1 
ATOM   370  C C   . THR A 1 45  ? -1.047  5.277   7.943   1.00 23.88 ? 59  THR A C   1 
ATOM   371  O O   . THR A 1 45  ? -0.117  4.469   8.008   1.00 24.40 ? 59  THR A O   1 
ATOM   372  C CB  . THR A 1 45  ? -3.174  4.692   6.791   1.00 22.58 ? 59  THR A CB  1 
ATOM   373  O OG1 . THR A 1 45  ? -2.909  3.301   7.014   1.00 27.00 ? 59  THR A OG1 1 
ATOM   374  C CG2 . THR A 1 45  ? -4.037  4.840   5.585   1.00 22.76 ? 59  THR A CG2 1 
ATOM   375  N N   . VAL A 1 46  ? -1.392  6.063   8.955   1.00 23.55 ? 60  VAL A N   1 
ATOM   376  C CA  . VAL A 1 46  ? -0.997  5.777   10.315  1.00 23.74 ? 60  VAL A CA  1 
ATOM   377  C C   . VAL A 1 46  ? -2.263  5.320   11.030  1.00 24.64 ? 60  VAL A C   1 
ATOM   378  O O   . VAL A 1 46  ? -3.271  6.035   11.060  1.00 24.48 ? 60  VAL A O   1 
ATOM   379  C CB  . VAL A 1 46  ? -0.382  7.000   11.021  1.00 24.43 ? 60  VAL A CB  1 
ATOM   380  C CG1 . VAL A 1 46  ? -0.012  6.647   12.464  1.00 25.31 ? 60  VAL A CG1 1 
ATOM   381  C CG2 . VAL A 1 46  ? 0.840   7.495   10.260  1.00 24.82 ? 60  VAL A CG2 1 
ATOM   382  N N   . ARG A 1 47  ? -2.196  4.134   11.626  1.00 25.25 ? 61  ARG A N   1 
ATOM   383  C CA  . ARG A 1 47  ? -3.361  3.531   12.269  1.00 27.10 ? 61  ARG A CA  1 
ATOM   384  C C   . ARG A 1 47  ? -3.716  4.290   13.540  1.00 27.46 ? 61  ARG A C   1 
ATOM   385  O O   . ARG A 1 47  ? -2.834  4.779   14.245  1.00 28.91 ? 61  ARG A O   1 
ATOM   386  C CB  . ARG A 1 47  ? -3.085  2.068   12.619  1.00 29.48 ? 61  ARG A CB  1 
ATOM   387  C CG  . ARG A 1 47  ? -2.848  1.209   11.396  1.00 32.19 ? 61  ARG A CG  1 
ATOM   388  C CD  . ARG A 1 47  ? -2.216  -0.120  11.778  1.00 35.34 ? 61  ARG A CD  1 
ATOM   389  N NE  . ARG A 1 47  ? -3.112  -0.880  12.635  1.00 37.27 ? 61  ARG A NE  1 
ATOM   390  C CZ  . ARG A 1 47  ? -4.191  -1.538  12.218  1.00 39.69 ? 61  ARG A CZ  1 
ATOM   391  N NH1 . ARG A 1 47  ? -4.541  -1.559  10.932  1.00 40.21 ? 61  ARG A NH1 1 
ATOM   392  N NH2 . ARG A 1 47  ? -4.934  -2.195  13.105  1.00 44.36 ? 61  ARG A NH2 1 
ATOM   393  N N   . SER A 1 48  ? -5.008  4.418   13.800  1.00 28.59 ? 62  SER A N   1 
ATOM   394  C CA  . SER A 1 48  ? -5.470  5.101   15.002  1.00 32.83 ? 62  SER A CA  1 
ATOM   395  C C   . SER A 1 48  ? -4.884  4.456   16.261  1.00 35.16 ? 62  SER A C   1 
ATOM   396  O O   . SER A 1 48  ? -4.732  3.238   16.317  1.00 34.55 ? 62  SER A O   1 
ATOM   397  C CB  . SER A 1 48  ? -6.992  5.060   15.103  1.00 34.43 ? 62  SER A CB  1 
ATOM   398  O OG  . SER A 1 48  ? -7.395  5.344   16.440  1.00 36.59 ? 62  SER A OG  1 
ATOM   399  N N   . GLU A 1 49  ? -4.611  5.279   17.272  1.00 40.81 ? 63  GLU A N   1 
ATOM   400  C CA  . GLU A 1 49  ? -4.132  4.785   18.577  1.00 47.26 ? 63  GLU A CA  1 
ATOM   401  C C   . GLU A 1 49  ? -5.165  3.922   19.327  1.00 51.02 ? 63  GLU A C   1 
ATOM   402  O O   . GLU A 1 49  ? -4.797  3.191   20.247  1.00 55.35 ? 63  GLU A O   1 
ATOM   403  C CB  . GLU A 1 49  ? -3.690  5.957   19.470  1.00 49.76 ? 63  GLU A CB  1 
ATOM   404  C CG  . GLU A 1 49  ? -2.496  6.755   18.949  1.00 51.10 ? 63  GLU A CG  1 
ATOM   405  C CD  . GLU A 1 49  ? -1.176  5.989   18.958  1.00 55.37 ? 63  GLU A CD  1 
ATOM   406  O OE1 . GLU A 1 49  ? -1.057  4.948   19.647  1.00 59.59 ? 63  GLU A OE1 1 
ATOM   407  O OE2 . GLU A 1 49  ? -0.234  6.440   18.276  1.00 55.94 ? 63  GLU A OE2 1 
ATOM   408  N N   . LYS A 1 50  ? -6.437  4.002   18.928  1.00 54.08 ? 64  LYS A N   1 
ATOM   409  C CA  . LYS A 1 50  ? -7.525  3.231   19.543  1.00 58.04 ? 64  LYS A CA  1 
ATOM   410  C C   . LYS A 1 50  ? -7.702  1.800   19.016  1.00 57.76 ? 64  LYS A C   1 
ATOM   411  O O   . LYS A 1 50  ? -8.457  1.026   19.611  1.00 57.95 ? 64  LYS A O   1 
ATOM   412  C CB  . LYS A 1 50  ? -8.857  3.977   19.364  1.00 61.62 ? 64  LYS A CB  1 
ATOM   413  C CG  . LYS A 1 50  ? -8.871  5.390   19.930  1.00 64.74 ? 64  LYS A CG  1 
ATOM   414  C CD  . LYS A 1 50  ? -10.255 6.011   19.826  1.00 67.48 ? 64  LYS A CD  1 
ATOM   415  C CE  . LYS A 1 50  ? -10.285 7.408   20.425  1.00 69.58 ? 64  LYS A CE  1 
ATOM   416  N NZ  . LYS A 1 50  ? -11.675 7.937   20.514  1.00 70.96 ? 64  LYS A NZ  1 
ATOM   417  N N   . LEU A 1 51  ? -7.043  1.447   17.910  1.00 55.91 ? 65  LEU A N   1 
ATOM   418  C CA  . LEU A 1 51  ? -7.219  0.119   17.310  1.00 55.73 ? 65  LEU A CA  1 
ATOM   419  C C   . LEU A 1 51  ? -6.552  -0.968  18.150  1.00 57.95 ? 65  LEU A C   1 
ATOM   420  O O   . LEU A 1 51  ? -5.581  -0.708  18.859  1.00 55.89 ? 65  LEU A O   1 
ATOM   421  C CB  . LEU A 1 51  ? -6.679  0.070   15.872  1.00 53.78 ? 65  LEU A CB  1 
ATOM   422  C CG  . LEU A 1 51  ? -7.326  0.999   14.831  1.00 52.23 ? 65  LEU A CG  1 
ATOM   423  C CD1 . LEU A 1 51  ? -6.775  0.704   13.443  1.00 51.55 ? 65  LEU A CD1 1 
ATOM   424  C CD2 . LEU A 1 51  ? -8.846  0.884   14.827  1.00 52.56 ? 65  LEU A CD2 1 
ATOM   425  N N   . ARG A 1 52  ? -7.090  -2.182  18.042  1.00 61.23 ? 66  ARG A N   1 
ATOM   426  C CA  . ARG A 1 52  ? -6.631  -3.339  18.815  1.00 65.68 ? 66  ARG A CA  1 
ATOM   427  C C   . ARG A 1 52  ? -5.219  -3.740  18.387  1.00 64.03 ? 66  ARG A C   1 
ATOM   428  O O   . ARG A 1 52  ? -4.292  -3.730  19.197  1.00 61.22 ? 66  ARG A O   1 
ATOM   429  C CB  . ARG A 1 52  ? -7.602  -4.513  18.619  1.00 69.94 ? 66  ARG A CB  1 
ATOM   430  C CG  . ARG A 1 52  ? -7.495  -5.642  19.635  1.00 75.12 ? 66  ARG A CG  1 
ATOM   431  C CD  . ARG A 1 52  ? -8.426  -5.459  20.833  1.00 78.61 ? 66  ARG A CD  1 
ATOM   432  N NE  . ARG A 1 52  ? -9.258  -6.645  21.054  1.00 83.21 ? 66  ARG A NE  1 
ATOM   433  C CZ  . ARG A 1 52  ? -8.834  -7.812  21.550  1.00 84.58 ? 66  ARG A CZ  1 
ATOM   434  N NH1 . ARG A 1 52  ? -7.559  -7.997  21.901  1.00 86.09 ? 66  ARG A NH1 1 
ATOM   435  N NH2 . ARG A 1 52  ? -9.699  -8.813  21.694  1.00 85.23 ? 66  ARG A NH2 1 
ATOM   436  N N   . ARG A 1 53  ? -5.071  -4.057  17.102  1.00 64.88 ? 67  ARG A N   1 
ATOM   437  C CA  . ARG A 1 53  ? -3.799  -4.493  16.533  1.00 64.07 ? 67  ARG A CA  1 
ATOM   438  C C   . ARG A 1 53  ? -3.012  -3.281  16.030  1.00 60.60 ? 67  ARG A C   1 
ATOM   439  O O   . ARG A 1 53  ? -3.527  -2.498  15.230  1.00 57.61 ? 67  ARG A O   1 
ATOM   440  C CB  . ARG A 1 53  ? -4.049  -5.471  15.377  1.00 67.21 ? 67  ARG A CB  1 
ATOM   441  C CG  . ARG A 1 53  ? -2.797  -6.160  14.835  1.00 70.04 ? 67  ARG A CG  1 
ATOM   442  C CD  . ARG A 1 53  ? -3.110  -7.019  13.617  1.00 71.58 ? 67  ARG A CD  1 
ATOM   443  N NE  . ARG A 1 53  ? -3.523  -6.222  12.454  1.00 73.67 ? 67  ARG A NE  1 
ATOM   444  C CZ  . ARG A 1 53  ? -2.703  -5.550  11.638  1.00 75.79 ? 67  ARG A CZ  1 
ATOM   445  N NH1 . ARG A 1 53  ? -1.380  -5.543  11.824  1.00 75.86 ? 67  ARG A NH1 1 
ATOM   446  N NH2 . ARG A 1 53  ? -3.213  -4.865  10.615  1.00 76.16 ? 67  ARG A NH2 1 
ATOM   447  N N   . ALA A 1 54  ? -1.775  -3.137  16.509  1.00 56.09 ? 68  ALA A N   1 
ATOM   448  C CA  . ALA A 1 54  ? -0.790  -2.202  15.954  1.00 53.44 ? 68  ALA A CA  1 
ATOM   449  C C   . ALA A 1 54  ? -1.246  -0.734  15.948  1.00 51.10 ? 68  ALA A C   1 
ATOM   450  O O   . ALA A 1 54  ? -1.268  -0.091  14.891  1.00 48.44 ? 68  ALA A O   1 
ATOM   451  C CB  . ALA A 1 54  ? -0.388  -2.649  14.550  1.00 51.97 ? 68  ALA A CB  1 
ATOM   452  N N   . PRO A 1 55  ? -1.596  -0.195  17.133  1.00 48.04 ? 69  PRO A N   1 
ATOM   453  C CA  . PRO A 1 55  ? -2.023  1.197   17.201  1.00 44.57 ? 69  PRO A CA  1 
ATOM   454  C C   . PRO A 1 55  ? -0.864  2.128   16.892  1.00 41.95 ? 69  PRO A C   1 
ATOM   455  O O   . PRO A 1 55  ? 0.259   1.893   17.344  1.00 42.03 ? 69  PRO A O   1 
ATOM   456  C CB  . PRO A 1 55  ? -2.485  1.352   18.654  1.00 45.48 ? 69  PRO A CB  1 
ATOM   457  C CG  . PRO A 1 55  ? -1.673  0.355   19.405  1.00 46.60 ? 69  PRO A CG  1 
ATOM   458  C CD  . PRO A 1 55  ? -1.521  -0.811  18.475  1.00 46.62 ? 69  PRO A CD  1 
ATOM   459  N N   . GLY A 1 56  ? -1.122  3.155   16.090  1.00 37.52 ? 70  GLY A N   1 
ATOM   460  C CA  . GLY A 1 56  ? -0.088  4.114   15.724  1.00 34.93 ? 70  GLY A CA  1 
ATOM   461  C C   . GLY A 1 56  ? 0.958   3.649   14.715  1.00 32.49 ? 70  GLY A C   1 
ATOM   462  O O   . GLY A 1 56  ? 1.896   4.392   14.456  1.00 34.10 ? 70  GLY A O   1 
ATOM   463  N N   . GLU A 1 57  ? 0.811   2.449   14.147  1.00 32.93 ? 71  GLU A N   1 
ATOM   464  C CA  . GLU A 1 57  ? 1.787   1.925   13.168  1.00 31.73 ? 71  GLU A CA  1 
ATOM   465  C C   . GLU A 1 57  ? 1.444   2.432   11.767  1.00 27.84 ? 71  GLU A C   1 
ATOM   466  O O   . GLU A 1 57  ? 0.280   2.647   11.451  1.00 26.09 ? 71  GLU A O   1 
ATOM   467  C CB  . GLU A 1 57  ? 1.817   0.386   13.132  1.00 36.92 ? 71  GLU A CB  1 
ATOM   468  C CG  . GLU A 1 57  ? 2.759   -0.286  14.137  1.00 41.63 ? 71  GLU A CG  1 
ATOM   469  C CD  . GLU A 1 57  ? 3.010   -1.776  13.854  1.00 44.10 ? 71  GLU A CD  1 
ATOM   470  O OE1 . GLU A 1 57  ? 2.666   -2.297  12.757  1.00 45.09 ? 71  GLU A OE1 1 
ATOM   471  O OE2 . GLU A 1 57  ? 3.557   -2.449  14.752  1.00 50.62 ? 71  GLU A OE2 1 
ATOM   472  N N   . VAL A 1 58  ? 2.473   2.556   10.935  1.00 26.06 ? 72  VAL A N   1 
ATOM   473  C CA  . VAL A 1 58  ? 2.308   2.905   9.530   1.00 24.42 ? 72  VAL A CA  1 
ATOM   474  C C   . VAL A 1 58  ? 1.895   1.649   8.780   1.00 25.46 ? 72  VAL A C   1 
ATOM   475  O O   . VAL A 1 58  ? 2.487   0.591   8.978   1.00 24.24 ? 72  VAL A O   1 
ATOM   476  C CB  . VAL A 1 58  ? 3.609   3.499   8.940   1.00 24.59 ? 72  VAL A CB  1 
ATOM   477  C CG1 . VAL A 1 58  ? 3.516   3.652   7.431   1.00 24.66 ? 72  VAL A CG1 1 
ATOM   478  C CG2 . VAL A 1 58  ? 3.923   4.851   9.581   1.00 24.69 ? 72  VAL A CG2 1 
ATOM   479  N N   . CYS A 1 59  ? 0.884   1.761   7.922   1.00 24.32 ? 73  CYS A N   1 
ATOM   480  C CA  . CYS A 1 59  ? 0.450   0.652   7.102   1.00 25.29 ? 73  CYS A CA  1 
ATOM   481  C C   . CYS A 1 59  ? -0.203  1.153   5.810   1.00 24.50 ? 73  CYS A C   1 
ATOM   482  O O   . CYS A 1 59  ? -0.346  2.345   5.605   1.00 26.77 ? 73  CYS A O   1 
ATOM   483  C CB  . CYS A 1 59  ? -0.458  -0.284  7.895   1.00 31.91 ? 73  CYS A CB  1 
ATOM   484  S SG  . CYS A 1 59  ? -2.102  0.326   8.217   1.00 37.88 ? 73  CYS A SG  1 
ATOM   485  N N   . PHE A 1 60  ? -0.534  0.240   4.920   1.00 20.57 ? 74  PHE A N   1 
ATOM   486  C CA  . PHE A 1 60  ? -1.309  0.579   3.736   1.00 19.64 ? 74  PHE A CA  1 
ATOM   487  C C   . PHE A 1 60  ? -2.798  0.457   4.063   1.00 18.44 ? 74  PHE A C   1 
ATOM   488  O O   . PHE A 1 60  ? -3.172  -0.327  4.943   1.00 19.17 ? 74  PHE A O   1 
ATOM   489  C CB  . PHE A 1 60  ? -0.953  -0.330  2.570   1.00 18.77 ? 74  PHE A CB  1 
ATOM   490  C CG  . PHE A 1 60  ? 0.413   -0.071  2.001   1.00 18.83 ? 74  PHE A CG  1 
ATOM   491  C CD1 . PHE A 1 60  ? 0.695   1.142   1.360   1.00 18.72 ? 74  PHE A CD1 1 
ATOM   492  C CD2 . PHE A 1 60  ? 1.426   -1.027  2.083   1.00 19.45 ? 74  PHE A CD2 1 
ATOM   493  C CE1 . PHE A 1 60  ? 1.953   1.404   0.854   1.00 19.01 ? 74  PHE A CE1 1 
ATOM   494  C CE2 . PHE A 1 60  ? 2.689   -0.774  1.557   1.00 18.87 ? 74  PHE A CE2 1 
ATOM   495  C CZ  . PHE A 1 60  ? 2.951   0.441   0.934   1.00 19.80 ? 74  PHE A CZ  1 
ATOM   496  N N   . PRO A 1 61  ? -3.672  1.195   3.342   1.00 17.89 ? 75  PRO A N   1 
ATOM   497  C CA  . PRO A 1 61  ? -5.103  0.952   3.502   1.00 18.91 ? 75  PRO A CA  1 
ATOM   498  C C   . PRO A 1 61  ? -5.470  -0.513  3.217   1.00 19.84 ? 75  PRO A C   1 
ATOM   499  O O   . PRO A 1 61  ? -4.870  -1.149  2.348   1.00 18.55 ? 75  PRO A O   1 
ATOM   500  C CB  . PRO A 1 61  ? -5.753  1.857   2.444   1.00 19.94 ? 75  PRO A CB  1 
ATOM   501  C CG  . PRO A 1 61  ? -4.714  2.833   2.061   1.00 19.10 ? 75  PRO A CG  1 
ATOM   502  C CD  . PRO A 1 61  ? -3.381  2.237   2.343   1.00 18.30 ? 75  PRO A CD  1 
ATOM   503  N N   . GLY A 1 62  ? -6.459  -1.021  3.935   1.00 20.20 ? 76  GLY A N   1 
ATOM   504  C CA  . GLY A 1 62  ? -6.907  -2.412  3.719   1.00 20.62 ? 76  GLY A CA  1 
ATOM   505  C C   . GLY A 1 62  ? -7.564  -2.984  4.952   1.00 20.70 ? 76  GLY A C   1 
ATOM   506  O O   . GLY A 1 62  ? -7.771  -2.289  5.958   1.00 20.76 ? 76  GLY A O   1 
ATOM   507  N N   . GLY A 1 63  ? -7.869  -4.275  4.891   1.00 20.34 ? 77  GLY A N   1 
ATOM   508  C CA  . GLY A 1 63  ? -8.521  -4.950  6.012   1.00 20.36 ? 77  GLY A CA  1 
ATOM   509  C C   . GLY A 1 63  ? -9.077  -6.299  5.625   1.00 19.20 ? 77  GLY A C   1 
ATOM   510  O O   . GLY A 1 63  ? -8.771  -6.828  4.554   1.00 19.33 ? 77  GLY A O   1 
ATOM   511  N N   . LYS A 1 64  ? -9.930  -6.836  6.501   1.00 20.07 ? 78  LYS A N   1 
ATOM   512  C CA  . LYS A 1 64  ? -10.426 -8.214  6.360   1.00 21.57 ? 78  LYS A CA  1 
ATOM   513  C C   . LYS A 1 64  ? -11.540 -8.330  5.328   1.00 20.50 ? 78  LYS A C   1 
ATOM   514  O O   . LYS A 1 64  ? -12.451 -7.484  5.265   1.00 20.75 ? 78  LYS A O   1 
ATOM   515  C CB  . LYS A 1 64  ? -10.927 -8.714  7.715   1.00 24.45 ? 78  LYS A CB  1 
ATOM   516  C CG  . LYS A 1 64  ? -11.142 -10.214 7.765   1.00 27.97 ? 78  LYS A CG  1 
ATOM   517  C CD  . LYS A 1 64  ? -11.365 -10.678 9.199   1.00 32.47 ? 78  LYS A CD  1 
ATOM   518  C CE  . LYS A 1 64  ? -11.946 -12.089 9.288   1.00 36.17 ? 78  LYS A CE  1 
ATOM   519  N NZ  . LYS A 1 64  ? -11.419 -13.027 8.275   1.00 40.54 ? 78  LYS A NZ  1 
ATOM   520  N N   . ARG A 1 65  ? -11.492 -9.379  4.521   1.00 20.33 ? 79  ARG A N   1 
ATOM   521  C CA  . ARG A 1 65  ? -12.530 -9.644  3.553   1.00 20.68 ? 79  ARG A CA  1 
ATOM   522  C C   . ARG A 1 65  ? -13.836 -9.896  4.321   1.00 21.17 ? 79  ARG A C   1 
ATOM   523  O O   . ARG A 1 65  ? -13.818 -10.424 5.439   1.00 22.29 ? 79  ARG A O   1 
ATOM   524  C CB  . ARG A 1 65  ? -12.172 -10.839 2.682   1.00 22.22 ? 79  ARG A CB  1 
ATOM   525  C CG  . ARG A 1 65  ? -13.226 -11.182 1.649   1.00 23.23 ? 79  ARG A CG  1 
ATOM   526  C CD  . ARG A 1 65  ? -12.647 -11.954 0.477   1.00 24.62 ? 79  ARG A CD  1 
ATOM   527  N NE  . ARG A 1 65  ? -13.692 -12.426 -0.433  1.00 24.40 ? 79  ARG A NE  1 
ATOM   528  C CZ  . ARG A 1 65  ? -13.470 -13.015 -1.605  1.00 25.95 ? 79  ARG A CZ  1 
ATOM   529  N NH1 . ARG A 1 65  ? -12.224 -13.212 -2.045  1.00 25.84 ? 79  ARG A NH1 1 
ATOM   530  N NH2 . ARG A 1 65  ? -14.500 -13.430 -2.347  1.00 26.90 ? 79  ARG A NH2 1 
ATOM   531  N N   . ASP A 1 66  ? -14.934 -9.425  3.748   1.00 21.35 ? 80  ASP A N   1 
ATOM   532  C CA  . ASP A 1 66  ? -16.282 -9.714  4.283   1.00 21.14 ? 80  ASP A CA  1 
ATOM   533  C C   . ASP A 1 66  ? -17.171 -10.333 3.223   1.00 20.67 ? 80  ASP A C   1 
ATOM   534  O O   . ASP A 1 66  ? -16.806 -10.406 2.052   1.00 21.56 ? 80  ASP A O   1 
ATOM   535  C CB  . ASP A 1 66  ? -16.867 -8.483  5.011   1.00 21.11 ? 80  ASP A CB  1 
ATOM   536  C CG  . ASP A 1 66  ? -17.574 -7.485  4.095   1.00 21.19 ? 80  ASP A CG  1 
ATOM   537  O OD1 . ASP A 1 66  ? -17.836 -7.745  2.909   1.00 21.46 ? 80  ASP A OD1 1 
ATOM   538  O OD2 . ASP A 1 66  ? -17.914 -6.404  4.627   1.00 25.58 ? 80  ASP A OD2 1 
ATOM   539  N N   . PRO A 1 67  ? -18.369 -10.846 3.625   1.00 20.21 ? 81  PRO A N   1 
ATOM   540  C CA  . PRO A 1 67  ? -19.157 -11.566 2.623   1.00 21.18 ? 81  PRO A CA  1 
ATOM   541  C C   . PRO A 1 67  ? -19.633 -10.771 1.428   1.00 20.92 ? 81  PRO A C   1 
ATOM   542  O O   . PRO A 1 67  ? -19.921 -11.366 0.398   1.00 21.99 ? 81  PRO A O   1 
ATOM   543  C CB  . PRO A 1 67  ? -20.363 -12.098 3.438   1.00 22.34 ? 81  PRO A CB  1 
ATOM   544  C CG  . PRO A 1 67  ? -19.850 -12.201 4.817   1.00 22.27 ? 81  PRO A CG  1 
ATOM   545  C CD  . PRO A 1 67  ? -18.877 -11.055 4.990   1.00 22.16 ? 81  PRO A CD  1 
ATOM   546  N N   . THR A 1 68  ? -19.693 -9.435  1.533   1.00 21.84 ? 82  THR A N   1 
ATOM   547  C CA  . THR A 1 68  ? -20.155 -8.612  0.417   1.00 23.11 ? 82  THR A CA  1 
ATOM   548  C C   . THR A 1 68  ? -19.154 -8.555  -0.748  1.00 23.12 ? 82  THR A C   1 
ATOM   549  O O   . THR A 1 68  ? -19.545 -8.354  -1.899  1.00 22.74 ? 82  THR A O   1 
ATOM   550  C CB  . THR A 1 68  ? -20.476 -7.147  0.818   1.00 24.53 ? 82  THR A CB  1 
ATOM   551  O OG1 . THR A 1 68  ? -19.261 -6.407  1.060   1.00 25.47 ? 82  THR A OG1 1 
ATOM   552  C CG2 . THR A 1 68  ? -21.339 -7.082  2.038   1.00 24.49 ? 82  THR A CG2 1 
ATOM   553  N N   . ASP A 1 69  ? -17.868 -8.749  -0.446  1.00 23.52 ? 83  ASP A N   1 
ATOM   554  C CA  . ASP A 1 69  ? -16.815 -8.543  -1.440  1.00 22.53 ? 83  ASP A CA  1 
ATOM   555  C C   . ASP A 1 69  ? -16.899 -9.561  -2.587  1.00 23.65 ? 83  ASP A C   1 
ATOM   556  O O   . ASP A 1 69  ? -16.886 -10.759 -2.344  1.00 24.22 ? 83  ASP A O   1 
ATOM   557  C CB  . ASP A 1 69  ? -15.430 -8.625  -0.759  1.00 21.90 ? 83  ASP A CB  1 
ATOM   558  C CG  . ASP A 1 69  ? -15.199 -7.549  0.279   1.00 20.51 ? 83  ASP A CG  1 
ATOM   559  O OD1 . ASP A 1 69  ? -15.678 -6.392  0.109   1.00 21.88 ? 83  ASP A OD1 1 
ATOM   560  O OD2 . ASP A 1 69  ? -14.472 -7.806  1.274   1.00 20.74 ? 83  ASP A OD2 1 
ATOM   561  N N   . MET A 1 70  ? -16.975 -9.087  -3.829  1.00 23.50 ? 84  MET A N   1 
ATOM   562  C CA  . MET A 1 70  ? -16.995 -9.969  -4.999  1.00 26.10 ? 84  MET A CA  1 
ATOM   563  C C   . MET A 1 70  ? -15.681 -10.729 -5.166  1.00 25.67 ? 84  MET A C   1 
ATOM   564  O O   . MET A 1 70  ? -15.659 -11.857 -5.664  1.00 26.45 ? 84  MET A O   1 
ATOM   565  C CB  . MET A 1 70  ? -17.275 -9.177  -6.279  1.00 28.49 ? 84  MET A CB  1 
ATOM   566  C CG  . MET A 1 70  ? -18.668 -8.575  -6.378  1.00 32.28 ? 84  MET A CG  1 
ATOM   567  S SD  . MET A 1 70  ? -19.943 -9.828  -6.584  1.00 35.93 ? 84  MET A SD  1 
ATOM   568  C CE  . MET A 1 70  ? -19.595 -10.498 -8.206  1.00 37.97 ? 84  MET A CE  1 
ATOM   569  N N   . ASP A 1 71  ? -14.590 -10.082 -4.763  1.00 23.92 ? 85  ASP A N   1 
ATOM   570  C CA  . ASP A 1 71  ? -13.259 -10.657 -4.867  1.00 24.15 ? 85  ASP A CA  1 
ATOM   571  C C   . ASP A 1 71  ? -12.291 -9.927  -3.917  1.00 21.68 ? 85  ASP A C   1 
ATOM   572  O O   . ASP A 1 71  ? -12.697 -9.034  -3.170  1.00 20.16 ? 85  ASP A O   1 
ATOM   573  C CB  . ASP A 1 71  ? -12.792 -10.648 -6.331  1.00 25.74 ? 85  ASP A CB  1 
ATOM   574  C CG  . ASP A 1 71  ? -12.731 -9.258  -6.951  1.00 26.27 ? 85  ASP A CG  1 
ATOM   575  O OD1 . ASP A 1 71  ? -12.678 -8.237  -6.230  1.00 26.12 ? 85  ASP A OD1 1 
ATOM   576  O OD2 . ASP A 1 71  ? -12.716 -9.194  -8.197  1.00 29.91 ? 85  ASP A OD2 1 
ATOM   577  N N   . ASP A 1 72  ? -11.012 -10.314 -3.933  1.00 20.30 ? 86  ASP A N   1 
ATOM   578  C CA  . ASP A 1 72  ? -10.038 -9.757  -3.013  1.00 19.91 ? 86  ASP A CA  1 
ATOM   579  C C   . ASP A 1 72  ? -9.735  -8.283  -3.302  1.00 17.97 ? 86  ASP A C   1 
ATOM   580  O O   . ASP A 1 72  ? -9.447  -7.536  -2.373  1.00 18.62 ? 86  ASP A O   1 
ATOM   581  C CB  . ASP A 1 72  ? -8.747  -10.603 -3.006  1.00 20.34 ? 86  ASP A CB  1 
ATOM   582  C CG  . ASP A 1 72  ? -8.928  -11.930 -2.278  1.00 22.85 ? 86  ASP A CG  1 
ATOM   583  O OD1 . ASP A 1 72  ? -9.715  -11.975 -1.299  1.00 21.62 ? 86  ASP A OD1 1 
ATOM   584  O OD2 . ASP A 1 72  ? -8.269  -12.926 -2.666  1.00 22.96 ? 86  ASP A OD2 1 
ATOM   585  N N   . ALA A 1 73  ? -9.785  -7.897  -4.567  1.00 18.52 ? 87  ALA A N   1 
ATOM   586  C CA  . ALA A 1 73  ? -9.593  -6.486  -4.952  1.00 18.52 ? 87  ALA A CA  1 
ATOM   587  C C   . ALA A 1 73  ? -10.699 -5.620  -4.329  1.00 18.14 ? 87  ALA A C   1 
ATOM   588  O O   . ALA A 1 73  ? -10.442 -4.524  -3.809  1.00 18.60 ? 87  ALA A O   1 
ATOM   589  C CB  . ALA A 1 73  ? -9.581  -6.334  -6.453  1.00 19.80 ? 87  ALA A CB  1 
ATOM   590  N N   . ALA A 1 74  ? -11.925 -6.136  -4.346  1.00 18.76 ? 88  ALA A N   1 
ATOM   591  C CA  . ALA A 1 74  ? -13.047 -5.418  -3.722  1.00 19.24 ? 88  ALA A CA  1 
ATOM   592  C C   . ALA A 1 74  ? -12.835 -5.155  -2.238  1.00 18.69 ? 88  ALA A C   1 
ATOM   593  O O   . ALA A 1 74  ? -13.169 -4.073  -1.741  1.00 19.08 ? 88  ALA A O   1 
ATOM   594  C CB  . ALA A 1 74  ? -14.361 -6.151  -3.965  1.00 19.65 ? 88  ALA A CB  1 
ATOM   595  N N   . THR A 1 75  ? -12.272 -6.130  -1.511  1.00 17.82 ? 89  THR A N   1 
ATOM   596  C CA  . THR A 1 75  ? -11.893 -5.921  -0.123  1.00 17.91 ? 89  THR A CA  1 
ATOM   597  C C   . THR A 1 75  ? -11.012 -4.681  0.059   1.00 18.39 ? 89  THR A C   1 
ATOM   598  O O   . THR A 1 75  ? -11.274 -3.808  0.909   1.00 17.96 ? 89  THR A O   1 
ATOM   599  C CB  . THR A 1 75  ? -11.157 -7.162  0.456   1.00 18.65 ? 89  THR A CB  1 
ATOM   600  O OG1 . THR A 1 75  ? -11.975 -8.325  0.264   1.00 19.65 ? 89  THR A OG1 1 
ATOM   601  C CG2 . THR A 1 75  ? -10.816 -6.958  1.908   1.00 18.86 ? 89  THR A CG2 1 
ATOM   602  N N   . ALA A 1 76  ? -9.952  -4.620  -0.745  1.00 17.83 ? 90  ALA A N   1 
ATOM   603  C CA  . ALA A 1 76  ? -8.999  -3.523  -0.668  1.00 17.60 ? 90  ALA A CA  1 
ATOM   604  C C   . ALA A 1 76  ? -9.690  -2.166  -0.913  1.00 17.56 ? 90  ALA A C   1 
ATOM   605  O O   . ALA A 1 76  ? -9.468  -1.221  -0.166  1.00 19.08 ? 90  ALA A O   1 
ATOM   606  C CB  . ALA A 1 76  ? -7.876  -3.730  -1.677  1.00 17.90 ? 90  ALA A CB  1 
ATOM   607  N N   . LEU A 1 77  ? -10.538 -2.115  -1.930  1.00 18.63 ? 91  LEU A N   1 
ATOM   608  C CA  . LEU A 1 77  ? -11.231 -0.873  -2.299  1.00 20.27 ? 91  LEU A CA  1 
ATOM   609  C C   . LEU A 1 77  ? -12.262 -0.447  -1.250  1.00 20.61 ? 91  LEU A C   1 
ATOM   610  O O   . LEU A 1 77  ? -12.307 0.718   -0.882  1.00 19.78 ? 91  LEU A O   1 
ATOM   611  C CB  . LEU A 1 77  ? -11.886 -0.995  -3.658  1.00 22.06 ? 91  LEU A CB  1 
ATOM   612  C CG  . LEU A 1 77  ? -10.942 -1.208  -4.847  1.00 24.14 ? 91  LEU A CG  1 
ATOM   613  C CD1 . LEU A 1 77  ? -11.728 -1.020  -6.136  1.00 26.62 ? 91  LEU A CD1 1 
ATOM   614  C CD2 . LEU A 1 77  ? -9.740  -0.272  -4.794  1.00 25.01 ? 91  LEU A CD2 1 
ATOM   615  N N   . ARG A 1 78  ? -13.032 -1.399  -0.729  1.00 20.12 ? 92  ARG A N   1 
ATOM   616  C CA  . ARG A 1 78  ? -14.015 -1.104  0.340   1.00 20.15 ? 92  ARG A CA  1 
ATOM   617  C C   . ARG A 1 78  ? -13.347 -0.531  1.583   1.00 20.35 ? 92  ARG A C   1 
ATOM   618  O O   . ARG A 1 78  ? -13.793 0.490   2.160   1.00 20.88 ? 92  ARG A O   1 
ATOM   619  C CB  . ARG A 1 78  ? -14.812 -2.371  0.702   1.00 20.33 ? 92  ARG A CB  1 
ATOM   620  C CG  . ARG A 1 78  ? -15.858 -2.176  1.806   1.00 21.77 ? 92  ARG A CG  1 
ATOM   621  C CD  . ARG A 1 78  ? -16.677 -3.432  2.096   1.00 22.33 ? 92  ARG A CD  1 
ATOM   622  N NE  . ARG A 1 78  ? -15.820 -4.611  2.312   1.00 20.82 ? 92  ARG A NE  1 
ATOM   623  C CZ  . ARG A 1 78  ? -15.102 -4.863  3.400   1.00 21.44 ? 92  ARG A CZ  1 
ATOM   624  N NH1 . ARG A 1 78  ? -15.117 -4.056  4.459   1.00 22.48 ? 92  ARG A NH1 1 
ATOM   625  N NH2 . ARG A 1 78  ? -14.327 -5.955  3.431   1.00 21.57 ? 92  ARG A NH2 1 
ATOM   626  N N   . GLU A 1 79  ? -12.268 -1.183  2.019   1.00 20.70 ? 93  GLU A N   1 
ATOM   627  C CA  . GLU A 1 79  ? -11.546 -0.739  3.195   1.00 20.70 ? 93  GLU A CA  1 
ATOM   628  C C   . GLU A 1 79  ? -10.872 0.623   2.968   1.00 20.99 ? 93  GLU A C   1 
ATOM   629  O O   . GLU A 1 79  ? -10.895 1.474   3.863   1.00 20.75 ? 93  GLU A O   1 
ATOM   630  C CB  . GLU A 1 79  ? -10.541 -1.804  3.672   1.00 23.34 ? 93  GLU A CB  1 
ATOM   631  C CG  . GLU A 1 79  ? -11.209 -3.062  4.242   1.00 25.66 ? 93  GLU A CG  1 
ATOM   632  C CD  . GLU A 1 79  ? -11.697 -2.956  5.680   1.00 29.16 ? 93  GLU A CD  1 
ATOM   633  O OE1 . GLU A 1 79  ? -11.211 -2.132  6.450   1.00 34.29 ? 93  GLU A OE1 1 
ATOM   634  O OE2 . GLU A 1 79  ? -12.581 -3.735  6.057   1.00 36.81 ? 93  GLU A OE2 1 
ATOM   635  N N   . ALA A 1 80  ? -10.291 0.836   1.782   1.00 20.39 ? 94  ALA A N   1 
ATOM   636  C CA  . ALA A 1 80  ? -9.686  2.122   1.454   1.00 21.05 ? 94  ALA A CA  1 
ATOM   637  C C   . ALA A 1 80  ? -10.725 3.264   1.506   1.00 22.52 ? 94  ALA A C   1 
ATOM   638  O O   . ALA A 1 80  ? -10.419 4.350   2.010   1.00 22.97 ? 94  ALA A O   1 
ATOM   639  C CB  . ALA A 1 80  ? -9.003  2.086   0.101   1.00 22.03 ? 94  ALA A CB  1 
ATOM   640  N N   . GLN A 1 81  ? -11.926 3.004   1.011   1.00 21.75 ? 95  GLN A N   1 
ATOM   641  C CA  . GLN A 1 81  ? -13.013 4.006   1.072   1.00 23.42 ? 95  GLN A CA  1 
ATOM   642  C C   . GLN A 1 81  ? -13.356 4.342   2.530   1.00 24.83 ? 95  GLN A C   1 
ATOM   643  O O   . GLN A 1 81  ? -13.425 5.522   2.911   1.00 24.03 ? 95  GLN A O   1 
ATOM   644  C CB  . GLN A 1 81  ? -14.253 3.550   0.307   1.00 24.49 ? 95  GLN A CB  1 
ATOM   645  C CG  . GLN A 1 81  ? -15.300 4.675   0.184   1.00 27.23 ? 95  GLN A CG  1 
ATOM   646  C CD  . GLN A 1 81  ? -16.361 4.458   -0.886  1.00 29.46 ? 95  GLN A CD  1 
ATOM   647  O OE1 . GLN A 1 81  ? -16.349 3.485   -1.630  1.00 34.82 ? 95  GLN A OE1 1 
ATOM   648  N NE2 . GLN A 1 81  ? -17.299 5.395   -0.965  1.00 37.34 ? 95  GLN A NE2 1 
ATOM   649  N N   . GLU A 1 82  ? -13.522 3.314   3.354   1.00 24.43 ? 96  GLU A N   1 
ATOM   650  C CA  . GLU A 1 82  ? -13.826 3.519   4.781   1.00 25.55 ? 96  GLU A CA  1 
ATOM   651  C C   . GLU A 1 82  ? -12.745 4.302   5.522   1.00 24.58 ? 96  GLU A C   1 
ATOM   652  O O   . GLU A 1 82  ? -13.044 5.153   6.366   1.00 24.66 ? 96  GLU A O   1 
ATOM   653  C CB  . GLU A 1 82  ? -14.053 2.154   5.476   1.00 29.08 ? 96  GLU A CB  1 
ATOM   654  C CG  . GLU A 1 82  ? -14.554 2.264   6.909   1.00 35.74 ? 96  GLU A CG  1 
ATOM   655  C CD  . GLU A 1 82  ? -15.936 2.893   7.012   1.00 42.25 ? 96  GLU A CD  1 
ATOM   656  O OE1 . GLU A 1 82  ? -16.715 2.830   6.031   1.00 48.07 ? 96  GLU A OE1 1 
ATOM   657  O OE2 . GLU A 1 82  ? -16.246 3.458   8.084   1.00 49.77 ? 96  GLU A OE2 1 
ATOM   658  N N   . GLU A 1 83  ? -11.482 4.032   5.206   1.00 21.85 ? 97  GLU A N   1 
ATOM   659  C CA  . GLU A 1 83  ? -10.354 4.581   5.934   1.00 22.97 ? 97  GLU A CA  1 
ATOM   660  C C   . GLU A 1 83  ? -9.960  5.989   5.497   1.00 23.28 ? 97  GLU A C   1 
ATOM   661  O O   . GLU A 1 83  ? -9.630  6.818   6.350   1.00 24.25 ? 97  GLU A O   1 
ATOM   662  C CB  . GLU A 1 83  ? -9.152  3.608   5.848   1.00 23.81 ? 97  GLU A CB  1 
ATOM   663  C CG  . GLU A 1 83  ? -9.414  2.332   6.665   1.00 24.50 ? 97  GLU A CG  1 
ATOM   664  C CD  . GLU A 1 83  ? -8.670  1.077   6.215   1.00 28.34 ? 97  GLU A CD  1 
ATOM   665  O OE1 . GLU A 1 83  ? -7.872  1.161   5.267   1.00 29.03 ? 97  GLU A OE1 1 
ATOM   666  O OE2 . GLU A 1 83  ? -8.936  -0.003  6.819   1.00 29.95 ? 97  GLU A OE2 1 
ATOM   667  N N   . VAL A 1 84  ? -9.947  6.245   4.184   1.00 23.03 ? 98  VAL A N   1 
ATOM   668  C CA  . VAL A 1 84  ? -9.425  7.526   3.650   1.00 23.50 ? 98  VAL A CA  1 
ATOM   669  C C   . VAL A 1 84  ? -10.333 8.234   2.627   1.00 23.39 ? 98  VAL A C   1 
ATOM   670  O O   . VAL A 1 84  ? -9.936  9.268   2.053   1.00 25.25 ? 98  VAL A O   1 
ATOM   671  C CB  . VAL A 1 84  ? -7.991  7.369   3.079   1.00 22.95 ? 98  VAL A CB  1 
ATOM   672  C CG1 . VAL A 1 84  ? -7.056  6.762   4.117   1.00 23.69 ? 98  VAL A CG1 1 
ATOM   673  C CG2 . VAL A 1 84  ? -7.975  6.516   1.815   1.00 23.45 ? 98  VAL A CG2 1 
ATOM   674  N N   . GLY A 1 85  ? -11.526 7.695   2.397   1.00 22.75 ? 99  GLY A N   1 
ATOM   675  C CA  . GLY A 1 85  ? -12.522 8.296   1.492   1.00 23.17 ? 99  GLY A CA  1 
ATOM   676  C C   . GLY A 1 85  ? -12.321 8.064   0.014   1.00 24.82 ? 99  GLY A C   1 
ATOM   677  O O   . GLY A 1 85  ? -13.031 8.648   -0.818  1.00 25.61 ? 99  GLY A O   1 
ATOM   678  N N   . LEU A 1 86  ? -11.374 7.185   -0.333  1.00 23.05 ? 100 LEU A N   1 
ATOM   679  C CA  . LEU A 1 86  ? -11.132 6.845   -1.731  1.00 23.03 ? 100 LEU A CA  1 
ATOM   680  C C   . LEU A 1 86  ? -12.329 6.122   -2.371  1.00 23.78 ? 100 LEU A C   1 
ATOM   681  O O   . LEU A 1 86  ? -12.704 5.010   -1.962  1.00 23.19 ? 100 LEU A O   1 
ATOM   682  C CB  . LEU A 1 86  ? -9.857  5.975   -1.810  1.00 23.11 ? 100 LEU A CB  1 
ATOM   683  C CG  . LEU A 1 86  ? -9.414  5.595   -3.216  1.00 22.62 ? 100 LEU A CG  1 
ATOM   684  C CD1 . LEU A 1 86  ? -8.816  6.794   -3.958  1.00 22.48 ? 100 LEU A CD1 1 
ATOM   685  C CD2 . LEU A 1 86  ? -8.438  4.424   -3.137  1.00 23.36 ? 100 LEU A CD2 1 
ATOM   686  N N   . ARG A 1 87  ? -12.928 6.730   -3.395  1.00 25.04 ? 101 ARG A N   1 
ATOM   687  C CA  . ARG A 1 87  ? -14.066 6.151   -4.106  1.00 28.42 ? 101 ARG A CA  1 
ATOM   688  C C   . ARG A 1 87  ? -13.606 5.276   -5.289  1.00 29.68 ? 101 ARG A C   1 
ATOM   689  O O   . ARG A 1 87  ? -12.533 5.500   -5.832  1.00 25.32 ? 101 ARG A O   1 
ATOM   690  C CB  . ARG A 1 87  ? -15.027 7.256   -4.556  1.00 32.14 ? 101 ARG A CB  1 
ATOM   691  C CG  . ARG A 1 87  ? -15.750 7.908   -3.377  1.00 35.99 ? 101 ARG A CG  1 
ATOM   692  C CD  . ARG A 1 87  ? -16.252 9.304   -3.698  1.00 41.55 ? 101 ARG A CD  1 
ATOM   693  N NE  . ARG A 1 87  ? -17.371 9.293   -4.641  1.00 47.08 ? 101 ARG A NE  1 
ATOM   694  C CZ  . ARG A 1 87  ? -17.929 10.379  -5.191  1.00 51.20 ? 101 ARG A CZ  1 
ATOM   695  N NH1 . ARG A 1 87  ? -17.478 11.608  -4.914  1.00 53.07 ? 101 ARG A NH1 1 
ATOM   696  N NH2 . ARG A 1 87  ? -18.949 10.232  -6.038  1.00 51.27 ? 101 ARG A NH2 1 
HETATM 697  N N   . HYP A 1 88  ? -14.394 4.248   -5.672  1.00 33.25 ? 102 HYP A N   1 
HETATM 698  C CA  . HYP A 1 88  ? -13.965 3.372   -6.780  1.00 33.18 ? 102 HYP A CA  1 
HETATM 699  C C   . HYP A 1 88  ? -13.586 4.013   -8.083  1.00 30.52 ? 102 HYP A C   1 
HETATM 700  O O   . HYP A 1 88  ? -12.622 3.557   -8.709  1.00 31.88 ? 102 HYP A O   1 
HETATM 701  C CB  . HYP A 1 88  ? -15.103 2.379   -6.982  1.00 37.26 ? 102 HYP A CB  1 
HETATM 702  C CG  . HYP A 1 88  ? -15.710 2.287   -5.593  1.00 39.02 ? 102 HYP A CG  1 
HETATM 703  C CD  . HYP A 1 88  ? -15.544 3.672   -4.977  1.00 37.08 ? 102 HYP A CD  1 
HETATM 704  O OD1 . HYP A 1 88  ? -14.927 1.369   -4.830  1.00 45.64 ? 102 HYP A OD1 1 
ATOM   705  N N   . HIS A 1 89  ? -14.286 5.074   -8.488  1.00 27.92 ? 103 HIS A N   1 
ATOM   706  C CA  . HIS A 1 89  ? -13.929 5.790   -9.718  1.00 27.35 ? 103 HIS A CA  1 
ATOM   707  C C   . HIS A 1 89  ? -12.568 6.501   -9.636  1.00 24.57 ? 103 HIS A C   1 
ATOM   708  O O   . HIS A 1 89  ? -12.056 6.950   -10.659 1.00 24.81 ? 103 HIS A O   1 
ATOM   709  C CB  . HIS A 1 89  ? -15.025 6.786   -10.165 1.00 28.73 ? 103 HIS A CB  1 
ATOM   710  C CG  . HIS A 1 89  ? -15.177 7.983   -9.276  1.00 28.08 ? 103 HIS A CG  1 
ATOM   711  N ND1 . HIS A 1 89  ? -14.563 9.188   -9.535  1.00 28.70 ? 103 HIS A ND1 1 
ATOM   712  C CD2 . HIS A 1 89  ? -15.899 8.165   -8.145  1.00 27.48 ? 103 HIS A CD2 1 
ATOM   713  C CE1 . HIS A 1 89  ? -14.886 10.053  -8.589  1.00 26.62 ? 103 HIS A CE1 1 
ATOM   714  N NE2 . HIS A 1 89  ? -15.695 9.455   -7.734  1.00 28.32 ? 103 HIS A NE2 1 
ATOM   715  N N   . GLN A 1 90  ? -12.005 6.612   -8.433  1.00 22.54 ? 104 GLN A N   1 
ATOM   716  C CA  . GLN A 1 90  ? -10.750 7.327   -8.209  1.00 21.82 ? 104 GLN A CA  1 
ATOM   717  C C   . GLN A 1 90  ? -9.541  6.416   -8.172  1.00 21.33 ? 104 GLN A C   1 
ATOM   718  O O   . GLN A 1 90  ? -8.430  6.896   -7.943  1.00 20.99 ? 104 GLN A O   1 
ATOM   719  C CB  . GLN A 1 90  ? -10.828 8.121   -6.903  1.00 23.00 ? 104 GLN A CB  1 
ATOM   720  C CG  . GLN A 1 90  ? -11.979 9.123   -6.877  1.00 23.99 ? 104 GLN A CG  1 
ATOM   721  C CD  . GLN A 1 90  ? -11.963 9.989   -5.638  1.00 25.95 ? 104 GLN A CD  1 
ATOM   722  O OE1 . GLN A 1 90  ? -11.807 11.223  -5.715  1.00 30.68 ? 104 GLN A OE1 1 
ATOM   723  N NE2 . GLN A 1 90  ? -12.100 9.367   -4.495  1.00 22.66 ? 104 GLN A NE2 1 
ATOM   724  N N   . VAL A 1 91  ? -9.748  5.116   -8.417  1.00 21.03 ? 105 VAL A N   1 
ATOM   725  C CA  . VAL A 1 91  ? -8.666  4.151   -8.396  1.00 21.35 ? 105 VAL A CA  1 
ATOM   726  C C   . VAL A 1 91  ? -8.767  3.144   -9.551  1.00 21.59 ? 105 VAL A C   1 
ATOM   727  O O   . VAL A 1 91  ? -9.853  2.620   -9.854  1.00 22.32 ? 105 VAL A O   1 
ATOM   728  C CB  . VAL A 1 91  ? -8.591  3.448   -7.020  1.00 24.11 ? 105 VAL A CB  1 
ATOM   729  C CG1 . VAL A 1 91  ? -9.937  2.883   -6.611  1.00 26.07 ? 105 VAL A CG1 1 
ATOM   730  C CG2 . VAL A 1 91  ? -7.495  2.383   -7.011  1.00 24.00 ? 105 VAL A CG2 1 
ATOM   731  N N   . GLU A 1 92  ? -7.630  2.911   -10.207 1.00 20.30 ? 106 GLU A N   1 
ATOM   732  C CA  . GLU A 1 92  ? -7.512  1.855   -11.208 1.00 22.25 ? 106 GLU A CA  1 
ATOM   733  C C   . GLU A 1 92  ? -6.626  0.760   -10.610 1.00 20.96 ? 106 GLU A C   1 
ATOM   734  O O   . GLU A 1 92  ? -5.431  0.992   -10.409 1.00 20.44 ? 106 GLU A O   1 
ATOM   735  C CB  . GLU A 1 92  ? -6.885  2.390   -12.491 1.00 24.44 ? 106 GLU A CB  1 
ATOM   736  C CG  . GLU A 1 92  ? -6.811  1.343   -13.598 1.00 28.05 ? 106 GLU A CG  1 
ATOM   737  C CD  . GLU A 1 92  ? -6.068  1.798   -14.843 1.00 30.08 ? 106 GLU A CD  1 
ATOM   738  O OE1 . GLU A 1 92  ? -5.615  2.956   -14.920 1.00 35.58 ? 106 GLU A OE1 1 
ATOM   739  O OE2 . GLU A 1 92  ? -5.922  0.956   -15.751 1.00 36.98 ? 106 GLU A OE2 1 
ATOM   740  N N   . VAL A 1 93  ? -7.215  -0.404  -10.335 1.00 21.39 ? 107 VAL A N   1 
ATOM   741  C CA  . VAL A 1 93  ? -6.447  -1.553  -9.827  1.00 21.68 ? 107 VAL A CA  1 
ATOM   742  C C   . VAL A 1 93  ? -5.710  -2.176  -11.013 1.00 22.37 ? 107 VAL A C   1 
ATOM   743  O O   . VAL A 1 93  ? -6.342  -2.588  -11.993 1.00 23.17 ? 107 VAL A O   1 
ATOM   744  C CB  . VAL A 1 93  ? -7.346  -2.577  -9.113  1.00 22.74 ? 107 VAL A CB  1 
ATOM   745  C CG1 . VAL A 1 93  ? -6.526  -3.786  -8.669  1.00 23.21 ? 107 VAL A CG1 1 
ATOM   746  C CG2 . VAL A 1 93  ? -8.043  -1.913  -7.937  1.00 22.67 ? 107 VAL A CG2 1 
ATOM   747  N N   . VAL A 1 94  ? -4.380  -2.215  -10.917 1.00 22.47 ? 108 VAL A N   1 
ATOM   748  C CA  . VAL A 1 94  ? -3.502  -2.592  -12.027 1.00 24.02 ? 108 VAL A CA  1 
ATOM   749  C C   . VAL A 1 94  ? -3.087  -4.051  -11.901 1.00 24.54 ? 108 VAL A C   1 
ATOM   750  O O   . VAL A 1 94  ? -3.007  -4.766  -12.911 1.00 26.15 ? 108 VAL A O   1 
ATOM   751  C CB  . VAL A 1 94  ? -2.238  -1.692  -12.057 1.00 26.50 ? 108 VAL A CB  1 
ATOM   752  C CG1 . VAL A 1 94  ? -1.313  -2.093  -13.198 1.00 29.90 ? 108 VAL A CG1 1 
ATOM   753  C CG2 . VAL A 1 94  ? -2.637  -0.227  -12.201 1.00 29.63 ? 108 VAL A CG2 1 
HETATM 754  N N   . CSO A 1 95  ? -2.791  -4.483  -10.680 1.00 21.89 ? 109 CSO A N   1 
HETATM 755  C CA  . CSO A 1 95  ? -2.384  -5.863  -10.458 1.00 23.61 ? 109 CSO A CA  1 
HETATM 756  C CB  . CSO A 1 95  ? -0.972  -6.017  -10.970 1.00 25.12 ? 109 CSO A CB  1 
HETATM 757  S SG  . CSO A 1 95  ? 0.150   -5.153  -9.957  1.00 27.78 ? 109 CSO A SG  1 
HETATM 758  C C   . CSO A 1 95  ? -2.451  -6.314  -9.028  1.00 22.87 ? 109 CSO A C   1 
HETATM 759  O O   . CSO A 1 95  ? -2.630  -5.524  -8.084  1.00 21.40 ? 109 CSO A O   1 
HETATM 760  O OD  . CSO A 1 95  ? 1.073   -6.573  -9.693  1.00 33.18 ? 109 CSO A OD  1 
ATOM   761  N N   . CYS A 1 96  ? -2.307  -7.625  -8.888  1.00 22.45 ? 110 CYS A N   1 
ATOM   762  C CA  . CYS A 1 96  ? -2.225  -8.306  -7.642  1.00 23.95 ? 110 CYS A CA  1 
ATOM   763  C C   . CYS A 1 96  ? -0.791  -8.845  -7.487  1.00 24.25 ? 110 CYS A C   1 
ATOM   764  O O   . CYS A 1 96  ? -0.335  -9.615  -8.328  1.00 23.91 ? 110 CYS A O   1 
ATOM   765  C CB  . CYS A 1 96  ? -3.235  -9.455  -7.715  1.00 28.93 ? 110 CYS A CB  1 
ATOM   766  S SG  . CYS A 1 96  ? -3.264  -10.505 -6.297  1.00 34.31 ? 110 CYS A SG  1 
ATOM   767  N N   . LEU A 1 97  ? -0.084  -8.413  -6.452  1.00 22.67 ? 111 LEU A N   1 
ATOM   768  C CA  . LEU A 1 97  ? 1.286   -8.849  -6.207  1.00 24.13 ? 111 LEU A CA  1 
ATOM   769  C C   . LEU A 1 97  ? 1.293   -10.091 -5.315  1.00 25.13 ? 111 LEU A C   1 
ATOM   770  O O   . LEU A 1 97  ? 0.243   -10.545 -4.846  1.00 23.15 ? 111 LEU A O   1 
ATOM   771  C CB  . LEU A 1 97  ? 2.141   -7.722  -5.607  1.00 24.76 ? 111 LEU A CB  1 
ATOM   772  C CG  . LEU A 1 97  ? 2.478   -6.558  -6.554  1.00 25.91 ? 111 LEU A CG  1 
ATOM   773  C CD1 . LEU A 1 97  ? 3.286   -5.517  -5.805  1.00 26.64 ? 111 LEU A CD1 1 
ATOM   774  C CD2 . LEU A 1 97  ? 3.237   -6.994  -7.785  1.00 26.11 ? 111 LEU A CD2 1 
ATOM   775  N N   . VAL A 1 98  ? 2.486   -10.657 -5.131  1.00 27.07 ? 112 VAL A N   1 
ATOM   776  C CA  . VAL A 1 98  ? 2.658   -11.844 -4.276  1.00 28.27 ? 112 VAL A CA  1 
ATOM   777  C C   . VAL A 1 98  ? 1.986   -11.690 -2.914  1.00 25.18 ? 112 VAL A C   1 
ATOM   778  O O   . VAL A 1 98  ? 2.263   -10.746 -2.173  1.00 25.48 ? 112 VAL A O   1 
ATOM   779  C CB  . VAL A 1 98  ? 4.152   -12.238 -4.051  1.00 31.28 ? 112 VAL A CB  1 
ATOM   780  C CG1 . VAL A 1 98  ? 4.734   -12.843 -5.321  1.00 34.63 ? 112 VAL A CG1 1 
ATOM   781  C CG2 . VAL A 1 98  ? 4.991   -11.084 -3.513  1.00 32.24 ? 112 VAL A CG2 1 
ATOM   782  N N   . PRO A 1 99  ? 1.094   -12.635 -2.565  1.00 24.11 ? 113 PRO A N   1 
ATOM   783  C CA  . PRO A 1 99  ? 0.506   -12.561 -1.238  1.00 24.00 ? 113 PRO A CA  1 
ATOM   784  C C   . PRO A 1 99  ? 1.474   -12.878 -0.120  1.00 22.88 ? 113 PRO A C   1 
ATOM   785  O O   . PRO A 1 99  ? 2.519   -13.575 -0.356  1.00 24.80 ? 113 PRO A O   1 
ATOM   786  C CB  . PRO A 1 99  ? -0.620  -13.592 -1.293  1.00 24.62 ? 113 PRO A CB  1 
ATOM   787  C CG  . PRO A 1 99  ? -0.158  -14.591 -2.268  1.00 26.73 ? 113 PRO A CG  1 
ATOM   788  C CD  . PRO A 1 99  ? 0.569   -13.777 -3.325  1.00 25.85 ? 113 PRO A CD  1 
ATOM   789  N N   A CYS A 1 100 ? 1.133   -12.426 1.077   0.29 19.53 ? 114 CYS A N   1 
ATOM   790  N N   B CYS A 1 100 ? 1.158   -12.370 1.074   0.20 20.34 ? 114 CYS A N   1 
ATOM   791  C CA  A CYS A 1 100 ? 1.977   -12.558 2.245   0.29 19.01 ? 114 CYS A CA  1 
ATOM   792  C CA  B CYS A 1 100 ? 1.954   -12.545 2.292   0.20 19.72 ? 114 CYS A CA  1 
ATOM   793  C C   A CYS A 1 100 ? 1.292   -13.511 3.249   0.29 18.91 ? 114 CYS A C   1 
ATOM   794  C C   B CYS A 1 100 ? 1.264   -13.547 3.213   0.20 19.65 ? 114 CYS A C   1 
ATOM   795  O O   A CYS A 1 100 ? 0.148   -13.307 3.627   0.29 15.57 ? 114 CYS A O   1 
ATOM   796  O O   B CYS A 1 100 ? 0.091   -13.386 3.531   0.20 17.12 ? 114 CYS A O   1 
ATOM   797  C CB  A CYS A 1 100 ? 2.239   -11.153 2.807   0.29 18.79 ? 114 CYS A CB  1 
ATOM   798  C CB  B CYS A 1 100 ? 2.092   -11.204 3.026   0.20 19.27 ? 114 CYS A CB  1 
ATOM   799  S SG  A CYS A 1 100 ? 2.954   -10.023 1.550   0.29 19.37 ? 114 CYS A SG  1 
ATOM   800  S SG  B CYS A 1 100 ? 2.932   -11.276 4.633   0.20 19.64 ? 114 CYS A SG  1 
ATOM   801  N N   . LEU A 1 101 ? 1.992   -14.578 3.634   1.00 21.39 ? 115 LEU A N   1 
ATOM   802  C CA  . LEU A 1 101 ? 1.469   -15.567 4.587   1.00 23.13 ? 115 LEU A CA  1 
ATOM   803  C C   . LEU A 1 101 ? 1.863   -15.174 5.992   1.00 23.67 ? 115 LEU A C   1 
ATOM   804  O O   . LEU A 1 101 ? 3.039   -14.941 6.250   1.00 25.87 ? 115 LEU A O   1 
ATOM   805  C CB  . LEU A 1 101 ? 2.066   -16.949 4.291   1.00 25.00 ? 115 LEU A CB  1 
ATOM   806  C CG  . LEU A 1 101 ? 1.878   -17.490 2.879   1.00 27.59 ? 115 LEU A CG  1 
ATOM   807  C CD1 . LEU A 1 101 ? 2.668   -18.784 2.690   1.00 28.81 ? 115 LEU A CD1 1 
ATOM   808  C CD2 . LEU A 1 101 ? 0.397   -17.714 2.605   1.00 30.82 ? 115 LEU A CD2 1 
ATOM   809  N N   . ILE A 1 102 ? 0.906   -15.116 6.920   1.00 25.42 ? 116 ILE A N   1 
ATOM   810  C CA  . ILE A 1 102 ? 1.243   -14.887 8.331   1.00 26.96 ? 116 ILE A CA  1 
ATOM   811  C C   . ILE A 1 102 ? 0.441   -15.766 9.284   1.00 26.79 ? 116 ILE A C   1 
ATOM   812  O O   . ILE A 1 102 ? -0.674  -16.186 8.962   1.00 26.27 ? 116 ILE A O   1 
ATOM   813  C CB  . ILE A 1 102 ? 1.106   -13.391 8.735   1.00 32.13 ? 116 ILE A CB  1 
ATOM   814  C CG1 . ILE A 1 102 ? -0.328  -12.893 8.584   1.00 33.14 ? 116 ILE A CG1 1 
ATOM   815  C CG2 . ILE A 1 102 ? 2.051   -12.515 7.916   1.00 33.90 ? 116 ILE A CG2 1 
ATOM   816  C CD1 . ILE A 1 102 ? -0.564  -11.561 9.277   1.00 37.44 ? 116 ILE A CD1 1 
ATOM   817  N N   . ASP A 1 103 ? 1.040   -16.055 10.437  1.00 28.09 ? 117 ASP A N   1 
ATOM   818  C CA  . ASP A 1 103 ? 0.390   -16.725 11.573  1.00 30.37 ? 117 ASP A CA  1 
ATOM   819  C C   . ASP A 1 103 ? -0.144  -18.131 11.298  1.00 28.12 ? 117 ASP A C   1 
ATOM   820  O O   . ASP A 1 103 ? -0.985  -18.615 12.043  1.00 29.54 ? 117 ASP A O   1 
ATOM   821  C CB  . ASP A 1 103 ? -0.746  -15.848 12.142  1.00 34.22 ? 117 ASP A CB  1 
ATOM   822  C CG  . ASP A 1 103 ? -0.253  -14.509 12.677  1.00 41.13 ? 117 ASP A CG  1 
ATOM   823  O OD1 . ASP A 1 103 ? 0.927   -14.418 13.075  1.00 48.69 ? 117 ASP A OD1 1 
ATOM   824  O OD2 . ASP A 1 103 ? -1.061  -13.549 12.718  1.00 46.30 ? 117 ASP A OD2 1 
ATOM   825  N N   . THR A 1 104 ? 0.339   -18.764 10.222  1.00 25.11 ? 118 THR A N   1 
ATOM   826  C CA  . THR A 1 104 ? -0.069  -20.101 9.770   1.00 25.49 ? 118 THR A CA  1 
ATOM   827  C C   . THR A 1 104 ? -1.464  -20.204 9.153   1.00 25.16 ? 118 THR A C   1 
ATOM   828  O O   . THR A 1 104 ? -1.735  -21.177 8.458   1.00 27.08 ? 118 THR A O   1 
ATOM   829  C CB  . THR A 1 104 ? 0.089   -21.210 10.858  1.00 26.74 ? 118 THR A CB  1 
ATOM   830  O OG1 . THR A 1 104 ? -0.965  -21.139 11.829  1.00 26.89 ? 118 THR A OG1 1 
ATOM   831  C CG2 . THR A 1 104 ? 1.429   -21.112 11.553  1.00 26.95 ? 118 THR A CG2 1 
ATOM   832  N N   . ASP A 1 105 ? -2.353  -19.227 9.385   1.00 23.50 ? 119 ASP A N   1 
ATOM   833  C CA  . ASP A 1 105 ? -3.738  -19.339 8.943   1.00 23.47 ? 119 ASP A CA  1 
ATOM   834  C C   . ASP A 1 105 ? -4.272  -18.107 8.190   1.00 21.93 ? 119 ASP A C   1 
ATOM   835  O O   . ASP A 1 105 ? -5.480  -18.029 7.930   1.00 21.69 ? 119 ASP A O   1 
ATOM   836  C CB  . ASP A 1 105 ? -4.648  -19.610 10.155  1.00 25.87 ? 119 ASP A CB  1 
ATOM   837  C CG  . ASP A 1 105 ? -4.589  -18.503 11.204  1.00 28.79 ? 119 ASP A CG  1 
ATOM   838  O OD1 . ASP A 1 105 ? -3.983  -17.420 10.958  1.00 29.08 ? 119 ASP A OD1 1 
ATOM   839  O OD2 . ASP A 1 105 ? -5.137  -18.727 12.312  1.00 34.49 ? 119 ASP A OD2 1 
ATOM   840  N N   . THR A 1 106 ? -3.378  -17.204 7.791   1.00 21.72 ? 120 THR A N   1 
ATOM   841  C CA  . THR A 1 106 ? -3.796  -15.910 7.262   1.00 22.47 ? 120 THR A CA  1 
ATOM   842  C C   . THR A 1 106 ? -3.036  -15.611 5.971   1.00 22.67 ? 120 THR A C   1 
ATOM   843  O O   . THR A 1 106 ? -1.834  -15.918 5.856   1.00 23.19 ? 120 THR A O   1 
ATOM   844  C CB  . THR A 1 106 ? -3.594  -14.812 8.322   1.00 24.75 ? 120 THR A CB  1 
ATOM   845  O OG1 . THR A 1 106 ? -4.407  -15.113 9.465   1.00 24.90 ? 120 THR A OG1 1 
ATOM   846  C CG2 . THR A 1 106 ? -3.992  -13.441 7.761   1.00 24.78 ? 120 THR A CG2 1 
ATOM   847  N N   . LEU A 1 107 ? -3.754  -15.057 4.995   1.00 21.28 ? 121 LEU A N   1 
ATOM   848  C CA  . LEU A 1 107 ? -3.167  -14.686 3.714   1.00 20.92 ? 121 LEU A CA  1 
ATOM   849  C C   . LEU A 1 107 ? -3.577  -13.243 3.406   1.00 21.25 ? 121 LEU A C   1 
ATOM   850  O O   . LEU A 1 107 ? -4.775  -12.926 3.377   1.00 19.47 ? 121 LEU A O   1 
ATOM   851  C CB  . LEU A 1 107 ? -3.633  -15.643 2.624   1.00 23.14 ? 121 LEU A CB  1 
ATOM   852  C CG  . LEU A 1 107 ? -2.981  -15.524 1.228   1.00 25.48 ? 121 LEU A CG  1 
ATOM   853  C CD1 . LEU A 1 107 ? -2.903  -16.870 0.514   1.00 28.29 ? 121 LEU A CD1 1 
ATOM   854  C CD2 . LEU A 1 107 ? -3.733  -14.549 0.342   1.00 27.40 ? 121 LEU A CD2 1 
ATOM   855  N N   . ILE A 1 108 ? -2.585  -12.389 3.197   1.00 19.86 ? 122 ILE A N   1 
ATOM   856  C CA  . ILE A 1 108 ? -2.814  -10.965 2.906   1.00 20.47 ? 122 ILE A CA  1 
ATOM   857  C C   . ILE A 1 108 ? -2.456  -10.726 1.440   1.00 20.57 ? 122 ILE A C   1 
ATOM   858  O O   . ILE A 1 108 ? -1.301  -10.964 1.044   1.00 20.85 ? 122 ILE A O   1 
ATOM   859  C CB  . ILE A 1 108 ? -1.967  -10.052 3.818   1.00 22.28 ? 122 ILE A CB  1 
ATOM   860  C CG1 . ILE A 1 108 ? -2.242  -10.341 5.315   1.00 24.85 ? 122 ILE A CG1 1 
ATOM   861  C CG2 . ILE A 1 108 ? -2.226  -8.570  3.488   1.00 23.61 ? 122 ILE A CG2 1 
ATOM   862  C CD1 . ILE A 1 108 ? -1.182  -9.788  6.243   1.00 27.66 ? 122 ILE A CD1 1 
ATOM   863  N N   . THR A 1 109 ? -3.415  -10.259 0.642   1.00 18.24 ? 123 THR A N   1 
ATOM   864  C CA  . THR A 1 109 ? -3.240  -10.088 -0.789  1.00 19.21 ? 123 THR A CA  1 
ATOM   865  C C   . THR A 1 109 ? -3.087  -8.582  -1.086  1.00 19.56 ? 123 THR A C   1 
ATOM   866  O O   . THR A 1 109 ? -4.006  -7.818  -0.799  1.00 18.16 ? 123 THR A O   1 
ATOM   867  C CB  . THR A 1 109 ? -4.414  -10.641 -1.596  1.00 21.30 ? 123 THR A CB  1 
ATOM   868  O OG1 . THR A 1 109 ? -4.581  -12.038 -1.296  1.00 22.59 ? 123 THR A OG1 1 
ATOM   869  C CG2 . THR A 1 109 ? -4.173  -10.508 -3.083  1.00 22.84 ? 123 THR A CG2 1 
ATOM   870  N N   . PRO A 1 110 ? -1.930  -8.165  -1.639  1.00 18.95 ? 124 PRO A N   1 
ATOM   871  C CA  . PRO A 1 110 ? -1.696  -6.747  -1.988  1.00 18.31 ? 124 PRO A CA  1 
ATOM   872  C C   . PRO A 1 110 ? -2.063  -6.430  -3.445  1.00 18.21 ? 124 PRO A C   1 
ATOM   873  O O   . PRO A 1 110 ? -1.699  -7.168  -4.389  1.00 19.69 ? 124 PRO A O   1 
ATOM   874  C CB  . PRO A 1 110 ? -0.201  -6.570  -1.741  1.00 19.11 ? 124 PRO A CB  1 
ATOM   875  C CG  . PRO A 1 110 ? 0.399   -7.916  -1.951  1.00 20.30 ? 124 PRO A CG  1 
ATOM   876  C CD  . PRO A 1 110 ? -0.691  -8.954  -1.794  1.00 19.75 ? 124 PRO A CD  1 
ATOM   877  N N   . PHE A 1 111 ? -2.796  -5.331  -3.645  1.00 16.57 ? 125 PHE A N   1 
ATOM   878  C CA  . PHE A 1 111 ? -3.149  -4.840  -4.961  1.00 16.97 ? 125 PHE A CA  1 
ATOM   879  C C   . PHE A 1 111 ? -2.528  -3.475  -5.168  1.00 17.55 ? 125 PHE A C   1 
ATOM   880  O O   . PHE A 1 111 ? -2.562  -2.672  -4.249  1.00 18.54 ? 125 PHE A O   1 
ATOM   881  C CB  . PHE A 1 111 ? -4.661  -4.713  -5.086  1.00 16.88 ? 125 PHE A CB  1 
ATOM   882  C CG  . PHE A 1 111 ? -5.353  -6.039  -5.079  1.00 17.41 ? 125 PHE A CG  1 
ATOM   883  C CD1 . PHE A 1 111 ? -5.699  -6.623  -3.875  1.00 18.26 ? 125 PHE A CD1 1 
ATOM   884  C CD2 . PHE A 1 111 ? -5.627  -6.707  -6.265  1.00 17.88 ? 125 PHE A CD2 1 
ATOM   885  C CE1 . PHE A 1 111 ? -6.312  -7.869  -3.849  1.00 18.97 ? 125 PHE A CE1 1 
ATOM   886  C CE2 . PHE A 1 111 ? -6.245  -7.953  -6.241  1.00 19.50 ? 125 PHE A CE2 1 
ATOM   887  C CZ  . PHE A 1 111 ? -6.568  -8.529  -5.031  1.00 18.15 ? 125 PHE A CZ  1 
ATOM   888  N N   . VAL A 1 112 ? -1.947  -3.230  -6.341  1.00 17.28 ? 126 VAL A N   1 
ATOM   889  C CA  . VAL A 1 112 ? -1.431  -1.902  -6.661  1.00 17.65 ? 126 VAL A CA  1 
ATOM   890  C C   . VAL A 1 112 ? -2.517  -1.150  -7.435  1.00 17.90 ? 126 VAL A C   1 
ATOM   891  O O   . VAL A 1 112 ? -3.053  -1.666  -8.402  1.00 18.83 ? 126 VAL A O   1 
ATOM   892  C CB  . VAL A 1 112 ? -0.128  -1.950  -7.466  1.00 17.80 ? 126 VAL A CB  1 
ATOM   893  C CG1 . VAL A 1 112 ? 0.391   -0.522  -7.707  1.00 19.43 ? 126 VAL A CG1 1 
ATOM   894  C CG2 . VAL A 1 112 ? 0.914   -2.783  -6.719  1.00 17.87 ? 126 VAL A CG2 1 
ATOM   895  N N   . GLY A 1 113 ? -2.800  0.078   -7.006  1.00 17.79 ? 127 GLY A N   1 
ATOM   896  C CA  . GLY A 1 113 ? -3.806  0.932   -7.634  1.00 18.56 ? 127 GLY A CA  1 
ATOM   897  C C   . GLY A 1 113 ? -3.231  2.286   -8.003  1.00 19.18 ? 127 GLY A C   1 
ATOM   898  O O   . GLY A 1 113 ? -2.457  2.839   -7.240  1.00 19.45 ? 127 GLY A O   1 
ATOM   899  N N   . LEU A 1 114 ? -3.573  2.791   -9.186  1.00 19.02 ? 128 LEU A N   1 
ATOM   900  C CA  . LEU A 1 114 ? -3.226  4.155   -9.584  1.00 21.18 ? 128 LEU A CA  1 
ATOM   901  C C   . LEU A 1 114 ? -4.353  5.059   -9.130  1.00 20.06 ? 128 LEU A C   1 
ATOM   902  O O   . LEU A 1 114 ? -5.537  4.759   -9.399  1.00 21.02 ? 128 LEU A O   1 
ATOM   903  C CB  . LEU A 1 114 ? -3.089  4.287   -11.093 1.00 24.58 ? 128 LEU A CB  1 
ATOM   904  C CG  . LEU A 1 114 ? -2.098  3.405   -11.841 1.00 29.04 ? 128 LEU A CG  1 
ATOM   905  C CD1 . LEU A 1 114 ? -2.033  3.889   -13.285 1.00 31.69 ? 128 LEU A CD1 1 
ATOM   906  C CD2 . LEU A 1 114 ? -0.730  3.442   -11.195 1.00 30.66 ? 128 LEU A CD2 1 
ATOM   907  N N   . ILE A 1 115 ? -3.986  6.153   -8.476  1.00 19.41 ? 129 ILE A N   1 
ATOM   908  C CA  . ILE A 1 115 ? -4.939  7.040   -7.801  1.00 19.24 ? 129 ILE A CA  1 
ATOM   909  C C   . ILE A 1 115 ? -5.138  8.296   -8.642  1.00 20.47 ? 129 ILE A C   1 
ATOM   910  O O   . ILE A 1 115 ? -4.173  8.866   -9.148  1.00 21.06 ? 129 ILE A O   1 
ATOM   911  C CB  . ILE A 1 115 ? -4.417  7.413   -6.403  1.00 19.48 ? 129 ILE A CB  1 
ATOM   912  C CG1 . ILE A 1 115 ? -4.198  6.144   -5.555  1.00 20.82 ? 129 ILE A CG1 1 
ATOM   913  C CG2 . ILE A 1 115 ? -5.348  8.386   -5.698  1.00 20.55 ? 129 ILE A CG2 1 
ATOM   914  C CD1 . ILE A 1 115 ? -5.409  5.232   -5.474  1.00 21.23 ? 129 ILE A CD1 1 
ATOM   915  N N   . ASP A 1 116 ? -6.396  8.707   -8.778  1.00 20.74 ? 130 ASP A N   1 
ATOM   916  C CA  . ASP A 1 116 ? -6.734  9.907   -9.537  1.00 22.43 ? 130 ASP A CA  1 
ATOM   917  C C   . ASP A 1 116 ? -6.084  11.163  -8.965  1.00 22.52 ? 130 ASP A C   1 
ATOM   918  O O   . ASP A 1 116 ? -6.030  11.356  -7.752  1.00 21.67 ? 130 ASP A O   1 
ATOM   919  C CB  . ASP A 1 116 ? -8.242  10.098  -9.581  1.00 25.01 ? 130 ASP A CB  1 
ATOM   920  C CG  . ASP A 1 116 ? -8.639  11.203  -10.539 1.00 27.37 ? 130 ASP A CG  1 
ATOM   921  O OD1 . ASP A 1 116 ? -8.637  10.966  -11.758 1.00 32.77 ? 130 ASP A OD1 1 
ATOM   922  O OD2 . ASP A 1 116 ? -8.874  12.314  -10.055 1.00 25.93 ? 130 ASP A OD2 1 
ATOM   923  N N   . HIS A 1 117 ? -5.637  12.059  -9.848  1.00 23.46 ? 131 HIS A N   1 
ATOM   924  C CA  . HIS A 1 117 ? -5.014  13.310  -9.381  1.00 25.83 ? 131 HIS A CA  1 
ATOM   925  C C   . HIS A 1 117 ? -5.927  14.277  -8.610  1.00 24.52 ? 131 HIS A C   1 
ATOM   926  O O   . HIS A 1 117 ? -5.417  15.127  -7.897  1.00 28.01 ? 131 HIS A O   1 
ATOM   927  C CB  . HIS A 1 117 ? -4.251  14.015  -10.514 1.00 25.88 ? 131 HIS A CB  1 
ATOM   928  C CG  . HIS A 1 117 ? -5.115  14.707  -11.523 1.00 27.67 ? 131 HIS A CG  1 
ATOM   929  N ND1 . HIS A 1 117 ? -6.146  14.086  -12.196 1.00 29.25 ? 131 HIS A ND1 1 
ATOM   930  C CD2 . HIS A 1 117 ? -5.055  15.966  -12.016 1.00 27.00 ? 131 HIS A CD2 1 
ATOM   931  C CE1 . HIS A 1 117 ? -6.705  14.946  -13.030 1.00 26.47 ? 131 HIS A CE1 1 
ATOM   932  N NE2 . HIS A 1 117 ? -6.058  16.089  -12.949 1.00 30.42 ? 131 HIS A NE2 1 
ATOM   933  N N   . ASN A 1 118 ? -7.245  14.145  -8.705  1.00 26.37 ? 132 ASN A N   1 
ATOM   934  C CA  . ASN A 1 118 ? -8.166  14.982  -7.912  1.00 27.63 ? 132 ASN A CA  1 
ATOM   935  C C   . ASN A 1 118 ? -8.640  14.343  -6.591  1.00 28.00 ? 132 ASN A C   1 
ATOM   936  O O   . ASN A 1 118 ? -9.486  14.914  -5.888  1.00 29.46 ? 132 ASN A O   1 
ATOM   937  C CB  . ASN A 1 118 ? -9.375  15.405  -8.756  1.00 27.68 ? 132 ASN A CB  1 
ATOM   938  C CG  . ASN A 1 118 ? -8.995  16.367  -9.865  1.00 28.98 ? 132 ASN A CG  1 
ATOM   939  O OD1 . ASN A 1 118 ? -9.316  16.142  -11.033 1.00 29.21 ? 132 ASN A OD1 1 
ATOM   940  N ND2 . ASN A 1 118 ? -8.280  17.428  -9.504  1.00 28.45 ? 132 ASN A ND2 1 
ATOM   941  N N   . PHE A 1 119 ? -8.102  13.167  -6.232  1.00 26.50 ? 133 PHE A N   1 
ATOM   942  C CA  . PHE A 1 119 ? -8.392  12.591  -4.921  1.00 25.46 ? 133 PHE A CA  1 
ATOM   943  C C   . PHE A 1 119 ? -7.696  13.385  -3.823  1.00 25.70 ? 133 PHE A C   1 
ATOM   944  O O   . PHE A 1 119 ? -6.514  13.671  -3.915  1.00 25.86 ? 133 PHE A O   1 
ATOM   945  C CB  . PHE A 1 119 ? -7.922  11.127  -4.856  1.00 25.02 ? 133 PHE A CB  1 
ATOM   946  C CG  . PHE A 1 119 ? -7.895  10.553  -3.462  1.00 24.76 ? 133 PHE A CG  1 
ATOM   947  C CD1 . PHE A 1 119 ? -9.072  10.240  -2.813  1.00 24.74 ? 133 PHE A CD1 1 
ATOM   948  C CD2 . PHE A 1 119 ? -6.689  10.317  -2.818  1.00 25.08 ? 133 PHE A CD2 1 
ATOM   949  C CE1 . PHE A 1 119 ? -9.050  9.696   -1.527  1.00 25.06 ? 133 PHE A CE1 1 
ATOM   950  C CE2 . PHE A 1 119 ? -6.668  9.753   -1.536  1.00 25.56 ? 133 PHE A CE2 1 
ATOM   951  C CZ  . PHE A 1 119 ? -7.848  9.463   -0.900  1.00 24.04 ? 133 PHE A CZ  1 
ATOM   952  N N   . GLN A 1 120 ? -8.433  13.699  -2.766  1.00 27.56 ? 134 GLN A N   1 
ATOM   953  C CA  . GLN A 1 120 ? -7.835  14.306  -1.578  1.00 31.40 ? 134 GLN A CA  1 
ATOM   954  C C   . GLN A 1 120 ? -8.273  13.497  -0.372  1.00 28.21 ? 134 GLN A C   1 
ATOM   955  O O   . GLN A 1 120 ? -9.463  13.304  -0.152  1.00 27.98 ? 134 GLN A O   1 
ATOM   956  C CB  . GLN A 1 120 ? -8.246  15.764  -1.475  1.00 37.69 ? 134 GLN A CB  1 
ATOM   957  C CG  . GLN A 1 120 ? -7.754  16.564  -2.679  1.00 42.83 ? 134 GLN A CG  1 
ATOM   958  C CD  . GLN A 1 120 ? -7.519  18.018  -2.363  1.00 48.88 ? 134 GLN A CD  1 
ATOM   959  O OE1 . GLN A 1 120 ? -6.375  18.483  -2.327  1.00 57.56 ? 134 GLN A OE1 1 
ATOM   960  N NE2 . GLN A 1 120 ? -8.602  18.746  -2.104  1.00 56.77 ? 134 GLN A NE2 1 
ATOM   961  N N   . ALA A 1 121 ? -7.303  12.999  0.378   1.00 30.67 ? 135 ALA A N   1 
ATOM   962  C CA  . ALA A 1 121 ? -7.598  12.082  1.469   1.00 31.22 ? 135 ALA A CA  1 
ATOM   963  C C   . ALA A 1 121 ? -8.440  12.773  2.518   1.00 31.71 ? 135 ALA A C   1 
ATOM   964  O O   . ALA A 1 121 ? -8.222  13.956  2.830   1.00 30.56 ? 135 ALA A O   1 
ATOM   965  C CB  . ALA A 1 121 ? -6.321  11.554  2.091   1.00 31.71 ? 135 ALA A CB  1 
ATOM   966  N N   . GLN A 1 122 ? -9.419  12.032  3.018   1.00 30.01 ? 136 GLN A N   1 
ATOM   967  C CA  . GLN A 1 122 ? -10.227 12.434  4.155   1.00 31.34 ? 136 GLN A CA  1 
ATOM   968  C C   . GLN A 1 122 ? -10.060 11.365  5.243   1.00 28.79 ? 136 GLN A C   1 
ATOM   969  O O   . GLN A 1 122 ? -10.885 10.456  5.328   1.00 26.19 ? 136 GLN A O   1 
ATOM   970  C CB  . GLN A 1 122 ? -11.682 12.523  3.730   1.00 34.35 ? 136 GLN A CB  1 
ATOM   971  C CG  . GLN A 1 122 ? -11.947 13.592  2.685   1.00 39.89 ? 136 GLN A CG  1 
ATOM   972  C CD  . GLN A 1 122 ? -13.399 13.623  2.276   1.00 44.97 ? 136 GLN A CD  1 
ATOM   973  O OE1 . GLN A 1 122 ? -13.795 12.983  1.303   1.00 49.06 ? 136 GLN A OE1 1 
ATOM   974  N NE2 . GLN A 1 122 ? -14.214 14.348  3.044   1.00 51.13 ? 136 GLN A NE2 1 
ATOM   975  N N   . PRO A 1 123 ? -9.001  11.476  6.074   1.00 27.98 ? 137 PRO A N   1 
ATOM   976  C CA  . PRO A 1 123 ? -8.771  10.441  7.094   1.00 28.38 ? 137 PRO A CA  1 
ATOM   977  C C   . PRO A 1 123 ? -9.982  10.261  8.016   1.00 29.83 ? 137 PRO A C   1 
ATOM   978  O O   . PRO A 1 123 ? -10.535 11.252  8.513   1.00 30.55 ? 137 PRO A O   1 
ATOM   979  C CB  . PRO A 1 123 ? -7.563  10.974  7.870   1.00 28.95 ? 137 PRO A CB  1 
ATOM   980  C CG  . PRO A 1 123 ? -6.880  11.907  6.948   1.00 29.63 ? 137 PRO A CG  1 
ATOM   981  C CD  . PRO A 1 123 ? -7.953  12.511  6.102   1.00 29.39 ? 137 PRO A CD  1 
ATOM   982  N N   . ASN A 1 124 ? -10.420 9.015   8.185   1.00 28.50 ? 138 ASN A N   1 
ATOM   983  C CA  . ASN A 1 124 ? -11.469 8.663   9.137   1.00 28.90 ? 138 ASN A CA  1 
ATOM   984  C C   . ASN A 1 124 ? -10.820 8.452   10.522  1.00 27.19 ? 138 ASN A C   1 
ATOM   985  O O   . ASN A 1 124 ? -10.137 7.451   10.735  1.00 24.93 ? 138 ASN A O   1 
ATOM   986  C CB  . ASN A 1 124 ? -12.179 7.395   8.640   1.00 29.78 ? 138 ASN A CB  1 
ATOM   987  C CG  . ASN A 1 124 ? -13.210 6.854   9.616   1.00 31.27 ? 138 ASN A CG  1 
ATOM   988  O OD1 . ASN A 1 124 ? -13.392 7.364   10.739  1.00 32.78 ? 138 ASN A OD1 1 
ATOM   989  N ND2 . ASN A 1 124 ? -13.890 5.793   9.193   1.00 33.05 ? 138 ASN A ND2 1 
ATOM   990  N N   . PRO A 1 125 ? -11.031 9.387   11.481  1.00 25.87 ? 139 PRO A N   1 
ATOM   991  C CA  . PRO A 1 125 ? -10.263 9.308   12.728  1.00 26.27 ? 139 PRO A CA  1 
ATOM   992  C C   . PRO A 1 125 ? -10.522 8.071   13.617  1.00 26.73 ? 139 PRO A C   1 
ATOM   993  O O   . PRO A 1 125 ? -9.691  7.769   14.456  1.00 28.94 ? 139 PRO A O   1 
ATOM   994  C CB  . PRO A 1 125 ? -10.633 10.612  13.468  1.00 26.17 ? 139 PRO A CB  1 
ATOM   995  C CG  . PRO A 1 125 ? -11.950 10.984  12.924  1.00 26.86 ? 139 PRO A CG  1 
ATOM   996  C CD  . PRO A 1 125 ? -11.981 10.516  11.493  1.00 27.20 ? 139 PRO A CD  1 
ATOM   997  N N   . ALA A 1 126 ? -11.626 7.357   13.410  1.00 28.20 ? 140 ALA A N   1 
ATOM   998  C CA  . ALA A 1 126 ? -11.853 6.080   14.123  1.00 30.77 ? 140 ALA A CA  1 
ATOM   999  C C   . ALA A 1 126 ? -10.886 4.970   13.677  1.00 31.52 ? 140 ALA A C   1 
ATOM   1000 O O   . ALA A 1 126 ? -10.693 3.967   14.377  1.00 31.58 ? 140 ALA A O   1 
ATOM   1001 C CB  . ALA A 1 126 ? -13.290 5.624   13.940  1.00 31.97 ? 140 ALA A CB  1 
ATOM   1002 N N   . GLU A 1 127 ? -10.285 5.141   12.505  1.00 29.65 ? 141 GLU A N   1 
ATOM   1003 C CA  . GLU A 1 127 ? -9.399  4.120   11.932  1.00 30.31 ? 141 GLU A CA  1 
ATOM   1004 C C   . GLU A 1 127 ? -8.005  4.615   11.616  1.00 28.41 ? 141 GLU A C   1 
ATOM   1005 O O   . GLU A 1 127 ? -7.048  3.865   11.755  1.00 26.63 ? 141 GLU A O   1 
ATOM   1006 C CB  . GLU A 1 127 ? -10.071 3.558   10.696  1.00 34.82 ? 141 GLU A CB  1 
ATOM   1007 C CG  . GLU A 1 127 ? -11.343 2.805   11.087  1.00 39.97 ? 141 GLU A CG  1 
ATOM   1008 C CD  . GLU A 1 127 ? -12.119 2.264   9.928   1.00 43.98 ? 141 GLU A CD  1 
ATOM   1009 O OE1 . GLU A 1 127 ? -12.978 1.386   10.173  1.00 51.83 ? 141 GLU A OE1 1 
ATOM   1010 O OE2 . GLU A 1 127 ? -11.894 2.717   8.794   1.00 48.26 ? 141 GLU A OE2 1 
ATOM   1011 N N   . VAL A 1 128 ? -7.881  5.889   11.244  1.00 25.14 ? 142 VAL A N   1 
ATOM   1012 C CA  . VAL A 1 128 ? -6.636  6.416   10.727  1.00 26.85 ? 142 VAL A CA  1 
ATOM   1013 C C   . VAL A 1 128 ? -6.307  7.732   11.443  1.00 26.22 ? 142 VAL A C   1 
ATOM   1014 O O   . VAL A 1 128 ? -7.119  8.657   11.425  1.00 27.19 ? 142 VAL A O   1 
ATOM   1015 C CB  . VAL A 1 128 ? -6.790  6.630   9.199   1.00 29.51 ? 142 VAL A CB  1 
ATOM   1016 C CG1 . VAL A 1 128 ? -5.674  7.473   8.631   1.00 32.65 ? 142 VAL A CG1 1 
ATOM   1017 C CG2 . VAL A 1 128 ? -6.813  5.280   8.486   1.00 30.68 ? 142 VAL A CG2 1 
ATOM   1018 N N   . LYS A 1 129 ? -5.112  7.803   12.023  1.00 27.21 ? 143 LYS A N   1 
ATOM   1019 C CA  . LYS A 1 129 ? -4.596  9.021   12.664  1.00 29.46 ? 143 LYS A CA  1 
ATOM   1020 C C   . LYS A 1 129 ? -4.004  10.008  11.661  1.00 27.31 ? 143 LYS A C   1 
ATOM   1021 O O   . LYS A 1 129 ? -3.998  11.226  11.896  1.00 25.84 ? 143 LYS A O   1 
ATOM   1022 C CB  . LYS A 1 129 ? -3.521  8.660   13.697  1.00 34.20 ? 143 LYS A CB  1 
ATOM   1023 C CG  . LYS A 1 129 ? -2.906  9.862   14.390  1.00 39.74 ? 143 LYS A CG  1 
ATOM   1024 C CD  . LYS A 1 129 ? -2.310  9.522   15.740  1.00 44.49 ? 143 LYS A CD  1 
ATOM   1025 C CE  . LYS A 1 129 ? -1.099  8.626   15.617  1.00 46.62 ? 143 LYS A CE  1 
ATOM   1026 N NZ  . LYS A 1 129 ? -0.277  8.706   16.859  1.00 50.38 ? 143 LYS A NZ  1 
ATOM   1027 N N   . ASP A 1 130 ? -3.479  9.497   10.549  1.00 24.23 ? 144 ASP A N   1 
ATOM   1028 C CA  . ASP A 1 130 ? -2.757  10.343  9.601   1.00 23.98 ? 144 ASP A CA  1 
ATOM   1029 C C   . ASP A 1 130 ? -2.683  9.616   8.261   1.00 23.32 ? 144 ASP A C   1 
ATOM   1030 O O   . ASP A 1 130 ? -2.848  8.390   8.210   1.00 23.24 ? 144 ASP A O   1 
ATOM   1031 C CB  . ASP A 1 130 ? -1.354  10.629  10.154  1.00 24.91 ? 144 ASP A CB  1 
ATOM   1032 C CG  . ASP A 1 130 ? -0.648  11.804  9.483   1.00 25.00 ? 144 ASP A CG  1 
ATOM   1033 O OD1 . ASP A 1 130 ? -1.227  12.484  8.604   1.00 24.38 ? 144 ASP A OD1 1 
ATOM   1034 O OD2 . ASP A 1 130 ? 0.528   12.045  9.861   1.00 28.07 ? 144 ASP A OD2 1 
ATOM   1035 N N   . VAL A 1 131 ? -2.500  10.390  7.202   1.00 23.04 ? 145 VAL A N   1 
ATOM   1036 C CA  . VAL A 1 131 ? -2.238  9.884   5.846   1.00 23.39 ? 145 VAL A CA  1 
ATOM   1037 C C   . VAL A 1 131 ? -1.073  10.704  5.305   1.00 22.83 ? 145 VAL A C   1 
ATOM   1038 O O   . VAL A 1 131 ? -1.023  11.926  5.484   1.00 23.61 ? 145 VAL A O   1 
ATOM   1039 C CB  . VAL A 1 131 ? -3.484  10.008  4.944   1.00 24.75 ? 145 VAL A CB  1 
ATOM   1040 C CG1 . VAL A 1 131 ? -3.157  9.634   3.496   1.00 27.54 ? 145 VAL A CG1 1 
ATOM   1041 C CG2 . VAL A 1 131 ? -4.618  9.152   5.489   1.00 25.58 ? 145 VAL A CG2 1 
ATOM   1042 N N   . PHE A 1 132 ? -0.114  10.057  4.653   1.00 20.92 ? 146 PHE A N   1 
ATOM   1043 C CA  . PHE A 1 132 ? 1.041   10.764  4.117   1.00 20.52 ? 146 PHE A CA  1 
ATOM   1044 C C   . PHE A 1 132 ? 1.585   10.061  2.876   1.00 21.15 ? 146 PHE A C   1 
ATOM   1045 O O   . PHE A 1 132 ? 1.327   8.859   2.671   1.00 20.11 ? 146 PHE A O   1 
ATOM   1046 C CB  . PHE A 1 132 ? 2.144   10.941  5.171   1.00 22.57 ? 146 PHE A CB  1 
ATOM   1047 C CG  . PHE A 1 132 ? 2.788   9.657   5.624   1.00 22.18 ? 146 PHE A CG  1 
ATOM   1048 C CD1 . PHE A 1 132 ? 2.148   8.836   6.533   1.00 23.79 ? 146 PHE A CD1 1 
ATOM   1049 C CD2 . PHE A 1 132 ? 4.036   9.282   5.142   1.00 22.92 ? 146 PHE A CD2 1 
ATOM   1050 C CE1 . PHE A 1 132 ? 2.744   7.644   6.961   1.00 23.56 ? 146 PHE A CE1 1 
ATOM   1051 C CE2 . PHE A 1 132 ? 4.642   8.110   5.571   1.00 23.85 ? 146 PHE A CE2 1 
ATOM   1052 C CZ  . PHE A 1 132 ? 3.991   7.286   6.473   1.00 23.51 ? 146 PHE A CZ  1 
ATOM   1053 N N   . LEU A 1 133 ? 2.295   10.825  2.056   1.00 21.08 ? 147 LEU A N   1 
ATOM   1054 C CA  . LEU A 1 133 ? 2.938   10.323  0.846   1.00 20.81 ? 147 LEU A CA  1 
ATOM   1055 C C   . LEU A 1 133 ? 4.429   10.172  1.027   1.00 22.03 ? 147 LEU A C   1 
ATOM   1056 O O   . LEU A 1 133 ? 5.058   10.985  1.708   1.00 23.06 ? 147 LEU A O   1 
ATOM   1057 C CB  . LEU A 1 133 ? 2.703   11.277  -0.319  1.00 22.33 ? 147 LEU A CB  1 
ATOM   1058 C CG  . LEU A 1 133 ? 1.280   11.547  -0.754  1.00 22.93 ? 147 LEU A CG  1 
ATOM   1059 C CD1 . LEU A 1 133 ? 1.304   12.565  -1.874  1.00 25.56 ? 147 LEU A CD1 1 
ATOM   1060 C CD2 . LEU A 1 133 ? 0.553   10.292  -1.216  1.00 24.31 ? 147 LEU A CD2 1 
ATOM   1061 N N   . VAL A 1 134 ? 5.012   9.156   0.386   1.00 19.98 ? 148 VAL A N   1 
ATOM   1062 C CA  . VAL A 1 134 ? 6.462   9.033   0.291   1.00 20.50 ? 148 VAL A CA  1 
ATOM   1063 C C   . VAL A 1 134 ? 6.830   8.832   -1.181  1.00 20.13 ? 148 VAL A C   1 
ATOM   1064 O O   . VAL A 1 134 ? 6.216   8.003   -1.870  1.00 18.87 ? 148 VAL A O   1 
ATOM   1065 C CB  . VAL A 1 134 ? 7.015   7.829   1.109   1.00 19.80 ? 148 VAL A CB  1 
ATOM   1066 C CG1 . VAL A 1 134 ? 8.533   7.814   1.067   1.00 20.46 ? 148 VAL A CG1 1 
ATOM   1067 C CG2 . VAL A 1 134 ? 6.513   7.833   2.546   1.00 20.68 ? 148 VAL A CG2 1 
ATOM   1068 N N   . PRO A 1 135 ? 7.837   9.576   -1.691  1.00 19.75 ? 149 PRO A N   1 
ATOM   1069 C CA  . PRO A 1 135 ? 8.249   9.303   -3.063  1.00 20.11 ? 149 PRO A CA  1 
ATOM   1070 C C   . PRO A 1 135 ? 8.713   7.850   -3.205  1.00 19.39 ? 149 PRO A C   1 
ATOM   1071 O O   . PRO A 1 135 ? 9.435   7.357   -2.350  1.00 20.09 ? 149 PRO A O   1 
ATOM   1072 C CB  . PRO A 1 135 ? 9.420   10.277  -3.289  1.00 21.01 ? 149 PRO A CB  1 
ATOM   1073 C CG  . PRO A 1 135 ? 9.218   11.362  -2.261  1.00 21.24 ? 149 PRO A CG  1 
ATOM   1074 C CD  . PRO A 1 135 ? 8.624   10.668  -1.079  1.00 21.71 ? 149 PRO A CD  1 
ATOM   1075 N N   . LEU A 1 136 ? 8.282   7.202   -4.278  1.00 19.18 ? 150 LEU A N   1 
ATOM   1076 C CA  . LEU A 1 136 ? 8.641   5.811   -4.529  1.00 19.96 ? 150 LEU A CA  1 
ATOM   1077 C C   . LEU A 1 136 ? 10.163  5.637   -4.532  1.00 20.11 ? 150 LEU A C   1 
ATOM   1078 O O   . LEU A 1 136 ? 10.684  4.656   -3.986  1.00 20.19 ? 150 LEU A O   1 
ATOM   1079 C CB  . LEU A 1 136 ? 7.990   5.331   -5.830  1.00 20.04 ? 150 LEU A CB  1 
ATOM   1080 C CG  . LEU A 1 136 ? 8.007   3.849   -6.133  1.00 21.46 ? 150 LEU A CG  1 
ATOM   1081 C CD1 . LEU A 1 136 ? 7.278   3.112   -5.021  1.00 21.07 ? 150 LEU A CD1 1 
ATOM   1082 C CD2 . LEU A 1 136 ? 7.375   3.593   -7.507  1.00 21.63 ? 150 LEU A CD2 1 
ATOM   1083 N N   . ALA A 1 137 ? 10.893  6.605   -5.095  1.00 20.41 ? 151 ALA A N   1 
ATOM   1084 C CA  . ALA A 1 137 ? 12.356  6.494   -5.169  1.00 20.77 ? 151 ALA A CA  1 
ATOM   1085 C C   . ALA A 1 137 ? 13.064  6.444   -3.806  1.00 20.93 ? 151 ALA A C   1 
ATOM   1086 O O   . ALA A 1 137 ? 14.187  5.921   -3.715  1.00 21.70 ? 151 ALA A O   1 
ATOM   1087 C CB  . ALA A 1 137 ? 12.948  7.606   -6.040  1.00 22.72 ? 151 ALA A CB  1 
ATOM   1088 N N   . TYR A 1 138 ? 12.422  6.951   -2.750  1.00 20.37 ? 152 TYR A N   1 
ATOM   1089 C CA  . TYR A 1 138 ? 12.960  6.867   -1.386  1.00 21.10 ? 152 TYR A CA  1 
ATOM   1090 C C   . TYR A 1 138 ? 13.353  5.426   -1.019  1.00 21.01 ? 152 TYR A C   1 
ATOM   1091 O O   . TYR A 1 138 ? 14.380  5.184   -0.376  1.00 21.21 ? 152 TYR A O   1 
ATOM   1092 C CB  . TYR A 1 138 ? 11.948  7.421   -0.361  1.00 21.43 ? 152 TYR A CB  1 
ATOM   1093 C CG  . TYR A 1 138 ? 12.334  7.087   1.053   1.00 22.13 ? 152 TYR A CG  1 
ATOM   1094 C CD1 . TYR A 1 138 ? 13.254  7.863   1.754   1.00 23.19 ? 152 TYR A CD1 1 
ATOM   1095 C CD2 . TYR A 1 138 ? 11.830  5.945   1.661   1.00 22.47 ? 152 TYR A CD2 1 
ATOM   1096 C CE1 . TYR A 1 138 ? 13.641  7.510   3.043   1.00 23.44 ? 152 TYR A CE1 1 
ATOM   1097 C CE2 . TYR A 1 138 ? 12.221  5.576   2.942   1.00 24.16 ? 152 TYR A CE2 1 
ATOM   1098 C CZ  . TYR A 1 138 ? 13.116  6.362   3.630   1.00 23.87 ? 152 TYR A CZ  1 
ATOM   1099 O OH  . TYR A 1 138 ? 13.486  5.964   4.913   1.00 25.58 ? 152 TYR A OH  1 
ATOM   1100 N N   . PHE A 1 139 ? 12.541  4.474   -1.470  1.00 20.57 ? 153 PHE A N   1 
ATOM   1101 C CA  . PHE A 1 139 ? 12.712  3.069   -1.070  1.00 20.65 ? 153 PHE A CA  1 
ATOM   1102 C C   . PHE A 1 139 ? 13.911  2.374   -1.716  1.00 23.23 ? 153 PHE A C   1 
ATOM   1103 O O   . PHE A 1 139 ? 14.269  1.262   -1.297  1.00 23.45 ? 153 PHE A O   1 
ATOM   1104 C CB  . PHE A 1 139 ? 11.393  2.307   -1.240  1.00 20.44 ? 153 PHE A CB  1 
ATOM   1105 C CG  . PHE A 1 139 ? 10.316  2.856   -0.348  1.00 19.55 ? 153 PHE A CG  1 
ATOM   1106 C CD1 . PHE A 1 139 ? 10.328  2.576   1.008   1.00 19.47 ? 153 PHE A CD1 1 
ATOM   1107 C CD2 . PHE A 1 139 ? 9.360   3.744   -0.832  1.00 19.33 ? 153 PHE A CD2 1 
ATOM   1108 C CE1 . PHE A 1 139 ? 9.386   3.122   1.858   1.00 19.19 ? 153 PHE A CE1 1 
ATOM   1109 C CE2 . PHE A 1 139 ? 8.419   4.302   0.015   1.00 18.33 ? 153 PHE A CE2 1 
ATOM   1110 C CZ  . PHE A 1 139 ? 8.420   3.981   1.356   1.00 19.01 ? 153 PHE A CZ  1 
ATOM   1111 N N   . LEU A 1 140 ? 14.536  3.044   -2.690  1.00 22.56 ? 154 LEU A N   1 
ATOM   1112 C CA  . LEU A 1 140 ? 15.814  2.624   -3.259  1.00 25.16 ? 154 LEU A CA  1 
ATOM   1113 C C   . LEU A 1 140 ? 17.014  3.077   -2.422  1.00 26.68 ? 154 LEU A C   1 
ATOM   1114 O O   . LEU A 1 140 ? 18.084  2.468   -2.504  1.00 27.39 ? 154 LEU A O   1 
ATOM   1115 C CB  . LEU A 1 140 ? 15.962  3.172   -4.688  1.00 25.08 ? 154 LEU A CB  1 
ATOM   1116 C CG  . LEU A 1 140 ? 14.847  2.803   -5.667  1.00 26.53 ? 154 LEU A CG  1 
ATOM   1117 C CD1 . LEU A 1 140 ? 15.181  3.318   -7.054  1.00 28.90 ? 154 LEU A CD1 1 
ATOM   1118 C CD2 . LEU A 1 140 ? 14.567  1.304   -5.699  1.00 27.01 ? 154 LEU A CD2 1 
ATOM   1119 N N   . HIS A 1 141 ? 16.855  4.163   -1.663  1.00 27.09 ? 155 HIS A N   1 
ATOM   1120 C CA  . HIS A 1 141 ? 17.917  4.713   -0.808  1.00 29.33 ? 155 HIS A CA  1 
ATOM   1121 C C   . HIS A 1 141 ? 17.341  5.191   0.510   1.00 29.72 ? 155 HIS A C   1 
ATOM   1122 O O   . HIS A 1 141 ? 17.412  6.378   0.832   1.00 28.92 ? 155 HIS A O   1 
ATOM   1123 C CB  . HIS A 1 141 ? 18.610  5.864   -1.528  1.00 30.74 ? 155 HIS A CB  1 
ATOM   1124 C CG  . HIS A 1 141 ? 19.325  5.433   -2.760  1.00 30.76 ? 155 HIS A CG  1 
ATOM   1125 N ND1 . HIS A 1 141 ? 20.521  4.748   -2.717  1.00 32.00 ? 155 HIS A ND1 1 
ATOM   1126 C CD2 . HIS A 1 141 ? 18.996  5.540   -4.068  1.00 31.60 ? 155 HIS A CD2 1 
ATOM   1127 C CE1 . HIS A 1 141 ? 20.915  4.482   -3.950  1.00 30.42 ? 155 HIS A CE1 1 
ATOM   1128 N NE2 . HIS A 1 141 ? 20.002  4.938   -4.788  1.00 30.61 ? 155 HIS A NE2 1 
ATOM   1129 N N   . PRO A 1 142 ? 16.751  4.261   1.273   1.00 29.65 ? 156 PRO A N   1 
ATOM   1130 C CA  . PRO A 1 142 ? 16.082  4.639   2.509   1.00 31.59 ? 156 PRO A CA  1 
ATOM   1131 C C   . PRO A 1 142 ? 17.070  4.954   3.622   1.00 32.41 ? 156 PRO A C   1 
ATOM   1132 O O   . PRO A 1 142 ? 18.252  4.612   3.508   1.00 31.84 ? 156 PRO A O   1 
ATOM   1133 C CB  . PRO A 1 142 ? 15.281  3.385   2.859   1.00 31.33 ? 156 PRO A CB  1 
ATOM   1134 C CG  . PRO A 1 142 ? 16.106  2.272   2.317   1.00 31.54 ? 156 PRO A CG  1 
ATOM   1135 C CD  . PRO A 1 142 ? 16.706  2.801   1.047   1.00 30.69 ? 156 PRO A CD  1 
ATOM   1136 N N   . GLN A 1 143 ? 16.584  5.621   4.661   1.00 32.41 ? 157 GLN A N   1 
ATOM   1137 C CA  . GLN A 1 143 ? 17.354  5.848   5.879   1.00 37.12 ? 157 GLN A CA  1 
ATOM   1138 C C   . GLN A 1 143 ? 16.985  4.732   6.855   1.00 38.21 ? 157 GLN A C   1 
ATOM   1139 O O   . GLN A 1 143 ? 15.871  4.706   7.388   1.00 35.06 ? 157 GLN A O   1 
ATOM   1140 C CB  . GLN A 1 143 ? 17.060  7.231   6.460   1.00 39.83 ? 157 GLN A CB  1 
ATOM   1141 C CG  . GLN A 1 143 ? 17.928  7.593   7.656   1.00 44.76 ? 157 GLN A CG  1 
ATOM   1142 C CD  . GLN A 1 143 ? 17.654  8.992   8.176   1.00 48.91 ? 157 GLN A CD  1 
ATOM   1143 O OE1 . GLN A 1 143 ? 17.972  9.983   7.516   1.00 53.15 ? 157 GLN A OE1 1 
ATOM   1144 N NE2 . GLN A 1 143 ? 17.065  9.081   9.365   1.00 50.04 ? 157 GLN A NE2 1 
ATOM   1145 N N   . VAL A 1 144 ? 17.920  3.801   7.056   1.00 38.87 ? 158 VAL A N   1 
ATOM   1146 C CA  . VAL A 1 144 ? 17.669  2.570   7.789   1.00 43.07 ? 158 VAL A CA  1 
ATOM   1147 C C   . VAL A 1 144 ? 18.145  2.733   9.227   1.00 45.64 ? 158 VAL A C   1 
ATOM   1148 O O   . VAL A 1 144 ? 19.232  3.260   9.464   1.00 46.25 ? 158 VAL A O   1 
ATOM   1149 C CB  . VAL A 1 144 ? 18.398  1.365   7.141   1.00 44.95 ? 158 VAL A CB  1 
ATOM   1150 C CG1 . VAL A 1 144 ? 18.108  0.078   7.912   1.00 45.44 ? 158 VAL A CG1 1 
ATOM   1151 C CG2 . VAL A 1 144 ? 18.001  1.216   5.676   1.00 44.53 ? 158 VAL A CG2 1 
ATOM   1152 N N   . HIS A 1 145 ? 17.320  2.286   10.167  1.00 48.12 ? 159 HIS A N   1 
ATOM   1153 C CA  . HIS A 1 145 ? 17.662  2.228   11.588  1.00 55.17 ? 159 HIS A CA  1 
ATOM   1154 C C   . HIS A 1 145 ? 17.385  0.817   12.095  1.00 56.96 ? 159 HIS A C   1 
ATOM   1155 O O   . HIS A 1 145 ? 16.337  0.241   11.799  1.00 54.64 ? 159 HIS A O   1 
ATOM   1156 C CB  . HIS A 1 145 ? 16.848  3.257   12.379  1.00 58.41 ? 159 HIS A CB  1 
ATOM   1157 C CG  . HIS A 1 145 ? 17.429  4.635   12.338  1.00 64.34 ? 159 HIS A CG  1 
ATOM   1158 N ND1 . HIS A 1 145 ? 17.366  5.437   11.218  1.00 68.25 ? 159 HIS A ND1 1 
ATOM   1159 C CD2 . HIS A 1 145 ? 18.099  5.348   13.274  1.00 67.80 ? 159 HIS A CD2 1 
ATOM   1160 C CE1 . HIS A 1 145 ? 17.967  6.587   11.468  1.00 68.74 ? 159 HIS A CE1 1 
ATOM   1161 N NE2 . HIS A 1 145 ? 18.420  6.559   12.709  1.00 69.04 ? 159 HIS A NE2 1 
ATOM   1162 N N   . ASP A 1 146 ? 18.329  0.267   12.851  1.00 61.01 ? 160 ASP A N   1 
ATOM   1163 C CA  . ASP A 1 146 ? 18.235  -1.105  13.346  1.00 64.08 ? 160 ASP A CA  1 
ATOM   1164 C C   . ASP A 1 146 ? 17.683  -1.097  14.768  1.00 65.44 ? 160 ASP A C   1 
ATOM   1165 O O   . ASP A 1 146 ? 18.264  -0.466  15.650  1.00 66.57 ? 160 ASP A O   1 
ATOM   1166 C CB  . ASP A 1 146 ? 19.613  -1.767  13.289  1.00 67.26 ? 160 ASP A CB  1 
ATOM   1167 C CG  . ASP A 1 146 ? 20.174  -1.839  11.872  1.00 69.77 ? 160 ASP A CG  1 
ATOM   1168 O OD1 . ASP A 1 146 ? 19.390  -2.023  10.915  1.00 72.16 ? 160 ASP A OD1 1 
ATOM   1169 O OD2 . ASP A 1 146 ? 21.406  -1.717  11.713  1.00 71.83 ? 160 ASP A OD2 1 
ATOM   1170 N N   . GLN A 1 147 ? 16.555  -1.781  14.977  1.00 66.32 ? 161 GLN A N   1 
ATOM   1171 C CA  . GLN A 1 147 ? 15.854  -1.796  16.265  1.00 68.19 ? 161 GLN A CA  1 
ATOM   1172 C C   . GLN A 1 147 ? 16.057  -3.127  16.976  1.00 68.76 ? 161 GLN A C   1 
ATOM   1173 O O   . GLN A 1 147 ? 15.471  -4.141  16.593  1.00 70.23 ? 161 GLN A O   1 
ATOM   1174 C CB  . GLN A 1 147 ? 14.357  -1.543  16.057  1.00 67.28 ? 161 GLN A CB  1 
ATOM   1175 N N   . ILE A 1 158 ? 17.276  -7.821  16.361  1.00 86.05 ? 172 ILE A N   1 
ATOM   1176 C CA  . ILE A 1 158 ? 17.628  -6.617  15.612  1.00 86.86 ? 172 ILE A CA  1 
ATOM   1177 C C   . ILE A 1 158 ? 17.056  -6.700  14.187  1.00 81.63 ? 172 ILE A C   1 
ATOM   1178 O O   . ILE A 1 158 ? 17.405  -7.613  13.438  1.00 81.74 ? 172 ILE A O   1 
ATOM   1179 C CB  . ILE A 1 158 ? 19.167  -6.407  15.590  1.00 90.76 ? 172 ILE A CB  1 
ATOM   1180 C CG1 . ILE A 1 158 ? 19.703  -6.120  17.009  1.00 92.35 ? 172 ILE A CG1 1 
ATOM   1181 C CG2 . ILE A 1 158 ? 19.567  -5.289  14.630  1.00 91.67 ? 172 ILE A CG2 1 
ATOM   1182 C CD1 . ILE A 1 158 ? 19.415  -4.729  17.553  1.00 92.45 ? 172 ILE A CD1 1 
ATOM   1183 N N   . ASN A 1 159 ? 16.191  -5.745  13.828  1.00 75.72 ? 173 ASN A N   1 
ATOM   1184 C CA  . ASN A 1 159 ? 15.515  -5.716  12.513  1.00 70.48 ? 173 ASN A CA  1 
ATOM   1185 C C   . ASN A 1 159 ? 15.472  -4.300  11.899  1.00 64.02 ? 173 ASN A C   1 
ATOM   1186 O O   . ASN A 1 159 ? 15.465  -3.297  12.617  1.00 59.13 ? 173 ASN A O   1 
ATOM   1187 C CB  . ASN A 1 159 ? 14.103  -6.328  12.616  1.00 71.50 ? 173 ASN A CB  1 
ATOM   1188 C CG  . ASN A 1 159 ? 13.050  -5.334  13.087  1.00 72.13 ? 173 ASN A CG  1 
ATOM   1189 O OD1 . ASN A 1 159 ? 12.018  -5.156  12.436  1.00 72.21 ? 173 ASN A OD1 1 
ATOM   1190 N ND2 . ASN A 1 159 ? 13.305  -4.685  14.217  1.00 73.79 ? 173 ASN A ND2 1 
ATOM   1191 N N   . HIS A 1 160 ? 15.418  -4.242  10.568  1.00 57.77 ? 174 HIS A N   1 
ATOM   1192 C CA  . HIS A 1 160 ? 15.584  -2.990  9.817   1.00 53.93 ? 174 HIS A CA  1 
ATOM   1193 C C   . HIS A 1 160 ? 14.291  -2.157  9.740   1.00 48.49 ? 174 HIS A C   1 
ATOM   1194 O O   . HIS A 1 160 ? 13.251  -2.660  9.313   1.00 48.49 ? 174 HIS A O   1 
ATOM   1195 C CB  . HIS A 1 160 ? 16.080  -3.281  8.395   1.00 56.64 ? 174 HIS A CB  1 
ATOM   1196 C CG  . HIS A 1 160 ? 17.351  -4.073  8.340   1.00 61.17 ? 174 HIS A CG  1 
ATOM   1197 N ND1 . HIS A 1 160 ? 18.510  -3.671  8.970   1.00 63.04 ? 174 HIS A ND1 1 
ATOM   1198 C CD2 . HIS A 1 160 ? 17.652  -5.235  7.709   1.00 62.97 ? 174 HIS A CD2 1 
ATOM   1199 C CE1 . HIS A 1 160 ? 19.464  -4.556  8.740   1.00 63.18 ? 174 HIS A CE1 1 
ATOM   1200 N NE2 . HIS A 1 160 ? 18.969  -5.515  7.978   1.00 64.34 ? 174 HIS A NE2 1 
ATOM   1201 N N   . ILE A 1 161 ? 14.387  -0.884  10.129  1.00 42.79 ? 175 ILE A N   1 
ATOM   1202 C CA  . ILE A 1 161 ? 13.273  0.077   10.129  1.00 40.85 ? 175 ILE A CA  1 
ATOM   1203 C C   . ILE A 1 161 ? 13.663  1.271   9.255   1.00 37.14 ? 175 ILE A C   1 
ATOM   1204 O O   . ILE A 1 161 ? 14.791  1.755   9.347   1.00 38.15 ? 175 ILE A O   1 
ATOM   1205 C CB  . ILE A 1 161 ? 12.978  0.547   11.578  1.00 41.93 ? 175 ILE A CB  1 
ATOM   1206 C CG1 . ILE A 1 161 ? 12.278  -0.583  12.349  1.00 44.41 ? 175 ILE A CG1 1 
ATOM   1207 C CG2 . ILE A 1 161 ? 12.157  1.838   11.626  1.00 43.32 ? 175 ILE A CG2 1 
ATOM   1208 C CD1 . ILE A 1 161 ? 12.143  -0.327  13.837  1.00 45.28 ? 175 ILE A CD1 1 
ATOM   1209 N N   . PHE A 1 162 ? 12.735  1.752   8.423   1.00 29.55 ? 176 PHE A N   1 
ATOM   1210 C CA  . PHE A 1 162 ? 12.958  2.957   7.634   1.00 27.87 ? 176 PHE A CA  1 
ATOM   1211 C C   . PHE A 1 162 ? 12.432  4.169   8.388   1.00 26.95 ? 176 PHE A C   1 
ATOM   1212 O O   . PHE A 1 162 ? 11.366  4.086   8.982   1.00 27.56 ? 176 PHE A O   1 
ATOM   1213 C CB  . PHE A 1 162 ? 12.233  2.888   6.288   1.00 27.19 ? 176 PHE A CB  1 
ATOM   1214 C CG  . PHE A 1 162 ? 12.659  1.754   5.392   1.00 27.40 ? 176 PHE A CG  1 
ATOM   1215 C CD1 . PHE A 1 162 ? 13.925  1.166   5.476   1.00 29.07 ? 176 PHE A CD1 1 
ATOM   1216 C CD2 . PHE A 1 162 ? 11.796  1.312   4.397   1.00 27.98 ? 176 PHE A CD2 1 
ATOM   1217 C CE1 . PHE A 1 162 ? 14.288  0.150   4.604   1.00 28.39 ? 176 PHE A CE1 1 
ATOM   1218 C CE2 . PHE A 1 162 ? 12.163  0.295   3.526   1.00 28.36 ? 176 PHE A CE2 1 
ATOM   1219 C CZ  . PHE A 1 162 ? 13.412  -0.273  3.622   1.00 29.17 ? 176 PHE A CZ  1 
ATOM   1220 N N   . GLU A 1 163 ? 13.183  5.271   8.359   1.00 27.90 ? 177 GLU A N   1 
ATOM   1221 C CA  . GLU A 1 163 ? 12.712  6.575   8.834   1.00 28.91 ? 177 GLU A CA  1 
ATOM   1222 C C   . GLU A 1 163 ? 12.584  7.544   7.659   1.00 26.81 ? 177 GLU A C   1 
ATOM   1223 O O   . GLU A 1 163 ? 13.551  7.809   6.941   1.00 26.99 ? 177 GLU A O   1 
ATOM   1224 C CB  . GLU A 1 163 ? 13.652  7.155   9.893   1.00 33.57 ? 177 GLU A CB  1 
ATOM   1225 C CG  . GLU A 1 163 ? 13.760  6.259   11.124  1.00 38.35 ? 177 GLU A CG  1 
ATOM   1226 C CD  . GLU A 1 163 ? 14.223  6.983   12.380  1.00 43.92 ? 177 GLU A CD  1 
ATOM   1227 O OE1 . GLU A 1 163 ? 14.865  8.056   12.267  1.00 47.31 ? 177 GLU A OE1 1 
ATOM   1228 O OE2 . GLU A 1 163 ? 13.936  6.462   13.485  1.00 46.33 ? 177 GLU A OE2 1 
ATOM   1229 N N   . TYR A 1 164 ? 11.377  8.032   7.427   1.00 25.09 ? 178 TYR A N   1 
ATOM   1230 C CA  . TYR A 1 164 ? 11.138  9.003   6.362   1.00 24.29 ? 178 TYR A CA  1 
ATOM   1231 C C   . TYR A 1 164 ? 10.722  10.313  7.005   1.00 23.98 ? 178 TYR A C   1 
ATOM   1232 O O   . TYR A 1 164 ? 9.781   10.338  7.794   1.00 25.28 ? 178 TYR A O   1 
ATOM   1233 C CB  . TYR A 1 164 ? 10.026  8.550   5.411   1.00 24.05 ? 178 TYR A CB  1 
ATOM   1234 C CG  . TYR A 1 164 ? 9.705   9.627   4.396   1.00 24.64 ? 178 TYR A CG  1 
ATOM   1235 C CD1 . TYR A 1 164 ? 10.611  9.932   3.382   1.00 25.65 ? 178 TYR A CD1 1 
ATOM   1236 C CD2 . TYR A 1 164 ? 8.543   10.391  4.489   1.00 25.18 ? 178 TYR A CD2 1 
ATOM   1237 C CE1 . TYR A 1 164 ? 10.364  10.946  2.476   1.00 27.01 ? 178 TYR A CE1 1 
ATOM   1238 C CE2 . TYR A 1 164 ? 8.277   11.402  3.573   1.00 25.53 ? 178 TYR A CE2 1 
ATOM   1239 C CZ  . TYR A 1 164 ? 9.191   11.678  2.577   1.00 25.81 ? 178 TYR A CZ  1 
ATOM   1240 O OH  . TYR A 1 164 ? 8.969   12.687  1.673   1.00 30.15 ? 178 TYR A OH  1 
ATOM   1241 N N   . THR A 1 165 ? 11.401  11.391  6.632   1.00 24.60 ? 179 THR A N   1 
ATOM   1242 C CA  . THR A 1 165 ? 11.059  12.733  7.112   1.00 25.70 ? 179 THR A CA  1 
ATOM   1243 C C   . THR A 1 165 ? 10.415  13.535  5.984   1.00 25.75 ? 179 THR A C   1 
ATOM   1244 O O   . THR A 1 165 ? 11.035  13.740  4.932   1.00 26.90 ? 179 THR A O   1 
ATOM   1245 C CB  . THR A 1 165 ? 12.306  13.470  7.637   1.00 26.92 ? 179 THR A CB  1 
ATOM   1246 O OG1 . THR A 1 165 ? 12.955  12.674  8.640   1.00 28.12 ? 179 THR A OG1 1 
ATOM   1247 C CG2 . THR A 1 165 ? 11.919  14.839  8.221   1.00 27.94 ? 179 THR A CG2 1 
ATOM   1248 N N   . ASN A 1 166 ? 9.182   13.997  6.202   1.00 24.24 ? 180 ASN A N   1 
ATOM   1249 C CA  . ASN A 1 166 ? 8.455   14.788  5.210   1.00 24.69 ? 180 ASN A CA  1 
ATOM   1250 C C   . ASN A 1 166 ? 9.074   16.191  5.135   1.00 25.90 ? 180 ASN A C   1 
ATOM   1251 O O   . ASN A 1 166 ? 9.037   16.910  6.128   1.00 23.89 ? 180 ASN A O   1 
ATOM   1252 C CB  . ASN A 1 166 ? 6.978   14.870  5.630   1.00 25.55 ? 180 ASN A CB  1 
ATOM   1253 C CG  . ASN A 1 166 ? 6.103   15.620  4.648   1.00 25.69 ? 180 ASN A CG  1 
ATOM   1254 O OD1 . ASN A 1 166 ? 6.562   16.188  3.657   1.00 26.57 ? 180 ASN A OD1 1 
ATOM   1255 N ND2 . ASN A 1 166 ? 4.796   15.611  4.930   1.00 26.96 ? 180 ASN A ND2 1 
ATOM   1256 N N   . PRO A 1 167 ? 9.645   16.586  3.971   1.00 26.28 ? 181 PRO A N   1 
ATOM   1257 C CA  . PRO A 1 167 ? 10.294  17.915  3.924   1.00 27.73 ? 181 PRO A CA  1 
ATOM   1258 C C   . PRO A 1 167 ? 9.323   19.107  3.999   1.00 28.49 ? 181 PRO A C   1 
ATOM   1259 O O   . PRO A 1 167 ? 9.764   20.225  4.257   1.00 27.44 ? 181 PRO A O   1 
ATOM   1260 C CB  . PRO A 1 167 ? 11.072  17.895  2.595   1.00 29.31 ? 181 PRO A CB  1 
ATOM   1261 C CG  . PRO A 1 167 ? 10.389  16.877  1.760   1.00 30.35 ? 181 PRO A CG  1 
ATOM   1262 C CD  . PRO A 1 167 ? 9.716   15.882  2.671   1.00 28.83 ? 181 PRO A CD  1 
ATOM   1263 N N   . GLU A 1 168 ? 8.030   18.866  3.791   1.00 28.79 ? 182 GLU A N   1 
ATOM   1264 C CA  . GLU A 1 168 ? 7.007   19.905  3.939   1.00 31.03 ? 182 GLU A CA  1 
ATOM   1265 C C   . GLU A 1 168 ? 6.889   20.420  5.368   1.00 29.52 ? 182 GLU A C   1 
ATOM   1266 O O   . GLU A 1 168 ? 6.664   21.627  5.564   1.00 27.53 ? 182 GLU A O   1 
ATOM   1267 C CB  . GLU A 1 168 ? 5.637   19.376  3.511   1.00 34.62 ? 182 GLU A CB  1 
ATOM   1268 C CG  . GLU A 1 168 ? 5.521   19.083  2.023   1.00 37.61 ? 182 GLU A CG  1 
ATOM   1269 C CD  . GLU A 1 168 ? 5.548   20.337  1.181   1.00 41.32 ? 182 GLU A CD  1 
ATOM   1270 O OE1 . GLU A 1 168 ? 4.732   21.260  1.432   1.00 43.82 ? 182 GLU A OE1 1 
ATOM   1271 O OE2 . GLU A 1 168 ? 6.398   20.399  0.266   1.00 48.22 ? 182 GLU A OE2 1 
ATOM   1272 N N   . ASP A 1 169 ? 7.011   19.511  6.340   1.00 26.87 ? 183 ASP A N   1 
ATOM   1273 C CA  . ASP A 1 169 ? 6.807   19.839  7.754   1.00 27.11 ? 183 ASP A CA  1 
ATOM   1274 C C   . ASP A 1 169 ? 7.834   19.296  8.768   1.00 26.64 ? 183 ASP A C   1 
ATOM   1275 O O   . ASP A 1 169 ? 7.734   19.597  9.967   1.00 25.63 ? 183 ASP A O   1 
ATOM   1276 C CB  . ASP A 1 169 ? 5.378   19.467  8.172   1.00 26.84 ? 183 ASP A CB  1 
ATOM   1277 C CG  . ASP A 1 169 ? 5.100   17.961  8.118   1.00 29.64 ? 183 ASP A CG  1 
ATOM   1278 O OD1 . ASP A 1 169 ? 6.044   17.157  7.945   1.00 28.21 ? 183 ASP A OD1 1 
ATOM   1279 O OD2 . ASP A 1 169 ? 3.915   17.591  8.285   1.00 30.83 ? 183 ASP A OD2 1 
ATOM   1280 N N   . GLY A 1 170 ? 8.832   18.533  8.315   1.00 26.33 ? 184 GLY A N   1 
ATOM   1281 C CA  . GLY A 1 170 ? 9.818   17.927  9.217   1.00 25.59 ? 184 GLY A CA  1 
ATOM   1282 C C   . GLY A 1 170 ? 9.369   16.753  10.079  1.00 26.14 ? 184 GLY A C   1 
ATOM   1283 O O   . GLY A 1 170 ? 10.120  16.303  10.965  1.00 26.11 ? 184 GLY A O   1 
ATOM   1284 N N   . VAL A 1 171 ? 8.164   16.225  9.834   1.00 25.53 ? 185 VAL A N   1 
ATOM   1285 C CA  . VAL A 1 171 ? 7.657   15.107  10.624  1.00 25.85 ? 185 VAL A CA  1 
ATOM   1286 C C   . VAL A 1 171 ? 8.304   13.810  10.134  1.00 27.35 ? 185 VAL A C   1 
ATOM   1287 O O   . VAL A 1 171 ? 8.364   13.563  8.921   1.00 24.76 ? 185 VAL A O   1 
ATOM   1288 C CB  . VAL A 1 171 ? 6.117   15.000  10.548  1.00 27.05 ? 185 VAL A CB  1 
ATOM   1289 C CG1 . VAL A 1 171 ? 5.631   13.734  11.249  1.00 27.48 ? 185 VAL A CG1 1 
ATOM   1290 C CG2 . VAL A 1 171 ? 5.481   16.246  11.178  1.00 27.19 ? 185 VAL A CG2 1 
ATOM   1291 N N   . THR A 1 172 ? 8.780   13.001  11.076  1.00 27.74 ? 186 THR A N   1 
ATOM   1292 C CA  . THR A 1 172 ? 9.400   11.706  10.760  1.00 28.15 ? 186 THR A CA  1 
ATOM   1293 C C   . THR A 1 172 ? 8.421   10.556  11.014  1.00 28.22 ? 186 THR A C   1 
ATOM   1294 O O   . THR A 1 172 ? 7.740   10.519  12.037  1.00 28.74 ? 186 THR A O   1 
ATOM   1295 C CB  . THR A 1 172 ? 10.697  11.488  11.566  1.00 29.32 ? 186 THR A CB  1 
ATOM   1296 O OG1 . THR A 1 172 ? 11.613  12.544  11.262  1.00 29.82 ? 186 THR A OG1 1 
ATOM   1297 C CG2 . THR A 1 172 ? 11.354  10.141  11.213  1.00 30.64 ? 186 THR A CG2 1 
ATOM   1298 N N   . TYR A 1 173 ? 8.356   9.627   10.060  1.00 26.87 ? 187 TYR A N   1 
ATOM   1299 C CA  . TYR A 1 173 ? 7.527   8.428   10.162  1.00 27.11 ? 187 TYR A CA  1 
ATOM   1300 C C   . TYR A 1 173 ? 8.435   7.206   10.124  1.00 27.78 ? 187 TYR A C   1 
ATOM   1301 O O   . TYR A 1 173 ? 9.425   7.204   9.378   1.00 28.33 ? 187 TYR A O   1 
ATOM   1302 C CB  . TYR A 1 173 ? 6.575   8.357   8.970   1.00 26.26 ? 187 TYR A CB  1 
ATOM   1303 C CG  . TYR A 1 173 ? 5.599   9.510   8.886   1.00 26.22 ? 187 TYR A CG  1 
ATOM   1304 C CD1 . TYR A 1 173 ? 4.349   9.429   9.495   1.00 26.23 ? 187 TYR A CD1 1 
ATOM   1305 C CD2 . TYR A 1 173 ? 5.930   10.684  8.205   1.00 27.00 ? 187 TYR A CD2 1 
ATOM   1306 C CE1 . TYR A 1 173 ? 3.446   10.481  9.427   1.00 26.13 ? 187 TYR A CE1 1 
ATOM   1307 C CE2 . TYR A 1 173 ? 5.034   11.742  8.118   1.00 26.75 ? 187 TYR A CE2 1 
ATOM   1308 C CZ  . TYR A 1 173 ? 3.796   11.646  8.740   1.00 27.57 ? 187 TYR A CZ  1 
ATOM   1309 O OH  . TYR A 1 173 ? 2.911   12.703  8.648   1.00 26.78 ? 187 TYR A OH  1 
ATOM   1310 N N   . GLN A 1 174 ? 8.100   6.192   10.925  1.00 26.00 ? 188 GLN A N   1 
ATOM   1311 C CA  . GLN A 1 174 ? 8.795   4.905   10.918  1.00 27.13 ? 188 GLN A CA  1 
ATOM   1312 C C   . GLN A 1 174 ? 8.001   3.911   10.091  1.00 24.90 ? 188 GLN A C   1 
ATOM   1313 O O   . GLN A 1 174 ? 6.808   3.738   10.307  1.00 24.01 ? 188 GLN A O   1 
ATOM   1314 C CB  . GLN A 1 174 ? 8.963   4.362   12.341  1.00 29.75 ? 188 GLN A CB  1 
ATOM   1315 C CG  . GLN A 1 174 ? 9.903   5.202   13.180  1.00 33.35 ? 188 GLN A CG  1 
ATOM   1316 C CD  . GLN A 1 174 ? 10.284  4.534   14.487  1.00 36.89 ? 188 GLN A CD  1 
ATOM   1317 O OE1 . GLN A 1 174 ? 9.527   3.732   15.047  1.00 43.23 ? 188 GLN A OE1 1 
ATOM   1318 N NE2 . GLN A 1 174 ? 11.469  4.855   14.974  1.00 40.11 ? 188 GLN A NE2 1 
ATOM   1319 N N   . ILE A 1 175 ? 8.660   3.272   9.131   1.00 23.14 ? 189 ILE A N   1 
ATOM   1320 C CA  . ILE A 1 175 ? 7.990   2.309   8.252   1.00 23.36 ? 189 ILE A CA  1 
ATOM   1321 C C   . ILE A 1 175 ? 8.717   0.978   8.385   1.00 23.16 ? 189 ILE A C   1 
ATOM   1322 O O   . ILE A 1 175 ? 9.928   0.932   8.237   1.00 24.66 ? 189 ILE A O   1 
ATOM   1323 C CB  . ILE A 1 175 ? 7.993   2.784   6.786   1.00 24.05 ? 189 ILE A CB  1 
ATOM   1324 C CG1 . ILE A 1 175 ? 7.550   4.256   6.724   1.00 24.52 ? 189 ILE A CG1 1 
ATOM   1325 C CG2 . ILE A 1 175 ? 7.063   1.928   5.934   1.00 24.21 ? 189 ILE A CG2 1 
ATOM   1326 C CD1 . ILE A 1 175 ? 7.573   4.844   5.323   1.00 25.61 ? 189 ILE A CD1 1 
ATOM   1327 N N   . LYS A 1 176 ? 7.979   -0.083  8.686   1.00 24.77 ? 190 LYS A N   1 
ATOM   1328 C CA  . LYS A 1 176 ? 8.626   -1.368  8.948   1.00 26.00 ? 190 LYS A CA  1 
ATOM   1329 C C   . LYS A 1 176 ? 7.781   -2.560  8.540   1.00 25.01 ? 190 LYS A C   1 
ATOM   1330 O O   . LYS A 1 176 ? 6.651   -2.413  8.046   1.00 22.60 ? 190 LYS A O   1 
ATOM   1331 C CB  . LYS A 1 176 ? 9.007   -1.434  10.428  1.00 29.95 ? 190 LYS A CB  1 
ATOM   1332 C CG  . LYS A 1 176 ? 7.839   -1.454  11.378  1.00 33.33 ? 190 LYS A CG  1 
ATOM   1333 C CD  . LYS A 1 176 ? 8.258   -1.100  12.811  1.00 36.56 ? 190 LYS A CD  1 
ATOM   1334 C CE  . LYS A 1 176 ? 7.117   -1.373  13.780  1.00 39.63 ? 190 LYS A CE  1 
ATOM   1335 N NZ  . LYS A 1 176 ? 7.520   -1.292  15.216  1.00 43.30 ? 190 LYS A NZ  1 
ATOM   1336 N N   . GLY A 1 177 ? 8.347   -3.757  8.712   1.00 24.13 ? 191 GLY A N   1 
ATOM   1337 C CA  . GLY A 1 177 ? 7.602   -4.992  8.497   1.00 23.52 ? 191 GLY A CA  1 
ATOM   1338 C C   . GLY A 1 177 ? 7.103   -5.187  7.072   1.00 22.75 ? 191 GLY A C   1 
ATOM   1339 O O   . GLY A 1 177 ? 7.760   -4.759  6.125   1.00 22.33 ? 191 GLY A O   1 
ATOM   1340 N N   . MET A 1 178 ? 5.938   -5.832  6.945   1.00 21.83 ? 192 MET A N   1 
ATOM   1341 C CA  . MET A 1 178 ? 5.311   -6.112  5.647   1.00 21.54 ? 192 MET A CA  1 
ATOM   1342 C C   . MET A 1 178 ? 5.160   -4.841  4.824   1.00 20.42 ? 192 MET A C   1 
ATOM   1343 O O   . MET A 1 178 ? 5.382   -4.853  3.619   1.00 19.20 ? 192 MET A O   1 
ATOM   1344 C CB  . MET A 1 178 ? 3.936   -6.771  5.824   1.00 23.18 ? 192 MET A CB  1 
ATOM   1345 C CG  . MET A 1 178 ? 3.300   -7.250  4.532   1.00 24.32 ? 192 MET A CG  1 
ATOM   1346 S SD  . MET A 1 178 ? 1.582   -7.788  4.741   1.00 28.08 ? 192 MET A SD  1 
ATOM   1347 C CE  . MET A 1 178 ? 0.713   -6.244  4.691   1.00 31.13 ? 192 MET A CE  1 
ATOM   1348 N N   . THR A 1 179 ? 4.775   -3.757  5.488   1.00 20.16 ? 193 THR A N   1 
ATOM   1349 C CA  . THR A 1 179 ? 4.554   -2.466  4.811   1.00 19.50 ? 193 THR A CA  1 
ATOM   1350 C C   . THR A 1 179 ? 5.832   -1.975  4.132   1.00 19.49 ? 193 THR A C   1 
ATOM   1351 O O   . THR A 1 179 ? 5.817   -1.622  2.939   1.00 18.31 ? 193 THR A O   1 
ATOM   1352 C CB  . THR A 1 179 ? 4.038   -1.428  5.817   1.00 19.83 ? 193 THR A CB  1 
ATOM   1353 O OG1 . THR A 1 179 ? 2.784   -1.890  6.339   1.00 20.16 ? 193 THR A OG1 1 
ATOM   1354 C CG2 . THR A 1 179 ? 3.820   -0.062  5.133   1.00 20.66 ? 193 THR A CG2 1 
ATOM   1355 N N   . ALA A 1 180 ? 6.940   -1.991  4.873   1.00 18.91 ? 194 ALA A N   1 
ATOM   1356 C CA  . ALA A 1 180 ? 8.246   -1.619  4.304   1.00 19.02 ? 194 ALA A CA  1 
ATOM   1357 C C   . ALA A 1 180 ? 8.668   -2.560  3.191   1.00 18.70 ? 194 ALA A C   1 
ATOM   1358 O O   . ALA A 1 180 ? 9.179   -2.138  2.149   1.00 17.74 ? 194 ALA A O   1 
ATOM   1359 C CB  . ALA A 1 180 ? 9.316   -1.572  5.377   1.00 19.26 ? 194 ALA A CB  1 
ATOM   1360 N N   . ASN A 1 181 ? 8.454   -3.856  3.392   1.00 19.01 ? 195 ASN A N   1 
ATOM   1361 C CA  . ASN A 1 181 ? 8.838   -4.809  2.372   1.00 19.89 ? 195 ASN A CA  1 
ATOM   1362 C C   . ASN A 1 181 ? 8.086   -4.631  1.054   1.00 18.15 ? 195 ASN A C   1 
ATOM   1363 O O   . ASN A 1 181 ? 8.698   -4.711  -0.013  1.00 18.40 ? 195 ASN A O   1 
ATOM   1364 C CB  . ASN A 1 181 ? 8.736   -6.246  2.901   1.00 22.23 ? 195 ASN A CB  1 
ATOM   1365 C CG  . ASN A 1 181 ? 9.930   -6.606  3.777   1.00 25.93 ? 195 ASN A CG  1 
ATOM   1366 O OD1 . ASN A 1 181 ? 10.851  -7.296  3.327   1.00 34.58 ? 195 ASN A OD1 1 
ATOM   1367 N ND2 . ASN A 1 181 ? 9.962   -6.095  4.989   1.00 29.14 ? 195 ASN A ND2 1 
ATOM   1368 N N   . LEU A 1 182 ? 6.774   -4.388  1.132   1.00 16.94 ? 196 LEU A N   1 
ATOM   1369 C CA  . LEU A 1 182 ? 5.970   -4.173  -0.057  1.00 18.20 ? 196 LEU A CA  1 
ATOM   1370 C C   . LEU A 1 182 ? 6.347   -2.883  -0.770  1.00 17.35 ? 196 LEU A C   1 
ATOM   1371 O O   . LEU A 1 182 ? 6.345   -2.835  -2.008  1.00 16.85 ? 196 LEU A O   1 
ATOM   1372 C CB  . LEU A 1 182 ? 4.478   -4.200  0.268   1.00 18.98 ? 196 LEU A CB  1 
ATOM   1373 C CG  . LEU A 1 182 ? 3.932   -5.596  0.613   1.00 19.25 ? 196 LEU A CG  1 
ATOM   1374 C CD1 . LEU A 1 182 ? 2.509   -5.488  1.142   1.00 20.05 ? 196 LEU A CD1 1 
ATOM   1375 C CD2 . LEU A 1 182 ? 3.982   -6.524  -0.589  1.00 20.19 ? 196 LEU A CD2 1 
ATOM   1376 N N   . ALA A 1 183 ? 6.674   -1.850  -0.003  1.00 18.00 ? 197 ALA A N   1 
ATOM   1377 C CA  . ALA A 1 183 ? 7.085   -0.573  -0.618  1.00 17.75 ? 197 ALA A CA  1 
ATOM   1378 C C   . ALA A 1 183 ? 8.353   -0.729  -1.452  1.00 17.51 ? 197 ALA A C   1 
ATOM   1379 O O   . ALA A 1 183 ? 8.438   -0.206  -2.567  1.00 17.56 ? 197 ALA A O   1 
ATOM   1380 C CB  . ALA A 1 183 ? 7.255   0.507   0.437   1.00 18.00 ? 197 ALA A CB  1 
ATOM   1381 N N   . VAL A 1 184 ? 9.321   -1.476  -0.925  1.00 17.11 ? 198 VAL A N   1 
ATOM   1382 C CA  . VAL A 1 184 ? 10.562  -1.760  -1.662  1.00 18.20 ? 198 VAL A CA  1 
ATOM   1383 C C   . VAL A 1 184 ? 10.270  -2.549  -2.935  1.00 17.12 ? 198 VAL A C   1 
ATOM   1384 O O   . VAL A 1 184 ? 10.780  -2.233  -4.003  1.00 17.26 ? 198 VAL A O   1 
ATOM   1385 C CB  . VAL A 1 184 ? 11.594  -2.492  -0.774  1.00 18.59 ? 198 VAL A CB  1 
ATOM   1386 C CG1 . VAL A 1 184 ? 12.763  -3.015  -1.620  1.00 20.27 ? 198 VAL A CG1 1 
ATOM   1387 C CG2 . VAL A 1 184 ? 12.079  -1.561  0.326   1.00 20.26 ? 198 VAL A CG2 1 
ATOM   1388 N N   . LEU A 1 185 ? 9.434   -3.575  -2.823  1.00 17.33 ? 199 LEU A N   1 
ATOM   1389 C CA  . LEU A 1 185 ? 9.056   -4.379  -3.977  1.00 17.34 ? 199 LEU A CA  1 
ATOM   1390 C C   . LEU A 1 185 ? 8.478   -3.522  -5.115  1.00 17.49 ? 199 LEU A C   1 
ATOM   1391 O O   . LEU A 1 185 ? 8.882   -3.640  -6.273  1.00 17.25 ? 199 LEU A O   1 
ATOM   1392 C CB  . LEU A 1 185 ? 8.043   -5.466  -3.577  1.00 18.63 ? 199 LEU A CB  1 
ATOM   1393 C CG  . LEU A 1 185 ? 7.490   -6.314  -4.728  1.00 18.83 ? 199 LEU A CG  1 
ATOM   1394 C CD1 . LEU A 1 185 ? 8.580   -7.079  -5.473  1.00 20.22 ? 199 LEU A CD1 1 
ATOM   1395 C CD2 . LEU A 1 185 ? 6.429   -7.288  -4.222  1.00 20.36 ? 199 LEU A CD2 1 
ATOM   1396 N N   . VAL A 1 186 ? 7.528   -2.649  -4.780  1.00 16.43 ? 200 VAL A N   1 
ATOM   1397 C CA  . VAL A 1 186 ? 6.904   -1.798  -5.786  1.00 17.36 ? 200 VAL A CA  1 
ATOM   1398 C C   . VAL A 1 186 ? 7.946   -0.856  -6.418  1.00 16.77 ? 200 VAL A C   1 
ATOM   1399 O O   . VAL A 1 186 ? 7.965   -0.689  -7.646  1.00 17.46 ? 200 VAL A O   1 
ATOM   1400 C CB  . VAL A 1 186 ? 5.727   -0.989  -5.184  1.00 18.25 ? 200 VAL A CB  1 
ATOM   1401 C CG1 . VAL A 1 186 ? 5.189   0.024   -6.193  1.00 19.66 ? 200 VAL A CG1 1 
ATOM   1402 C CG2 . VAL A 1 186 ? 4.606   -1.930  -4.812  1.00 19.37 ? 200 VAL A CG2 1 
ATOM   1403 N N   . ALA A 1 187 ? 8.805   -0.266  -5.587  1.00 16.67 ? 201 ALA A N   1 
ATOM   1404 C CA  . ALA A 1 187 ? 9.882   0.601   -6.093  1.00 17.70 ? 201 ALA A CA  1 
ATOM   1405 C C   . ALA A 1 187 ? 10.805  -0.141  -7.070  1.00 18.01 ? 201 ALA A C   1 
ATOM   1406 O O   . ALA A 1 187 ? 11.133  0.383   -8.139  1.00 18.75 ? 201 ALA A O   1 
ATOM   1407 C CB  . ALA A 1 187 ? 10.674  1.194   -4.952  1.00 18.37 ? 201 ALA A CB  1 
ATOM   1408 N N   . PHE A 1 188 ? 11.233  -1.351  -6.714  1.00 17.46 ? 202 PHE A N   1 
ATOM   1409 C CA  . PHE A 1 188 ? 12.058  -2.146  -7.637  1.00 17.71 ? 202 PHE A CA  1 
ATOM   1410 C C   . PHE A 1 188 ? 11.328  -2.403  -8.962  1.00 17.27 ? 202 PHE A C   1 
ATOM   1411 O O   . PHE A 1 188 ? 11.897  -2.226  -10.037 1.00 17.82 ? 202 PHE A O   1 
ATOM   1412 C CB  . PHE A 1 188 ? 12.463  -3.512  -7.047  1.00 18.18 ? 202 PHE A CB  1 
ATOM   1413 C CG  . PHE A 1 188 ? 13.509  -3.484  -5.955  1.00 19.76 ? 202 PHE A CG  1 
ATOM   1414 C CD1 . PHE A 1 188 ? 14.240  -2.351  -5.605  1.00 20.29 ? 202 PHE A CD1 1 
ATOM   1415 C CD2 . PHE A 1 188 ? 13.807  -4.684  -5.289  1.00 21.04 ? 202 PHE A CD2 1 
ATOM   1416 C CE1 . PHE A 1 188 ? 15.191  -2.399  -4.595  1.00 21.30 ? 202 PHE A CE1 1 
ATOM   1417 C CE2 . PHE A 1 188 ? 14.760  -4.728  -4.288  1.00 21.77 ? 202 PHE A CE2 1 
ATOM   1418 C CZ  . PHE A 1 188 ? 15.465  -3.591  -3.951  1.00 21.90 ? 202 PHE A CZ  1 
ATOM   1419 N N   . ILE A 1 189 ? 10.067  -2.847  -8.887  1.00 16.50 ? 203 ILE A N   1 
ATOM   1420 C CA  . ILE A 1 189 ? 9.321   -3.179  -10.076 1.00 17.19 ? 203 ILE A CA  1 
ATOM   1421 C C   . ILE A 1 189 ? 9.245   -1.998  -11.035 1.00 16.95 ? 203 ILE A C   1 
ATOM   1422 O O   . ILE A 1 189 ? 9.477   -2.147  -12.222 1.00 18.78 ? 203 ILE A O   1 
ATOM   1423 C CB  . ILE A 1 189 ? 7.893   -3.684  -9.748  1.00 16.67 ? 203 ILE A CB  1 
ATOM   1424 C CG1 . ILE A 1 189 ? 7.987   -5.086  -9.123  1.00 18.28 ? 203 ILE A CG1 1 
ATOM   1425 C CG2 . ILE A 1 189 ? 7.014   -3.707  -10.997 1.00 16.48 ? 203 ILE A CG2 1 
ATOM   1426 C CD1 . ILE A 1 189 ? 6.713   -5.551  -8.429  1.00 18.94 ? 203 ILE A CD1 1 
ATOM   1427 N N   . ILE A 1 190 ? 8.928   -0.822  -10.495 1.00 16.71 ? 204 ILE A N   1 
ATOM   1428 C CA  . ILE A 1 190 ? 8.611   0.321   -11.348 1.00 18.00 ? 204 ILE A CA  1 
ATOM   1429 C C   . ILE A 1 190 ? 9.860   1.087   -11.771 1.00 17.70 ? 204 ILE A C   1 
ATOM   1430 O O   . ILE A 1 190 ? 9.900   1.584   -12.899 1.00 20.48 ? 204 ILE A O   1 
ATOM   1431 C CB  . ILE A 1 190 ? 7.600   1.247   -10.657 1.00 18.29 ? 204 ILE A CB  1 
ATOM   1432 C CG1 . ILE A 1 190 ? 6.280   0.488   -10.458 1.00 19.01 ? 204 ILE A CG1 1 
ATOM   1433 C CG2 . ILE A 1 190 ? 7.418   2.541   -11.448 1.00 19.20 ? 204 ILE A CG2 1 
ATOM   1434 C CD1 . ILE A 1 190 ? 5.241   1.254   -9.668  1.00 19.81 ? 204 ILE A CD1 1 
ATOM   1435 N N   . LEU A 1 191 ? 10.851  1.182   -10.883 1.00 18.05 ? 205 LEU A N   1 
ATOM   1436 C CA  . LEU A 1 191 ? 11.993  2.091   -11.097 1.00 18.81 ? 205 LEU A CA  1 
ATOM   1437 C C   . LEU A 1 191 ? 13.295  1.439   -11.559 1.00 21.01 ? 205 LEU A C   1 
ATOM   1438 O O   . LEU A 1 191 ? 14.212  2.162   -11.996 1.00 20.85 ? 205 LEU A O   1 
ATOM   1439 C CB  . LEU A 1 191 ? 12.258  2.914   -9.845  1.00 19.30 ? 205 LEU A CB  1 
ATOM   1440 C CG  . LEU A 1 191 ? 11.076  3.757   -9.337  1.00 20.13 ? 205 LEU A CG  1 
ATOM   1441 C CD1 . LEU A 1 191 ? 11.440  4.407   -8.026  1.00 20.27 ? 205 LEU A CD1 1 
ATOM   1442 C CD2 . LEU A 1 191 ? 10.644  4.798   -10.363 1.00 21.51 ? 205 LEU A CD2 1 
ATOM   1443 N N   . GLU A 1 192 ? 13.416  0.118   -11.467 1.00 21.30 ? 206 GLU A N   1 
ATOM   1444 C CA  . GLU A 1 192 ? 14.676  -0.517  -11.930 1.00 23.78 ? 206 GLU A CA  1 
ATOM   1445 C C   . GLU A 1 192 ? 14.922  -0.290  -13.424 1.00 24.26 ? 206 GLU A C   1 
ATOM   1446 O O   . GLU A 1 192 ? 13.984  -0.228  -14.228 1.00 24.40 ? 206 GLU A O   1 
ATOM   1447 C CB  . GLU A 1 192 ? 14.707  -2.016  -11.625 1.00 24.43 ? 206 GLU A CB  1 
ATOM   1448 C CG  . GLU A 1 192 ? 13.783  -2.834  -12.503 1.00 25.88 ? 206 GLU A CG  1 
ATOM   1449 C CD  . GLU A 1 192 ? 13.980  -4.333  -12.367 1.00 30.12 ? 206 GLU A CD  1 
ATOM   1450 O OE1 . GLU A 1 192 ? 15.031  -4.766  -11.842 1.00 31.11 ? 206 GLU A OE1 1 
ATOM   1451 O OE2 . GLU A 1 192 ? 13.080  -5.064  -12.827 1.00 32.96 ? 206 GLU A OE2 1 
ATOM   1452 N N   . LYS A 1 193 ? 16.195  -0.170  -13.796 1.00 26.61 ? 207 LYS A N   1 
ATOM   1453 C CA  . LYS A 1 193 ? 16.600  -0.164  -15.212 1.00 29.66 ? 207 LYS A CA  1 
ATOM   1454 C C   . LYS A 1 193 ? 15.825  0.845   -16.043 1.00 30.19 ? 207 LYS A C   1 
ATOM   1455 O O   . LYS A 1 193 ? 15.082  0.475   -16.951 1.00 30.93 ? 207 LYS A O   1 
ATOM   1456 C CB  . LYS A 1 193 ? 16.441  -1.561  -15.832 1.00 33.67 ? 207 LYS A CB  1 
ATOM   1457 C CG  . LYS A 1 193 ? 17.172  -2.689  -15.128 1.00 38.58 ? 207 LYS A CG  1 
ATOM   1458 C CD  . LYS A 1 193 ? 16.926  -3.993  -15.896 1.00 42.94 ? 207 LYS A CD  1 
ATOM   1459 C CE  . LYS A 1 193 ? 16.811  -5.215  -14.993 1.00 45.89 ? 207 LYS A CE  1 
ATOM   1460 N NZ  . LYS A 1 193 ? 15.995  -6.284  -15.644 1.00 48.52 ? 207 LYS A NZ  1 
ATOM   1461 N N   . LYS A 1 194 ? 15.982  2.121   -15.707 1.00 31.51 ? 208 LYS A N   1 
ATOM   1462 C CA  . LYS A 1 194 ? 15.301  3.220   -16.406 1.00 36.81 ? 208 LYS A CA  1 
ATOM   1463 C C   . LYS A 1 194 ? 16.315  4.241   -16.884 1.00 38.06 ? 208 LYS A C   1 
ATOM   1464 O O   . LYS A 1 194 ? 17.156  4.660   -16.091 1.00 34.98 ? 208 LYS A O   1 
ATOM   1465 C CB  . LYS A 1 194 ? 14.323  3.910   -15.464 1.00 39.49 ? 208 LYS A CB  1 
ATOM   1466 C CG  . LYS A 1 194 ? 13.149  3.027   -15.077 1.00 44.03 ? 208 LYS A CG  1 
ATOM   1467 C CD  . LYS A 1 194 ? 11.889  3.401   -15.824 1.00 47.75 ? 208 LYS A CD  1 
ATOM   1468 C CE  . LYS A 1 194 ? 11.275  4.648   -15.215 1.00 49.37 ? 208 LYS A CE  1 
ATOM   1469 N NZ  . LYS A 1 194 ? 9.996   4.950   -15.878 1.00 49.88 ? 208 LYS A NZ  1 
ATOM   1470 N N   . PRO A 1 195 ? 16.240  4.650   -18.173 1.00 42.21 ? 209 PRO A N   1 
ATOM   1471 C CA  . PRO A 1 195 ? 17.081  5.777   -18.613 1.00 44.93 ? 209 PRO A CA  1 
ATOM   1472 C C   . PRO A 1 195 ? 16.681  7.089   -17.931 1.00 47.58 ? 209 PRO A C   1 
ATOM   1473 O O   . PRO A 1 195 ? 15.496  7.300   -17.648 1.00 48.31 ? 209 PRO A O   1 
ATOM   1474 C CB  . PRO A 1 195 ? 16.839  5.858   -20.130 1.00 45.30 ? 209 PRO A CB  1 
ATOM   1475 C CG  . PRO A 1 195 ? 16.052  4.651   -20.514 1.00 46.28 ? 209 PRO A CG  1 
ATOM   1476 C CD  . PRO A 1 195 ? 15.445  4.067   -19.275 1.00 44.74 ? 209 PRO A CD  1 
ATOM   1477 N N   . THR A 1 196 ? 17.660  7.946   -17.651 1.00 50.14 ? 210 THR A N   1 
ATOM   1478 C CA  . THR A 1 196 ? 17.397  9.276   -17.093 1.00 53.79 ? 210 THR A CA  1 
ATOM   1479 C C   . THR A 1 196 ? 17.144  10.276  -18.225 1.00 57.79 ? 210 THR A C   1 
ATOM   1480 O O   . THR A 1 196 ? 16.092  10.919  -18.274 1.00 60.90 ? 210 THR A O   1 
ATOM   1481 C CB  . THR A 1 196 ? 18.564  9.767   -16.215 1.00 54.66 ? 210 THR A CB  1 
ATOM   1482 O OG1 . THR A 1 196 ? 19.755  9.856   -17.004 1.00 56.78 ? 210 THR A OG1 1 
ATOM   1483 C CG2 . THR A 1 196 ? 18.803  8.806   -15.059 1.00 55.19 ? 210 THR A CG2 1 
HETATM 1484 C C   . ACT B 2 .   ? 4.985   6.252   13.176  1.00 49.22 ? 301 ACT A C   1 
HETATM 1485 O O   . ACT B 2 .   ? 3.913   6.815   12.837  1.00 49.87 ? 301 ACT A O   1 
HETATM 1486 O OXT . ACT B 2 .   ? 6.105   6.711   12.866  1.00 42.53 ? 301 ACT A OXT 1 
HETATM 1487 C CH3 . ACT B 2 .   ? 4.927   4.985   13.979  1.00 48.92 ? 301 ACT A CH3 1 
HETATM 1488 C C   . ACT C 2 .   ? -10.991 3.201   -12.901 1.00 58.99 ? 302 ACT A C   1 
HETATM 1489 O O   . ACT C 2 .   ? -11.830 2.711   -12.119 1.00 61.36 ? 302 ACT A O   1 
HETATM 1490 O OXT . ACT C 2 .   ? -10.428 4.289   -12.658 1.00 62.51 ? 302 ACT A OXT 1 
HETATM 1491 C CH3 . ACT C 2 .   ? -10.656 2.473   -14.165 1.00 59.68 ? 302 ACT A CH3 1 
HETATM 1492 S S   . DMS D 3 .   ? -12.488 12.704  -2.173  1.00 54.46 ? 303 DMS A S   1 
HETATM 1493 O O   . DMS D 3 .   ? -11.348 13.001  -3.092  1.00 38.43 ? 303 DMS A O   1 
HETATM 1494 C C1  . DMS D 3 .   ? -13.617 11.614  -2.863  1.00 50.45 ? 303 DMS A C1  1 
HETATM 1495 C C2  . DMS D 3 .   ? -12.039 11.725  -0.838  1.00 48.87 ? 303 DMS A C2  1 
HETATM 1496 S S   . DMS E 3 .   ? -5.922  10.590  -13.581 1.00 48.74 ? 304 DMS A S   1 
HETATM 1497 O O   . DMS E 3 .   ? -5.225  11.176  -12.405 1.00 35.07 ? 304 DMS A O   1 
HETATM 1498 C C1  . DMS E 3 .   ? -5.963  11.671  -14.904 1.00 45.92 ? 304 DMS A C1  1 
HETATM 1499 C C2  . DMS E 3 .   ? -4.938  9.365   -14.253 1.00 49.04 ? 304 DMS A C2  1 
HETATM 1500 N N1  . H47 F 4 .   ? -5.042  -0.880  7.144   0.49 29.05 ? 305 H47 A N1  1 
HETATM 1501 C C4  . H47 F 4 .   ? -2.005  -5.528  7.536   0.49 36.30 ? 305 H47 A C4  1 
HETATM 1502 C C5  . H47 F 4 .   ? -3.282  -5.027  7.366   0.49 37.14 ? 305 H47 A C5  1 
HETATM 1503 C C6  . H47 F 4 .   ? -3.474  -3.796  6.762   0.49 34.73 ? 305 H47 A C6  1 
HETATM 1504 C C7  . H47 F 4 .   ? -4.851  -3.227  6.562   0.49 32.87 ? 305 H47 A C7  1 
HETATM 1505 C C8  . H47 F 4 .   ? -5.175  -2.158  7.583   0.49 32.40 ? 305 H47 A C8  1 
HETATM 1506 C C10 . H47 F 4 .   ? -6.224  0.270   9.000   0.49 29.64 ? 305 H47 A C10 1 
HETATM 1507 C C1  . H47 F 4 .   ? 0.561   -3.094  4.797   0.49 31.84 ? 305 H47 A C1  1 
HETATM 1508 O O1  . H47 F 4 .   ? -0.073  -2.781  6.024   0.49 35.01 ? 305 H47 A O1  1 
HETATM 1509 C C2  . H47 F 4 .   ? -1.094  -3.585  6.478   0.49 34.49 ? 305 H47 A C2  1 
HETATM 1510 C C3  . H47 F 4 .   ? -0.908  -4.808  7.102   0.49 35.63 ? 305 H47 A C3  1 
HETATM 1511 C C9  . H47 F 4 .   ? -5.370  0.249   7.898   0.49 30.46 ? 305 H47 A C9  1 
HETATM 1512 C C11 . H47 F 4 .   ? -6.265  1.534   9.445   0.49 29.24 ? 305 H47 A C11 1 
HETATM 1513 O O2  . H47 F 4 .   ? -5.465  2.271   8.651   0.49 30.78 ? 305 H47 A O2  1 
HETATM 1514 N N2  . H47 F 4 .   ? -4.902  1.441   7.654   0.49 27.70 ? 305 H47 A N2  1 
HETATM 1515 O O3  . H47 F 4 .   ? -5.561  -2.442  8.715   0.49 33.52 ? 305 H47 A O3  1 
HETATM 1516 C C12 . H47 F 4 .   ? -2.369  -3.082  6.324   0.49 35.85 ? 305 H47 A C12 1 
HETATM 1517 O O   . HOH G 5 .   ? -6.316  -20.101 -5.273  1.00 32.16 ? 401 HOH A O   1 
HETATM 1518 O O   . HOH G 5 .   ? 8.593   6.311   -17.292 1.00 42.63 ? 402 HOH A O   1 
HETATM 1519 O O   . HOH G 5 .   ? -7.794  -19.468 -7.255  1.00 73.70 ? 403 HOH A O   1 
HETATM 1520 O O   . HOH G 5 .   ? 12.219  -7.837  1.262   1.00 26.81 ? 404 HOH A O   1 
HETATM 1521 O O   . HOH G 5 .   ? -9.811  10.958  -14.005 1.00 39.38 ? 405 HOH A O   1 
HETATM 1522 O O   . HOH G 5 .   ? 14.207  -6.159  9.384   1.00 54.71 ? 406 HOH A O   1 
HETATM 1523 O O   . HOH G 5 .   ? 17.467  -4.379  -11.073 1.00 37.56 ? 407 HOH A O   1 
HETATM 1524 O O   . HOH G 5 .   ? -13.322 9.580   5.257   1.00 48.40 ? 408 HOH A O   1 
HETATM 1525 O O   . HOH G 5 .   ? -13.918 -5.868  6.794   1.00 37.23 ? 409 HOH A O   1 
HETATM 1526 O O   . HOH G 5 .   ? -10.341 13.519  -11.874 1.00 27.48 ? 410 HOH A O   1 
HETATM 1527 O O   . HOH G 5 .   ? -11.847 -15.737 8.396   1.00 37.17 ? 411 HOH A O   1 
HETATM 1528 O O   . HOH G 5 .   ? 16.253  7.238   -4.704  1.00 40.11 ? 412 HOH A O   1 
HETATM 1529 O O   . HOH G 5 .   ? -19.342 -4.164  -0.377  1.00 29.42 ? 413 HOH A O   1 
HETATM 1530 O O   . HOH G 5 .   ? 10.552  -4.491  -13.460 1.00 24.53 ? 414 HOH A O   1 
HETATM 1531 O O   . HOH G 5 .   ? 19.922  3.365   1.839   1.00 47.44 ? 415 HOH A O   1 
HETATM 1532 O O   . HOH G 5 .   ? 11.099  -4.249  9.398   1.00 39.27 ? 416 HOH A O   1 
HETATM 1533 O O   . HOH G 5 .   ? 0.632   0.555   -19.919 1.00 36.29 ? 417 HOH A O   1 
HETATM 1534 O O   . HOH G 5 .   ? -8.226  -2.724  8.853   1.00 47.20 ? 418 HOH A O   1 
HETATM 1535 O O   . HOH G 5 .   ? -19.560 -4.289  4.483   1.00 28.87 ? 419 HOH A O   1 
HETATM 1536 O O   . HOH G 5 .   ? 4.981   12.922  3.566   1.00 48.26 ? 420 HOH A O   1 
HETATM 1537 O O   . HOH G 5 .   ? -15.348 8.352   12.294  1.00 45.69 ? 421 HOH A O   1 
HETATM 1538 O O   . HOH G 5 .   ? 11.015  -6.017  -0.408  1.00 24.56 ? 422 HOH A O   1 
HETATM 1539 O O   . HOH G 5 .   ? 3.569   15.024  7.456   1.00 34.24 ? 423 HOH A O   1 
HETATM 1540 O O   . HOH G 5 .   ? -13.612 -13.009 6.163   1.00 45.32 ? 424 HOH A O   1 
HETATM 1541 O O   . HOH G 5 .   ? 14.410  10.482  8.063   1.00 41.91 ? 425 HOH A O   1 
HETATM 1542 O O   . HOH G 5 .   ? 7.003   5.083   -14.435 1.00 29.63 ? 426 HOH A O   1 
HETATM 1543 O O   . HOH G 5 .   ? 1.484   -1.719  10.402  1.00 46.41 ? 427 HOH A O   1 
HETATM 1544 O O   . HOH G 5 .   ? -7.533  11.312  11.671  1.00 29.76 ? 428 HOH A O   1 
HETATM 1545 O O   . HOH G 5 .   ? -0.200  8.867   -19.205 1.00 36.63 ? 429 HOH A O   1 
HETATM 1546 O O   . HOH G 5 .   ? 2.247   19.388  9.444   1.00 31.46 ? 430 HOH A O   1 
HETATM 1547 O O   . HOH G 5 .   ? -7.250  8.803   15.055  1.00 37.00 ? 431 HOH A O   1 
HETATM 1548 O O   . HOH G 5 .   ? -9.907  13.892  8.689   1.00 35.84 ? 432 HOH A O   1 
HETATM 1549 O O   . HOH G 5 .   ? -4.519  -21.586 -8.718  1.00 31.75 ? 433 HOH A O   1 
HETATM 1550 O O   . HOH G 5 .   ? 3.157   -5.558  -19.424 1.00 34.35 ? 434 HOH A O   1 
HETATM 1551 O O   . HOH G 5 .   ? -4.207  -14.623 -5.947  1.00 35.05 ? 435 HOH A O   1 
HETATM 1552 O O   . HOH G 5 .   ? 5.614   10.806  -18.587 1.00 39.21 ? 436 HOH A O   1 
HETATM 1553 O O   . HOH G 5 .   ? -17.045 -4.815  -1.672  1.00 25.48 ? 437 HOH A O   1 
HETATM 1554 O O   . HOH G 5 .   ? 11.132  -6.181  7.470   1.00 39.18 ? 438 HOH A O   1 
HETATM 1555 O O   . HOH G 5 .   ? -15.344 9.889   -0.007  1.00 40.63 ? 439 HOH A O   1 
HETATM 1556 O O   . HOH G 5 .   ? 5.103   0.039   9.634   1.00 25.01 ? 440 HOH A O   1 
HETATM 1557 O O   . HOH G 5 .   ? -8.499  -10.752 0.948   1.00 21.77 ? 441 HOH A O   1 
HETATM 1558 O O   . HOH G 5 .   ? 20.508  4.037   6.143   1.00 40.49 ? 442 HOH A O   1 
HETATM 1559 O O   . HOH G 5 .   ? -11.351 -18.469 3.249   1.00 28.91 ? 443 HOH A O   1 
HETATM 1560 O O   . HOH G 5 .   ? 16.345  8.626   -0.351  1.00 45.02 ? 444 HOH A O   1 
HETATM 1561 O O   . HOH G 5 .   ? -11.934 2.546   -2.930  1.00 31.98 ? 445 HOH A O   1 
HETATM 1562 O O   . HOH G 5 .   ? -1.996  10.545  -9.373  1.00 30.45 ? 446 HOH A O   1 
HETATM 1563 O O   . HOH G 5 .   ? 5.193   2.081   11.813  1.00 29.28 ? 447 HOH A O   1 
HETATM 1564 O O   . HOH G 5 .   ? 19.924  4.669   -15.975 1.00 24.82 ? 448 HOH A O   1 
HETATM 1565 O O   . HOH G 5 .   ? -16.556 -12.234 -0.022  1.00 24.07 ? 449 HOH A O   1 
HETATM 1566 O O   . HOH G 5 .   ? 5.361   -11.920 -16.593 1.00 42.36 ? 450 HOH A O   1 
HETATM 1567 O O   . HOH G 5 .   ? 3.580   -3.694  8.294   1.00 25.39 ? 451 HOH A O   1 
HETATM 1568 O O   . HOH G 5 .   ? 1.167   11.549  12.521  1.00 47.36 ? 452 HOH A O   1 
HETATM 1569 O O   . HOH G 5 .   ? 8.206   2.492   -14.923 1.00 27.93 ? 453 HOH A O   1 
HETATM 1570 O O   . HOH G 5 .   ? 8.710   18.992  12.511  1.00 33.13 ? 454 HOH A O   1 
HETATM 1571 O O   . HOH G 5 .   ? -4.610  13.038  -0.367  1.00 42.59 ? 455 HOH A O   1 
HETATM 1572 O O   . HOH G 5 .   ? 21.541  4.026   -0.216  1.00 45.93 ? 456 HOH A O   1 
HETATM 1573 O O   . HOH G 5 .   ? 16.302  -0.662  -1.338  1.00 31.25 ? 457 HOH A O   1 
HETATM 1574 O O   . HOH G 5 .   ? -4.995  -9.185  -10.513 1.00 46.66 ? 458 HOH A O   1 
HETATM 1575 O O   . HOH G 5 .   ? -12.006 -11.511 -9.631  1.00 48.31 ? 459 HOH A O   1 
HETATM 1576 O O   . HOH G 5 .   ? 7.235   -0.070  -18.897 1.00 36.87 ? 460 HOH A O   1 
HETATM 1577 O O   . HOH G 5 .   ? -13.615 -6.032  -7.732  1.00 38.14 ? 461 HOH A O   1 
HETATM 1578 O O   . HOH G 5 .   ? -9.260  18.486  -7.071  1.00 54.30 ? 462 HOH A O   1 
HETATM 1579 O O   . HOH G 5 .   ? 4.643   -14.921 2.691   1.00 31.50 ? 463 HOH A O   1 
HETATM 1580 O O   . HOH G 5 .   ? -11.507 -15.310 -3.818  1.00 54.13 ? 464 HOH A O   1 
HETATM 1581 O O   . HOH G 5 .   ? -15.435 -2.876  -2.967  1.00 26.40 ? 465 HOH A O   1 
HETATM 1582 O O   . HOH G 5 .   ? -5.415  -13.645 -3.487  1.00 40.06 ? 466 HOH A O   1 
HETATM 1583 O O   . HOH G 5 .   ? -6.112  5.603   -14.010 1.00 35.01 ? 467 HOH A O   1 
HETATM 1584 O O   . HOH G 5 .   ? -12.037 0.827   -9.249  1.00 34.63 ? 468 HOH A O   1 
HETATM 1585 O O   . HOH G 5 .   ? -4.249  12.477  -5.153  1.00 41.96 ? 469 HOH A O   1 
HETATM 1586 O O   . HOH G 5 .   ? 11.150  13.440  0.008   1.00 34.54 ? 470 HOH A O   1 
HETATM 1587 O O   . HOH G 5 .   ? 7.977   8.519   14.055  1.00 55.20 ? 471 HOH A O   1 
HETATM 1588 O O   . HOH G 5 .   ? -6.852  -17.236 -0.261  1.00 20.29 ? 472 HOH A O   1 
HETATM 1589 O O   . HOH G 5 .   ? -4.047  -4.151  -15.507 1.00 41.96 ? 473 HOH A O   1 
HETATM 1590 O O   . HOH G 5 .   ? -3.099  -23.059 11.877  1.00 43.51 ? 474 HOH A O   1 
HETATM 1591 O O   . HOH G 5 .   ? -8.834  -23.749 6.495   1.00 41.91 ? 475 HOH A O   1 
HETATM 1592 O O   . HOH G 5 .   ? 14.071  5.030   -12.231 1.00 26.44 ? 476 HOH A O   1 
HETATM 1593 O O   . HOH G 5 .   ? -10.467 -5.340  8.909   1.00 33.32 ? 477 HOH A O   1 
HETATM 1594 O O   . HOH G 5 .   ? -10.040 -0.648  -10.909 1.00 32.09 ? 478 HOH A O   1 
HETATM 1595 O O   . HOH G 5 .   ? -6.459  -12.605 0.831   1.00 18.58 ? 479 HOH A O   1 
HETATM 1596 O O   . HOH G 5 .   ? -5.365  8.064   16.983  1.00 36.40 ? 480 HOH A O   1 
HETATM 1597 O O   . HOH G 5 .   ? -11.471 12.379  -8.353  1.00 33.60 ? 481 HOH A O   1 
HETATM 1598 O O   . HOH G 5 .   ? -18.649 2.789   -3.255  1.00 58.09 ? 482 HOH A O   1 
HETATM 1599 O O   . HOH G 5 .   ? -16.586 1.348   2.112   1.00 30.32 ? 483 HOH A O   1 
HETATM 1600 O O   . HOH G 5 .   ? 11.264  10.918  -6.143  1.00 37.33 ? 484 HOH A O   1 
HETATM 1601 O O   . HOH G 5 .   ? -6.871  6.380   -11.443 1.00 32.58 ? 485 HOH A O   1 
HETATM 1602 O O   . HOH G 5 .   ? -10.216 -12.784 -5.332  1.00 31.77 ? 486 HOH A O   1 
HETATM 1603 O O   . HOH G 5 .   ? -9.903  -2.551  17.225  1.00 62.99 ? 487 HOH A O   1 
HETATM 1604 O O   . HOH G 5 .   ? -15.299 -9.697  7.891   1.00 36.29 ? 488 HOH A O   1 
HETATM 1605 O O   . HOH G 5 .   ? 8.721   8.169   -10.220 1.00 28.13 ? 489 HOH A O   1 
HETATM 1606 O O   . HOH G 5 .   ? 9.724   8.747   -6.797  1.00 23.16 ? 490 HOH A O   1 
HETATM 1607 O O   . HOH G 5 .   ? 2.247   13.709  2.712   1.00 28.70 ? 491 HOH A O   1 
HETATM 1608 O O   . HOH G 5 .   ? 4.776   -6.715  9.530   1.00 36.11 ? 492 HOH A O   1 
HETATM 1609 O O   . HOH G 5 .   ? -11.579 -14.748 5.655   1.00 26.54 ? 493 HOH A O   1 
HETATM 1610 O O   . HOH G 5 .   ? 8.652   13.884  13.935  1.00 34.80 ? 494 HOH A O   1 
HETATM 1611 O O   . HOH G 5 .   ? -8.593  -13.261 11.107  1.00 52.74 ? 495 HOH A O   1 
HETATM 1612 O O   . HOH G 5 .   ? 2.562   17.423  4.087   1.00 34.10 ? 496 HOH A O   1 
HETATM 1613 O O   . HOH G 5 .   ? -18.767 6.684   -5.129  1.00 53.91 ? 497 HOH A O   1 
HETATM 1614 O O   . HOH G 5 .   ? 7.712   14.651  -2.895  1.00 51.51 ? 498 HOH A O   1 
HETATM 1615 O O   . HOH G 5 .   ? 16.208  6.129   -13.654 1.00 31.16 ? 499 HOH A O   1 
HETATM 1616 O O   . HOH G 5 .   ? 13.796  11.148  4.836   1.00 33.92 ? 500 HOH A O   1 
HETATM 1617 O O   . HOH G 5 .   ? -17.086 3.770   3.183   1.00 46.03 ? 501 HOH A O   1 
HETATM 1618 O O   . HOH G 5 .   ? -14.659 7.503   4.833   1.00 38.07 ? 502 HOH A O   1 
HETATM 1619 O O   . HOH G 5 .   ? -12.364 -17.521 -4.835  1.00 84.86 ? 503 HOH A O   1 
HETATM 1620 O O   . HOH G 5 .   ? -9.486  -9.644  -7.040  1.00 28.06 ? 504 HOH A O   1 
HETATM 1621 O O   . HOH G 5 .   ? -16.067 -0.232  -2.491  1.00 43.93 ? 505 HOH A O   1 
HETATM 1622 O O   . HOH G 5 .   ? -3.920  -23.155 9.312   1.00 30.15 ? 506 HOH A O   1 
HETATM 1623 O O   . HOH G 5 .   ? -9.203  7.401   -11.702 1.00 46.78 ? 507 HOH A O   1 
HETATM 1624 O O   . HOH G 5 .   ? 4.091   -15.705 10.533  1.00 40.02 ? 508 HOH A O   1 
HETATM 1625 O O   . HOH G 5 .   ? -6.786  -21.521 7.646   1.00 45.69 ? 509 HOH A O   1 
HETATM 1626 O O   . HOH G 5 .   ? -13.851 -14.344 -5.445  1.00 47.13 ? 510 HOH A O   1 
HETATM 1627 O O   . HOH G 5 .   ? -6.552  19.593  -10.995 1.00 47.79 ? 511 HOH A O   1 
HETATM 1628 O O   . HOH G 5 .   ? -7.605  -3.740  15.262  1.00 55.31 ? 512 HOH A O   1 
HETATM 1629 O O   . HOH G 5 .   ? -11.443 -18.779 0.542   1.00 40.59 ? 513 HOH A O   1 
HETATM 1630 O O   . HOH G 5 .   ? -0.251  -3.489  9.557   1.00 54.45 ? 514 HOH A O   1 
HETATM 1631 O O   . HOH G 5 .   ? -17.685 -2.376  5.580   1.00 43.90 ? 515 HOH A O   1 
HETATM 1632 O O   . HOH G 5 .   ? -4.541  17.868  -9.457  1.00 51.72 ? 516 HOH A O   1 
HETATM 1633 O O   . HOH G 5 .   ? 0.999   -4.136  -20.416 1.00 45.39 ? 517 HOH A O   1 
HETATM 1634 O O   . HOH G 5 .   ? 8.741   -5.073  12.030  1.00 54.94 ? 518 HOH A O   1 
HETATM 1635 O O   . HOH G 5 .   ? -9.170  0.206   10.111  1.00 60.84 ? 519 HOH A O   1 
HETATM 1636 O O   . HOH G 5 .   ? 5.729   -16.818 5.778   1.00 36.93 ? 520 HOH A O   1 
HETATM 1637 O O   . HOH G 5 .   ? 18.136  -0.753  -3.296  1.00 40.72 ? 521 HOH A O   1 
HETATM 1638 O O   . HOH G 5 .   ? -17.304 5.583   -7.181  1.00 48.72 ? 522 HOH A O   1 
HETATM 1639 O O   . HOH G 5 .   ? 9.553   -8.518  -15.529 1.00 39.54 ? 523 HOH A O   1 
HETATM 1640 O O   . HOH G 5 .   ? 9.417   21.797  0.632   1.00 58.80 ? 524 HOH A O   1 
HETATM 1641 O O   . HOH G 5 .   ? -1.797  -8.559  10.414  1.00 76.35 ? 525 HOH A O   1 
HETATM 1642 O O   . HOH G 5 .   ? 20.574  6.289   -18.226 1.00 41.57 ? 526 HOH A O   1 
HETATM 1643 O O   . HOH G 5 .   ? -6.255  13.321  10.322  1.00 32.62 ? 527 HOH A O   1 
HETATM 1644 O O   . HOH G 5 .   ? -16.266 -13.391 4.661   1.00 48.89 ? 528 HOH A O   1 
HETATM 1645 O O   . HOH G 5 .   ? -15.657 -10.031 -9.817  1.00 53.72 ? 529 HOH A O   1 
HETATM 1646 O O   . HOH G 5 .   ? 11.134  21.126  8.164   1.00 49.00 ? 530 HOH A O   1 
HETATM 1647 O O   . HOH G 5 .   ? 22.592  7.946   -17.773 1.00 40.37 ? 531 HOH A O   1 
HETATM 1648 O O   . HOH G 5 .   ? -17.725 0.416   -0.629  1.00 52.58 ? 532 HOH A O   1 
HETATM 1649 O O   . HOH G 5 .   ? 9.175   1.560   -17.531 1.00 45.86 ? 533 HOH A O   1 
HETATM 1650 O O   . HOH G 5 .   ? -7.286  -11.843 -6.871  1.00 42.41 ? 534 HOH A O   1 
HETATM 1651 O O   . HOH G 5 .   ? 6.031   1.845   14.384  1.00 52.95 ? 535 HOH A O   1 
HETATM 1652 O O   . HOH G 5 .   ? -12.661 -16.334 3.800   1.00 37.93 ? 536 HOH A O   1 
HETATM 1653 O O   . HOH G 5 .   ? 10.214  14.976  -2.278  1.00 43.58 ? 537 HOH A O   1 
HETATM 1654 O O   . HOH G 5 .   ? 8.621   6.670   -12.882 1.00 35.34 ? 538 HOH A O   1 
HETATM 1655 O O   . HOH G 5 .   ? 23.558  2.678   -2.094  1.00 55.08 ? 539 HOH A O   1 
HETATM 1656 O O   . HOH G 5 .   ? -10.786 -5.083  17.961  1.00 57.31 ? 540 HOH A O   1 
HETATM 1657 O O   . HOH G 5 .   ? -12.639 -16.879 -0.792  1.00 50.71 ? 541 HOH A O   1 
HETATM 1658 O O   . HOH G 5 .   ? -15.277 8.921   -13.256 1.00 36.80 ? 542 HOH A O   1 
HETATM 1659 O O   . HOH G 5 .   ? 7.354   -3.062  -19.246 1.00 41.26 ? 543 HOH A O   1 
HETATM 1660 O O   . HOH G 5 .   ? 2.256   -8.050  -18.947 1.00 46.59 ? 544 HOH A O   1 
HETATM 1661 O O   . HOH G 5 .   ? -6.063  -6.666  -10.827 1.00 45.37 ? 545 HOH A O   1 
HETATM 1662 O O   . HOH G 5 .   ? 13.077  10.868  -3.467  1.00 43.96 ? 546 HOH A O   1 
HETATM 1663 O O   . HOH G 5 .   ? -18.258 -0.102  3.658   1.00 39.07 ? 547 HOH A O   1 
HETATM 1664 O O   . HOH G 5 .   ? -8.759  -8.179  -9.364  1.00 48.12 ? 548 HOH A O   1 
HETATM 1665 O O   . HOH G 5 .   ? 5.800   -10.080 6.587   1.00 63.46 ? 549 HOH A O   1 
HETATM 1666 O O   . HOH G 5 .   ? -3.958  -9.270  9.229   1.00 58.29 ? 550 HOH A O   1 
HETATM 1667 O O   . HOH G 5 .   ? 12.627  10.941  -1.031  1.00 37.79 ? 551 HOH A O   1 
HETATM 1668 O O   . HOH G 5 .   ? 7.399   -8.305  10.300  1.00 61.65 ? 552 HOH A O   1 
HETATM 1669 O O   . HOH G 5 .   ? 11.415  8.355   -9.352  1.00 36.29 ? 553 HOH A O   1 
HETATM 1670 O O   . HOH G 5 .   ? -21.767 -3.322  3.443   1.00 44.70 ? 554 HOH A O   1 
HETATM 1671 O O   . HOH G 5 .   ? 13.118  10.807  -7.992  1.00 47.51 ? 555 HOH A O   1 
HETATM 1672 O O   . HOH G 5 .   ? 15.029  10.682  0.183   1.00 45.45 ? 556 HOH A O   1 
HETATM 1673 O O   . HOH G 5 .   ? 13.926  6.654   -9.668  1.00 30.94 ? 557 HOH A O   1 
HETATM 1674 O O   . HOH G 5 .   ? -11.118 -3.640  -8.903  1.00 50.67 ? 558 HOH A O   1 
HETATM 1675 O O   . HOH G 5 .   ? 15.566  9.959   -7.449  1.00 35.40 ? 559 HOH A O   1 
# 
loop_
_pdbx_poly_seq_scheme.asym_id 
_pdbx_poly_seq_scheme.entity_id 
_pdbx_poly_seq_scheme.seq_id 
_pdbx_poly_seq_scheme.mon_id 
_pdbx_poly_seq_scheme.ndb_seq_num 
_pdbx_poly_seq_scheme.pdb_seq_num 
_pdbx_poly_seq_scheme.auth_seq_num 
_pdbx_poly_seq_scheme.pdb_mon_id 
_pdbx_poly_seq_scheme.auth_mon_id 
_pdbx_poly_seq_scheme.pdb_strand_id 
_pdbx_poly_seq_scheme.pdb_ins_code 
_pdbx_poly_seq_scheme.hetero 
A 1 1   SER 1   15  15  SER SER A . n 
A 1 2   MET 2   16  16  MET MET A . n 
A 1 3   LEU 3   17  17  LEU LEU A . n 
A 1 4   ASP 4   18  18  ASP ASP A . n 
A 1 5   ASP 5   19  19  ASP ASP A . n 
A 1 6   ALA 6   20  20  ALA ALA A . n 
A 1 7   LYS 7   21  21  LYS LYS A . n 
A 1 8   ALA 8   22  22  ALA ALA A . n 
A 1 9   ARG 9   23  23  ARG ARG A . n 
A 1 10  LEU 10  24  24  LEU LEU A . n 
A 1 11  ARG 11  25  25  ARG ARG A . n 
A 1 12  LYS 12  26  26  LYS LYS A . n 
A 1 13  TYR 13  27  27  TYR TYR A . n 
A 1 14  ASP 14  28  28  ASP ASP A . n 
A 1 15  ILE 15  29  29  ILE ILE A . n 
A 1 16  GLY 16  30  30  GLY GLY A . n 
A 1 17  GLY 17  31  31  GLY GLY A . n 
A 1 18  LYS 18  32  32  LYS LYS A . n 
A 1 19  TYR 19  33  33  TYR TYR A . n 
A 1 20  SER 20  34  34  SER SER A . n 
A 1 21  HIS 21  35  35  HIS HIS A . n 
A 1 22  LEU 22  36  36  LEU LEU A . n 
A 1 23  PRO 23  37  37  PRO PRO A . n 
A 1 24  TYR 24  38  38  TYR TYR A . n 
A 1 25  ASN 25  39  39  ASN ASN A . n 
A 1 26  LYS 26  40  40  LYS LYS A . n 
A 1 27  TYR 27  41  41  TYR TYR A . n 
A 1 28  SER 28  42  42  SER SER A . n 
A 1 29  VAL 29  43  43  VAL VAL A . n 
A 1 30  LEU 30  44  44  LEU LEU A . n 
A 1 31  LEU 31  45  45  LEU LEU A . n 
A 1 32  PRO 32  46  46  PRO PRO A . n 
A 1 33  LEU 33  47  47  LEU LEU A . n 
A 1 34  VAL 34  48  48  VAL VAL A . n 
A 1 35  ALA 35  49  49  ALA ALA A . n 
A 1 36  LYS 36  50  50  LYS LYS A . n 
A 1 37  GLU 37  51  51  GLU GLU A . n 
A 1 38  GLY 38  52  52  GLY GLY A . n 
A 1 39  LYS 39  53  53  LYS LYS A . n 
A 1 40  LEU 40  54  54  LEU LEU A . n 
A 1 41  HIS 41  55  55  HIS HIS A . n 
A 1 42  LEU 42  56  56  LEU LEU A . n 
A 1 43  LEU 43  57  57  LEU LEU A . n 
A 1 44  PHE 44  58  58  PHE PHE A . n 
A 1 45  THR 45  59  59  THR THR A . n 
A 1 46  VAL 46  60  60  VAL VAL A . n 
A 1 47  ARG 47  61  61  ARG ARG A . n 
A 1 48  SER 48  62  62  SER SER A . n 
A 1 49  GLU 49  63  63  GLU GLU A . n 
A 1 50  LYS 50  64  64  LYS LYS A . n 
A 1 51  LEU 51  65  65  LEU LEU A . n 
A 1 52  ARG 52  66  66  ARG ARG A . n 
A 1 53  ARG 53  67  67  ARG ARG A . n 
A 1 54  ALA 54  68  68  ALA ALA A . n 
A 1 55  PRO 55  69  69  PRO PRO A . n 
A 1 56  GLY 56  70  70  GLY GLY A . n 
A 1 57  GLU 57  71  71  GLU GLU A . n 
A 1 58  VAL 58  72  72  VAL VAL A . n 
A 1 59  CYS 59  73  73  CYS CYS A . n 
A 1 60  PHE 60  74  74  PHE PHE A . n 
A 1 61  PRO 61  75  75  PRO PRO A . n 
A 1 62  GLY 62  76  76  GLY GLY A . n 
A 1 63  GLY 63  77  77  GLY GLY A . n 
A 1 64  LYS 64  78  78  LYS LYS A . n 
A 1 65  ARG 65  79  79  ARG ARG A . n 
A 1 66  ASP 66  80  80  ASP ASP A . n 
A 1 67  PRO 67  81  81  PRO PRO A . n 
A 1 68  THR 68  82  82  THR THR A . n 
A 1 69  ASP 69  83  83  ASP ASP A . n 
A 1 70  MET 70  84  84  MET MET A . n 
A 1 71  ASP 71  85  85  ASP ASP A . n 
A 1 72  ASP 72  86  86  ASP ASP A . n 
A 1 73  ALA 73  87  87  ALA ALA A . n 
A 1 74  ALA 74  88  88  ALA ALA A . n 
A 1 75  THR 75  89  89  THR THR A . n 
A 1 76  ALA 76  90  90  ALA ALA A . n 
A 1 77  LEU 77  91  91  LEU LEU A . n 
A 1 78  ARG 78  92  92  ARG ARG A . n 
A 1 79  GLU 79  93  93  GLU GLU A . n 
A 1 80  ALA 80  94  94  ALA ALA A . n 
A 1 81  GLN 81  95  95  GLN GLN A . n 
A 1 82  GLU 82  96  96  GLU GLU A . n 
A 1 83  GLU 83  97  97  GLU GLU A . n 
A 1 84  VAL 84  98  98  VAL VAL A . n 
A 1 85  GLY 85  99  99  GLY GLY A . n 
A 1 86  LEU 86  100 100 LEU LEU A . n 
A 1 87  ARG 87  101 101 ARG ARG A . n 
A 1 88  HYP 88  102 102 HYP HYP A . n 
A 1 89  HIS 89  103 103 HIS HIS A . n 
A 1 90  GLN 90  104 104 GLN GLN A . n 
A 1 91  VAL 91  105 105 VAL VAL A . n 
A 1 92  GLU 92  106 106 GLU GLU A . n 
A 1 93  VAL 93  107 107 VAL VAL A . n 
A 1 94  VAL 94  108 108 VAL VAL A . n 
A 1 95  CSO 95  109 109 CSO CSO A . n 
A 1 96  CYS 96  110 110 CYS CYS A . n 
A 1 97  LEU 97  111 111 LEU LEU A . n 
A 1 98  VAL 98  112 112 VAL VAL A . n 
A 1 99  PRO 99  113 113 PRO PRO A . n 
A 1 100 CYS 100 114 114 CYS CYS A . n 
A 1 101 LEU 101 115 115 LEU LEU A . n 
A 1 102 ILE 102 116 116 ILE ILE A . n 
A 1 103 ASP 103 117 117 ASP ASP A . n 
A 1 104 THR 104 118 118 THR THR A . n 
A 1 105 ASP 105 119 119 ASP ASP A . n 
A 1 106 THR 106 120 120 THR THR A . n 
A 1 107 LEU 107 121 121 LEU LEU A . n 
A 1 108 ILE 108 122 122 ILE ILE A . n 
A 1 109 THR 109 123 123 THR THR A . n 
A 1 110 PRO 110 124 124 PRO PRO A . n 
A 1 111 PHE 111 125 125 PHE PHE A . n 
A 1 112 VAL 112 126 126 VAL VAL A . n 
A 1 113 GLY 113 127 127 GLY GLY A . n 
A 1 114 LEU 114 128 128 LEU LEU A . n 
A 1 115 ILE 115 129 129 ILE ILE A . n 
A 1 116 ASP 116 130 130 ASP ASP A . n 
A 1 117 HIS 117 131 131 HIS HIS A . n 
A 1 118 ASN 118 132 132 ASN ASN A . n 
A 1 119 PHE 119 133 133 PHE PHE A . n 
A 1 120 GLN 120 134 134 GLN GLN A . n 
A 1 121 ALA 121 135 135 ALA ALA A . n 
A 1 122 GLN 122 136 136 GLN GLN A . n 
A 1 123 PRO 123 137 137 PRO PRO A . n 
A 1 124 ASN 124 138 138 ASN ASN A . n 
A 1 125 PRO 125 139 139 PRO PRO A . n 
A 1 126 ALA 126 140 140 ALA ALA A . n 
A 1 127 GLU 127 141 141 GLU GLU A . n 
A 1 128 VAL 128 142 142 VAL VAL A . n 
A 1 129 LYS 129 143 143 LYS LYS A . n 
A 1 130 ASP 130 144 144 ASP ASP A . n 
A 1 131 VAL 131 145 145 VAL VAL A . n 
A 1 132 PHE 132 146 146 PHE PHE A . n 
A 1 133 LEU 133 147 147 LEU LEU A . n 
A 1 134 VAL 134 148 148 VAL VAL A . n 
A 1 135 PRO 135 149 149 PRO PRO A . n 
A 1 136 LEU 136 150 150 LEU LEU A . n 
A 1 137 ALA 137 151 151 ALA ALA A . n 
A 1 138 TYR 138 152 152 TYR TYR A . n 
A 1 139 PHE 139 153 153 PHE PHE A . n 
A 1 140 LEU 140 154 154 LEU LEU A . n 
A 1 141 HIS 141 155 155 HIS HIS A . n 
A 1 142 PRO 142 156 156 PRO PRO A . n 
A 1 143 GLN 143 157 157 GLN GLN A . n 
A 1 144 VAL 144 158 158 VAL VAL A . n 
A 1 145 HIS 145 159 159 HIS HIS A . n 
A 1 146 ASP 146 160 160 ASP ASP A . n 
A 1 147 GLN 147 161 161 GLN GLN A . n 
A 1 148 HIS 148 162 ?   ?   ?   A . n 
A 1 149 TYR 149 163 ?   ?   ?   A . n 
A 1 150 VAL 150 164 ?   ?   ?   A . n 
A 1 151 THR 151 165 ?   ?   ?   A . n 
A 1 152 ARG 152 166 ?   ?   ?   A . n 
A 1 153 LEU 153 167 ?   ?   ?   A . n 
A 1 154 GLY 154 168 ?   ?   ?   A . n 
A 1 155 HIS 155 169 ?   ?   ?   A . n 
A 1 156 ARG 156 170 ?   ?   ?   A . n 
A 1 157 PHE 157 171 ?   ?   ?   A . n 
A 1 158 ILE 158 172 172 ILE ILE A . n 
A 1 159 ASN 159 173 173 ASN ASN A . n 
A 1 160 HIS 160 174 174 HIS HIS A . n 
A 1 161 ILE 161 175 175 ILE ILE A . n 
A 1 162 PHE 162 176 176 PHE PHE A . n 
A 1 163 GLU 163 177 177 GLU GLU A . n 
A 1 164 TYR 164 178 178 TYR TYR A . n 
A 1 165 THR 165 179 179 THR THR A . n 
A 1 166 ASN 166 180 180 ASN ASN A . n 
A 1 167 PRO 167 181 181 PRO PRO A . n 
A 1 168 GLU 168 182 182 GLU GLU A . n 
A 1 169 ASP 169 183 183 ASP ASP A . n 
A 1 170 GLY 170 184 184 GLY GLY A . n 
A 1 171 VAL 171 185 185 VAL VAL A . n 
A 1 172 THR 172 186 186 THR THR A . n 
A 1 173 TYR 173 187 187 TYR TYR A . n 
A 1 174 GLN 174 188 188 GLN GLN A . n 
A 1 175 ILE 175 189 189 ILE ILE A . n 
A 1 176 LYS 176 190 190 LYS LYS A . n 
A 1 177 GLY 177 191 191 GLY GLY A . n 
A 1 178 MET 178 192 192 MET MET A . n 
A 1 179 THR 179 193 193 THR THR A . n 
A 1 180 ALA 180 194 194 ALA ALA A . n 
A 1 181 ASN 181 195 195 ASN ASN A . n 
A 1 182 LEU 182 196 196 LEU LEU A . n 
A 1 183 ALA 183 197 197 ALA ALA A . n 
A 1 184 VAL 184 198 198 VAL VAL A . n 
A 1 185 LEU 185 199 199 LEU LEU A . n 
A 1 186 VAL 186 200 200 VAL VAL A . n 
A 1 187 ALA 187 201 201 ALA ALA A . n 
A 1 188 PHE 188 202 202 PHE PHE A . n 
A 1 189 ILE 189 203 203 ILE ILE A . n 
A 1 190 ILE 190 204 204 ILE ILE A . n 
A 1 191 LEU 191 205 205 LEU LEU A . n 
A 1 192 GLU 192 206 206 GLU GLU A . n 
A 1 193 LYS 193 207 207 LYS LYS A . n 
A 1 194 LYS 194 208 208 LYS LYS A . n 
A 1 195 PRO 195 209 209 PRO PRO A . n 
A 1 196 THR 196 210 210 THR THR A . n 
# 
loop_
_pdbx_nonpoly_scheme.asym_id 
_pdbx_nonpoly_scheme.entity_id 
_pdbx_nonpoly_scheme.mon_id 
_pdbx_nonpoly_scheme.ndb_seq_num 
_pdbx_nonpoly_scheme.pdb_seq_num 
_pdbx_nonpoly_scheme.auth_seq_num 
_pdbx_nonpoly_scheme.pdb_mon_id 
_pdbx_nonpoly_scheme.auth_mon_id 
_pdbx_nonpoly_scheme.pdb_strand_id 
_pdbx_nonpoly_scheme.pdb_ins_code 
B 2 ACT 1   301 1   ACT ACT A . 
C 2 ACT 1   302 2   ACT ACT A . 
D 3 DMS 1   303 1   DMS DMS A . 
E 3 DMS 1   304 2   DMS DMS A . 
F 4 H47 1   305 1   H47 LIG A . 
G 5 HOH 1   401 9   HOH HOH A . 
G 5 HOH 2   402 166 HOH HOH A . 
G 5 HOH 3   403 202 HOH HOH A . 
G 5 HOH 4   404 64  HOH HOH A . 
G 5 HOH 5   405 143 HOH HOH A . 
G 5 HOH 6   406 162 HOH HOH A . 
G 5 HOH 7   407 94  HOH HOH A . 
G 5 HOH 8   408 69  HOH HOH A . 
G 5 HOH 9   409 79  HOH HOH A . 
G 5 HOH 10  410 13  HOH HOH A . 
G 5 HOH 11  411 140 HOH HOH A . 
G 5 HOH 12  412 197 HOH HOH A . 
G 5 HOH 13  413 19  HOH HOH A . 
G 5 HOH 14  414 105 HOH HOH A . 
G 5 HOH 15  415 118 HOH HOH A . 
G 5 HOH 16  416 124 HOH HOH A . 
G 5 HOH 17  417 113 HOH HOH A . 
G 5 HOH 18  418 51  HOH HOH A . 
G 5 HOH 19  419 26  HOH HOH A . 
G 5 HOH 20  420 179 HOH HOH A . 
G 5 HOH 21  421 61  HOH HOH A . 
G 5 HOH 22  422 53  HOH HOH A . 
G 5 HOH 23  423 134 HOH HOH A . 
G 5 HOH 24  424 157 HOH HOH A . 
G 5 HOH 25  425 158 HOH HOH A . 
G 5 HOH 26  426 101 HOH HOH A . 
G 5 HOH 27  427 208 HOH HOH A . 
G 5 HOH 28  428 15  HOH HOH A . 
G 5 HOH 29  429 199 HOH HOH A . 
G 5 HOH 30  430 116 HOH HOH A . 
G 5 HOH 31  431 48  HOH HOH A . 
G 5 HOH 32  432 110 HOH HOH A . 
G 5 HOH 33  433 25  HOH HOH A . 
G 5 HOH 34  434 109 HOH HOH A . 
G 5 HOH 35  435 38  HOH HOH A . 
G 5 HOH 36  436 137 HOH HOH A . 
G 5 HOH 37  437 6   HOH HOH A . 
G 5 HOH 38  438 125 HOH HOH A . 
G 5 HOH 39  439 35  HOH HOH A . 
G 5 HOH 40  440 97  HOH HOH A . 
G 5 HOH 41  441 14  HOH HOH A . 
G 5 HOH 42  442 139 HOH HOH A . 
G 5 HOH 43  443 36  HOH HOH A . 
G 5 HOH 44  444 117 HOH HOH A . 
G 5 HOH 45  445 39  HOH HOH A . 
G 5 HOH 46  446 108 HOH HOH A . 
G 5 HOH 47  447 102 HOH HOH A . 
G 5 HOH 48  448 12  HOH HOH A . 
G 5 HOH 49  449 10  HOH HOH A . 
G 5 HOH 50  450 146 HOH HOH A . 
G 5 HOH 51  451 20  HOH HOH A . 
G 5 HOH 52  452 80  HOH HOH A . 
G 5 HOH 53  453 99  HOH HOH A . 
G 5 HOH 54  454 193 HOH HOH A . 
G 5 HOH 55  455 159 HOH HOH A . 
G 5 HOH 56  456 167 HOH HOH A . 
G 5 HOH 57  457 104 HOH HOH A . 
G 5 HOH 58  458 62  HOH HOH A . 
G 5 HOH 59  459 78  HOH HOH A . 
G 5 HOH 60  460 153 HOH HOH A . 
G 5 HOH 61  461 34  HOH HOH A . 
G 5 HOH 62  462 71  HOH HOH A . 
G 5 HOH 63  463 7   HOH HOH A . 
G 5 HOH 64  464 75  HOH HOH A . 
G 5 HOH 65  465 1   HOH HOH A . 
G 5 HOH 66  466 59  HOH HOH A . 
G 5 HOH 67  467 85  HOH HOH A . 
G 5 HOH 68  468 22  HOH HOH A . 
G 5 HOH 69  469 58  HOH HOH A . 
G 5 HOH 70  470 103 HOH HOH A . 
G 5 HOH 71  471 186 HOH HOH A . 
G 5 HOH 72  472 2   HOH HOH A . 
G 5 HOH 73  473 49  HOH HOH A . 
G 5 HOH 74  474 72  HOH HOH A . 
G 5 HOH 75  475 152 HOH HOH A . 
G 5 HOH 76  476 45  HOH HOH A . 
G 5 HOH 77  477 56  HOH HOH A . 
G 5 HOH 78  478 37  HOH HOH A . 
G 5 HOH 79  479 8   HOH HOH A . 
G 5 HOH 80  480 46  HOH HOH A . 
G 5 HOH 81  481 27  HOH HOH A . 
G 5 HOH 82  482 182 HOH HOH A . 
G 5 HOH 83  483 55  HOH HOH A . 
G 5 HOH 84  484 106 HOH HOH A . 
G 5 HOH 85  485 28  HOH HOH A . 
G 5 HOH 86  486 31  HOH HOH A . 
G 5 HOH 87  487 201 HOH HOH A . 
G 5 HOH 88  488 42  HOH HOH A . 
G 5 HOH 89  489 170 HOH HOH A . 
G 5 HOH 90  490 98  HOH HOH A . 
G 5 HOH 91  491 96  HOH HOH A . 
G 5 HOH 92  492 30  HOH HOH A . 
G 5 HOH 93  493 17  HOH HOH A . 
G 5 HOH 94  494 154 HOH HOH A . 
G 5 HOH 95  495 141 HOH HOH A . 
G 5 HOH 96  496 200 HOH HOH A . 
G 5 HOH 97  497 88  HOH HOH A . 
G 5 HOH 98  498 176 HOH HOH A . 
G 5 HOH 99  499 24  HOH HOH A . 
G 5 HOH 100 500 121 HOH HOH A . 
G 5 HOH 101 501 66  HOH HOH A . 
G 5 HOH 102 502 5   HOH HOH A . 
G 5 HOH 103 503 203 HOH HOH A . 
G 5 HOH 104 504 21  HOH HOH A . 
G 5 HOH 105 505 191 HOH HOH A . 
G 5 HOH 106 506 138 HOH HOH A . 
G 5 HOH 107 507 145 HOH HOH A . 
G 5 HOH 108 508 43  HOH HOH A . 
G 5 HOH 109 509 194 HOH HOH A . 
G 5 HOH 110 510 63  HOH HOH A . 
G 5 HOH 111 511 155 HOH HOH A . 
G 5 HOH 112 512 206 HOH HOH A . 
G 5 HOH 113 513 149 HOH HOH A . 
G 5 HOH 114 514 93  HOH HOH A . 
G 5 HOH 115 515 50  HOH HOH A . 
G 5 HOH 116 516 122 HOH HOH A . 
G 5 HOH 117 517 126 HOH HOH A . 
G 5 HOH 118 518 178 HOH HOH A . 
G 5 HOH 119 519 196 HOH HOH A . 
G 5 HOH 120 520 23  HOH HOH A . 
G 5 HOH 121 521 147 HOH HOH A . 
G 5 HOH 122 522 111 HOH HOH A . 
G 5 HOH 123 523 119 HOH HOH A . 
G 5 HOH 124 524 204 HOH HOH A . 
G 5 HOH 125 525 142 HOH HOH A . 
G 5 HOH 126 526 57  HOH HOH A . 
G 5 HOH 127 527 16  HOH HOH A . 
G 5 HOH 128 528 129 HOH HOH A . 
G 5 HOH 129 529 205 HOH HOH A . 
G 5 HOH 130 530 172 HOH HOH A . 
G 5 HOH 131 531 174 HOH HOH A . 
G 5 HOH 132 532 169 HOH HOH A . 
G 5 HOH 133 533 161 HOH HOH A . 
G 5 HOH 134 534 44  HOH HOH A . 
G 5 HOH 135 535 150 HOH HOH A . 
G 5 HOH 136 536 144 HOH HOH A . 
G 5 HOH 137 537 184 HOH HOH A . 
G 5 HOH 138 538 127 HOH HOH A . 
G 5 HOH 139 539 177 HOH HOH A . 
G 5 HOH 140 540 207 HOH HOH A . 
G 5 HOH 141 541 173 HOH HOH A . 
G 5 HOH 142 542 29  HOH HOH A . 
G 5 HOH 143 543 123 HOH HOH A . 
G 5 HOH 144 544 168 HOH HOH A . 
G 5 HOH 145 545 190 HOH HOH A . 
G 5 HOH 146 546 192 HOH HOH A . 
G 5 HOH 147 547 131 HOH HOH A . 
G 5 HOH 148 548 132 HOH HOH A . 
G 5 HOH 149 549 195 HOH HOH A . 
G 5 HOH 150 550 163 HOH HOH A . 
G 5 HOH 151 551 188 HOH HOH A . 
G 5 HOH 152 552 185 HOH HOH A . 
G 5 HOH 153 553 171 HOH HOH A . 
G 5 HOH 154 554 165 HOH HOH A . 
G 5 HOH 155 555 148 HOH HOH A . 
G 5 HOH 156 556 130 HOH HOH A . 
G 5 HOH 157 557 68  HOH HOH A . 
G 5 HOH 158 558 164 HOH HOH A . 
G 5 HOH 159 559 115 HOH HOH A . 
# 
loop_
_pdbx_struct_mod_residue.id 
_pdbx_struct_mod_residue.label_asym_id 
_pdbx_struct_mod_residue.label_comp_id 
_pdbx_struct_mod_residue.label_seq_id 
_pdbx_struct_mod_residue.auth_asym_id 
_pdbx_struct_mod_residue.auth_comp_id 
_pdbx_struct_mod_residue.auth_seq_id 
_pdbx_struct_mod_residue.PDB_ins_code 
_pdbx_struct_mod_residue.parent_comp_id 
_pdbx_struct_mod_residue.details 
1 A HYP 88 A HYP 102 ? PRO 'modified residue' 
2 A CSO 95 A CSO 109 ? CYS 'modified residue' 
# 
_pdbx_struct_assembly.id                   1 
_pdbx_struct_assembly.details              author_and_software_defined_assembly 
_pdbx_struct_assembly.method_details       PISA 
_pdbx_struct_assembly.oligomeric_details   monomeric 
_pdbx_struct_assembly.oligomeric_count     1 
# 
_pdbx_struct_assembly_gen.assembly_id       1 
_pdbx_struct_assembly_gen.oper_expression   1 
_pdbx_struct_assembly_gen.asym_id_list      A,B,C,D,E,F,G 
# 
loop_
_pdbx_struct_assembly_prop.biol_id 
_pdbx_struct_assembly_prop.type 
_pdbx_struct_assembly_prop.value 
_pdbx_struct_assembly_prop.details 
1 'ABSA (A^2)' 770   ? 
1 MORE         5     ? 
1 'SSA (A^2)'  10330 ? 
# 
_pdbx_struct_oper_list.id                   1 
_pdbx_struct_oper_list.type                 'identity operation' 
_pdbx_struct_oper_list.name                 1_555 
_pdbx_struct_oper_list.symmetry_operation   x,y,z 
_pdbx_struct_oper_list.matrix[1][1]         1.0000000000 
_pdbx_struct_oper_list.matrix[1][2]         0.0000000000 
_pdbx_struct_oper_list.matrix[1][3]         0.0000000000 
_pdbx_struct_oper_list.vector[1]            0.0000000000 
_pdbx_struct_oper_list.matrix[2][1]         0.0000000000 
_pdbx_struct_oper_list.matrix[2][2]         1.0000000000 
_pdbx_struct_oper_list.matrix[2][3]         0.0000000000 
_pdbx_struct_oper_list.vector[2]            0.0000000000 
_pdbx_struct_oper_list.matrix[3][1]         0.0000000000 
_pdbx_struct_oper_list.matrix[3][2]         0.0000000000 
_pdbx_struct_oper_list.matrix[3][3]         1.0000000000 
_pdbx_struct_oper_list.vector[3]            0.0000000000 
# 
loop_
_pdbx_audit_revision_history.ordinal 
_pdbx_audit_revision_history.data_content_type 
_pdbx_audit_revision_history.major_revision 
_pdbx_audit_revision_history.minor_revision 
_pdbx_audit_revision_history.revision_date 
1 'Structure model' 1 0 2019-03-27 
2 'Structure model' 1 1 2023-11-15 
# 
_pdbx_audit_revision_details.ordinal             1 
_pdbx_audit_revision_details.revision_ordinal    1 
_pdbx_audit_revision_details.data_content_type   'Structure model' 
_pdbx_audit_revision_details.provider            repository 
_pdbx_audit_revision_details.type                'Initial release' 
_pdbx_audit_revision_details.description         ? 
_pdbx_audit_revision_details.details             ? 
# 
loop_
_pdbx_audit_revision_group.ordinal 
_pdbx_audit_revision_group.revision_ordinal 
_pdbx_audit_revision_group.data_content_type 
_pdbx_audit_revision_group.group 
1 2 'Structure model' 'Data collection'     
2 2 'Structure model' 'Database references' 
# 
loop_
_pdbx_audit_revision_category.ordinal 
_pdbx_audit_revision_category.revision_ordinal 
_pdbx_audit_revision_category.data_content_type 
_pdbx_audit_revision_category.category 
1 2 'Structure model' chem_comp_atom 
2 2 'Structure model' chem_comp_bond 
3 2 'Structure model' database_2     
# 
loop_
_pdbx_audit_revision_item.ordinal 
_pdbx_audit_revision_item.revision_ordinal 
_pdbx_audit_revision_item.data_content_type 
_pdbx_audit_revision_item.item 
1 2 'Structure model' '_database_2.pdbx_DOI'                
2 2 'Structure model' '_database_2.pdbx_database_accession' 
# 
_phasing.method   MR 
# 
loop_
_software.pdbx_ordinal 
_software.name 
_software.version 
_software.date 
_software.type 
_software.contact_author 
_software.contact_author_email 
_software.classification 
_software.location 
_software.language 
_software.citation_id 
1 REFMAC      5.8.0189 ?               program 'Garib N. Murshudov' garib@ysbl.york.ac.uk    refinement        
http://www.ccp4.ac.uk/dist/html/refmac5.html        Fortran_77 ? 
2 Aimless     0.5.32   29/03/17        program 'Phil Evans'         ?                        'data scaling'    
http://www.mrc-lmb.cam.ac.uk/harry/pre/aimless.html ?          ? 
3 PDB_EXTRACT 3.23     'SEP. 23, 2016' package PDB                  deposit@deposit.rcsb.org 'data extraction' 
http://sw-tools.pdb.org/apps/PDB_EXTRACT/           C++        ? 
4 XDS         .        ?               program ?                    ?                        'data reduction'  ? ?          ? 
5 REFMAC      .        ?               program ?                    ?                        phasing           ? ?          ? 
# 
_pdbx_validate_torsion.id              1 
_pdbx_validate_torsion.PDB_model_num   1 
_pdbx_validate_torsion.auth_comp_id    THR 
_pdbx_validate_torsion.auth_asym_id    A 
_pdbx_validate_torsion.auth_seq_id     118 
_pdbx_validate_torsion.PDB_ins_code    ? 
_pdbx_validate_torsion.label_alt_id    ? 
_pdbx_validate_torsion.phi             72.01 
_pdbx_validate_torsion.psi             -18.33 
# 
loop_
_pdbx_unobs_or_zero_occ_atoms.id 
_pdbx_unobs_or_zero_occ_atoms.PDB_model_num 
_pdbx_unobs_or_zero_occ_atoms.polymer_flag 
_pdbx_unobs_or_zero_occ_atoms.occupancy_flag 
_pdbx_unobs_or_zero_occ_atoms.auth_asym_id 
_pdbx_unobs_or_zero_occ_atoms.auth_comp_id 
_pdbx_unobs_or_zero_occ_atoms.auth_seq_id 
_pdbx_unobs_or_zero_occ_atoms.PDB_ins_code 
_pdbx_unobs_or_zero_occ_atoms.auth_atom_id 
_pdbx_unobs_or_zero_occ_atoms.label_alt_id 
_pdbx_unobs_or_zero_occ_atoms.label_asym_id 
_pdbx_unobs_or_zero_occ_atoms.label_comp_id 
_pdbx_unobs_or_zero_occ_atoms.label_seq_id 
_pdbx_unobs_or_zero_occ_atoms.label_atom_id 
1 1 Y 1 A GLN 161 ? CG  ? A GLN 147 CG  
2 1 Y 1 A GLN 161 ? CD  ? A GLN 147 CD  
3 1 Y 1 A GLN 161 ? OE1 ? A GLN 147 OE1 
4 1 Y 1 A GLN 161 ? NE2 ? A GLN 147 NE2 
# 
loop_
_pdbx_unobs_or_zero_occ_residues.id 
_pdbx_unobs_or_zero_occ_residues.PDB_model_num 
_pdbx_unobs_or_zero_occ_residues.polymer_flag 
_pdbx_unobs_or_zero_occ_residues.occupancy_flag 
_pdbx_unobs_or_zero_occ_residues.auth_asym_id 
_pdbx_unobs_or_zero_occ_residues.auth_comp_id 
_pdbx_unobs_or_zero_occ_residues.auth_seq_id 
_pdbx_unobs_or_zero_occ_residues.PDB_ins_code 
_pdbx_unobs_or_zero_occ_residues.label_asym_id 
_pdbx_unobs_or_zero_occ_residues.label_comp_id 
_pdbx_unobs_or_zero_occ_residues.label_seq_id 
1  1 Y 1 A HIS 162 ? A HIS 148 
2  1 Y 1 A TYR 163 ? A TYR 149 
3  1 Y 1 A VAL 164 ? A VAL 150 
4  1 Y 1 A THR 165 ? A THR 151 
5  1 Y 1 A ARG 166 ? A ARG 152 
6  1 Y 1 A LEU 167 ? A LEU 153 
7  1 Y 1 A GLY 168 ? A GLY 154 
8  1 Y 1 A HIS 169 ? A HIS 155 
9  1 Y 1 A ARG 170 ? A ARG 156 
10 1 Y 1 A PHE 171 ? A PHE 157 
# 
loop_
_chem_comp_atom.comp_id 
_chem_comp_atom.atom_id 
_chem_comp_atom.type_symbol 
_chem_comp_atom.pdbx_aromatic_flag 
_chem_comp_atom.pdbx_stereo_config 
_chem_comp_atom.pdbx_ordinal 
ACT C    C N N 1   
ACT O    O N N 2   
ACT OXT  O N N 3   
ACT CH3  C N N 4   
ACT H1   H N N 5   
ACT H2   H N N 6   
ACT H3   H N N 7   
ALA N    N N N 8   
ALA CA   C N S 9   
ALA C    C N N 10  
ALA O    O N N 11  
ALA CB   C N N 12  
ALA OXT  O N N 13  
ALA H    H N N 14  
ALA H2   H N N 15  
ALA HA   H N N 16  
ALA HB1  H N N 17  
ALA HB2  H N N 18  
ALA HB3  H N N 19  
ALA HXT  H N N 20  
ARG N    N N N 21  
ARG CA   C N S 22  
ARG C    C N N 23  
ARG O    O N N 24  
ARG CB   C N N 25  
ARG CG   C N N 26  
ARG CD   C N N 27  
ARG NE   N N N 28  
ARG CZ   C N N 29  
ARG NH1  N N N 30  
ARG NH2  N N N 31  
ARG OXT  O N N 32  
ARG H    H N N 33  
ARG H2   H N N 34  
ARG HA   H N N 35  
ARG HB2  H N N 36  
ARG HB3  H N N 37  
ARG HG2  H N N 38  
ARG HG3  H N N 39  
ARG HD2  H N N 40  
ARG HD3  H N N 41  
ARG HE   H N N 42  
ARG HH11 H N N 43  
ARG HH12 H N N 44  
ARG HH21 H N N 45  
ARG HH22 H N N 46  
ARG HXT  H N N 47  
ASN N    N N N 48  
ASN CA   C N S 49  
ASN C    C N N 50  
ASN O    O N N 51  
ASN CB   C N N 52  
ASN CG   C N N 53  
ASN OD1  O N N 54  
ASN ND2  N N N 55  
ASN OXT  O N N 56  
ASN H    H N N 57  
ASN H2   H N N 58  
ASN HA   H N N 59  
ASN HB2  H N N 60  
ASN HB3  H N N 61  
ASN HD21 H N N 62  
ASN HD22 H N N 63  
ASN HXT  H N N 64  
ASP N    N N N 65  
ASP CA   C N S 66  
ASP C    C N N 67  
ASP O    O N N 68  
ASP CB   C N N 69  
ASP CG   C N N 70  
ASP OD1  O N N 71  
ASP OD2  O N N 72  
ASP OXT  O N N 73  
ASP H    H N N 74  
ASP H2   H N N 75  
ASP HA   H N N 76  
ASP HB2  H N N 77  
ASP HB3  H N N 78  
ASP HD2  H N N 79  
ASP HXT  H N N 80  
CSO N    N N N 81  
CSO CA   C N R 82  
CSO CB   C N N 83  
CSO SG   S N N 84  
CSO C    C N N 85  
CSO O    O N N 86  
CSO OXT  O N N 87  
CSO OD   O N N 88  
CSO H    H N N 89  
CSO H2   H N N 90  
CSO HA   H N N 91  
CSO HB2  H N N 92  
CSO HB3  H N N 93  
CSO HXT  H N N 94  
CSO HD   H N N 95  
CYS N    N N N 96  
CYS CA   C N R 97  
CYS C    C N N 98  
CYS O    O N N 99  
CYS CB   C N N 100 
CYS SG   S N N 101 
CYS OXT  O N N 102 
CYS H    H N N 103 
CYS H2   H N N 104 
CYS HA   H N N 105 
CYS HB2  H N N 106 
CYS HB3  H N N 107 
CYS HG   H N N 108 
CYS HXT  H N N 109 
DMS S    S N N 110 
DMS O    O N N 111 
DMS C1   C N N 112 
DMS C2   C N N 113 
DMS H11  H N N 114 
DMS H12  H N N 115 
DMS H13  H N N 116 
DMS H21  H N N 117 
DMS H22  H N N 118 
DMS H23  H N N 119 
GLN N    N N N 120 
GLN CA   C N S 121 
GLN C    C N N 122 
GLN O    O N N 123 
GLN CB   C N N 124 
GLN CG   C N N 125 
GLN CD   C N N 126 
GLN OE1  O N N 127 
GLN NE2  N N N 128 
GLN OXT  O N N 129 
GLN H    H N N 130 
GLN H2   H N N 131 
GLN HA   H N N 132 
GLN HB2  H N N 133 
GLN HB3  H N N 134 
GLN HG2  H N N 135 
GLN HG3  H N N 136 
GLN HE21 H N N 137 
GLN HE22 H N N 138 
GLN HXT  H N N 139 
GLU N    N N N 140 
GLU CA   C N S 141 
GLU C    C N N 142 
GLU O    O N N 143 
GLU CB   C N N 144 
GLU CG   C N N 145 
GLU CD   C N N 146 
GLU OE1  O N N 147 
GLU OE2  O N N 148 
GLU OXT  O N N 149 
GLU H    H N N 150 
GLU H2   H N N 151 
GLU HA   H N N 152 
GLU HB2  H N N 153 
GLU HB3  H N N 154 
GLU HG2  H N N 155 
GLU HG3  H N N 156 
GLU HE2  H N N 157 
GLU HXT  H N N 158 
GLY N    N N N 159 
GLY CA   C N N 160 
GLY C    C N N 161 
GLY O    O N N 162 
GLY OXT  O N N 163 
GLY H    H N N 164 
GLY H2   H N N 165 
GLY HA2  H N N 166 
GLY HA3  H N N 167 
GLY HXT  H N N 168 
H47 N1   N N N 169 
H47 C4   C Y N 170 
H47 C5   C Y N 171 
H47 C6   C Y N 172 
H47 C7   C N N 173 
H47 C8   C N N 174 
H47 C10  C Y N 175 
H47 C1   C N N 176 
H47 O1   O N N 177 
H47 C2   C Y N 178 
H47 C3   C Y N 179 
H47 C9   C Y N 180 
H47 C11  C Y N 181 
H47 O2   O Y N 182 
H47 N2   N Y N 183 
H47 O3   O N N 184 
H47 C12  C Y N 185 
H47 H1   H N N 186 
H47 H2   H N N 187 
H47 H3   H N N 188 
H47 H4   H N N 189 
H47 H5   H N N 190 
H47 H6   H N N 191 
H47 H7   H N N 192 
H47 H8   H N N 193 
H47 H9   H N N 194 
H47 H10  H N N 195 
H47 H11  H N N 196 
H47 H12  H N N 197 
HIS N    N N N 198 
HIS CA   C N S 199 
HIS C    C N N 200 
HIS O    O N N 201 
HIS CB   C N N 202 
HIS CG   C Y N 203 
HIS ND1  N Y N 204 
HIS CD2  C Y N 205 
HIS CE1  C Y N 206 
HIS NE2  N Y N 207 
HIS OXT  O N N 208 
HIS H    H N N 209 
HIS H2   H N N 210 
HIS HA   H N N 211 
HIS HB2  H N N 212 
HIS HB3  H N N 213 
HIS HD1  H N N 214 
HIS HD2  H N N 215 
HIS HE1  H N N 216 
HIS HE2  H N N 217 
HIS HXT  H N N 218 
HOH O    O N N 219 
HOH H1   H N N 220 
HOH H2   H N N 221 
HYP N    N N N 222 
HYP CA   C N S 223 
HYP C    C N N 224 
HYP O    O N N 225 
HYP CB   C N N 226 
HYP CG   C N R 227 
HYP CD   C N N 228 
HYP OD1  O N N 229 
HYP OXT  O N N 230 
HYP H    H N N 231 
HYP HA   H N N 232 
HYP HB2  H N N 233 
HYP HB3  H N N 234 
HYP HG   H N N 235 
HYP HD22 H N N 236 
HYP HD23 H N N 237 
HYP HD1  H N N 238 
HYP HXT  H N N 239 
ILE N    N N N 240 
ILE CA   C N S 241 
ILE C    C N N 242 
ILE O    O N N 243 
ILE CB   C N S 244 
ILE CG1  C N N 245 
ILE CG2  C N N 246 
ILE CD1  C N N 247 
ILE OXT  O N N 248 
ILE H    H N N 249 
ILE H2   H N N 250 
ILE HA   H N N 251 
ILE HB   H N N 252 
ILE HG12 H N N 253 
ILE HG13 H N N 254 
ILE HG21 H N N 255 
ILE HG22 H N N 256 
ILE HG23 H N N 257 
ILE HD11 H N N 258 
ILE HD12 H N N 259 
ILE HD13 H N N 260 
ILE HXT  H N N 261 
LEU N    N N N 262 
LEU CA   C N S 263 
LEU C    C N N 264 
LEU O    O N N 265 
LEU CB   C N N 266 
LEU CG   C N N 267 
LEU CD1  C N N 268 
LEU CD2  C N N 269 
LEU OXT  O N N 270 
LEU H    H N N 271 
LEU H2   H N N 272 
LEU HA   H N N 273 
LEU HB2  H N N 274 
LEU HB3  H N N 275 
LEU HG   H N N 276 
LEU HD11 H N N 277 
LEU HD12 H N N 278 
LEU HD13 H N N 279 
LEU HD21 H N N 280 
LEU HD22 H N N 281 
LEU HD23 H N N 282 
LEU HXT  H N N 283 
LYS N    N N N 284 
LYS CA   C N S 285 
LYS C    C N N 286 
LYS O    O N N 287 
LYS CB   C N N 288 
LYS CG   C N N 289 
LYS CD   C N N 290 
LYS CE   C N N 291 
LYS NZ   N N N 292 
LYS OXT  O N N 293 
LYS H    H N N 294 
LYS H2   H N N 295 
LYS HA   H N N 296 
LYS HB2  H N N 297 
LYS HB3  H N N 298 
LYS HG2  H N N 299 
LYS HG3  H N N 300 
LYS HD2  H N N 301 
LYS HD3  H N N 302 
LYS HE2  H N N 303 
LYS HE3  H N N 304 
LYS HZ1  H N N 305 
LYS HZ2  H N N 306 
LYS HZ3  H N N 307 
LYS HXT  H N N 308 
MET N    N N N 309 
MET CA   C N S 310 
MET C    C N N 311 
MET O    O N N 312 
MET CB   C N N 313 
MET CG   C N N 314 
MET SD   S N N 315 
MET CE   C N N 316 
MET OXT  O N N 317 
MET H    H N N 318 
MET H2   H N N 319 
MET HA   H N N 320 
MET HB2  H N N 321 
MET HB3  H N N 322 
MET HG2  H N N 323 
MET HG3  H N N 324 
MET HE1  H N N 325 
MET HE2  H N N 326 
MET HE3  H N N 327 
MET HXT  H N N 328 
PHE N    N N N 329 
PHE CA   C N S 330 
PHE C    C N N 331 
PHE O    O N N 332 
PHE CB   C N N 333 
PHE CG   C Y N 334 
PHE CD1  C Y N 335 
PHE CD2  C Y N 336 
PHE CE1  C Y N 337 
PHE CE2  C Y N 338 
PHE CZ   C Y N 339 
PHE OXT  O N N 340 
PHE H    H N N 341 
PHE H2   H N N 342 
PHE HA   H N N 343 
PHE HB2  H N N 344 
PHE HB3  H N N 345 
PHE HD1  H N N 346 
PHE HD2  H N N 347 
PHE HE1  H N N 348 
PHE HE2  H N N 349 
PHE HZ   H N N 350 
PHE HXT  H N N 351 
PRO N    N N N 352 
PRO CA   C N S 353 
PRO C    C N N 354 
PRO O    O N N 355 
PRO CB   C N N 356 
PRO CG   C N N 357 
PRO CD   C N N 358 
PRO OXT  O N N 359 
PRO H    H N N 360 
PRO HA   H N N 361 
PRO HB2  H N N 362 
PRO HB3  H N N 363 
PRO HG2  H N N 364 
PRO HG3  H N N 365 
PRO HD2  H N N 366 
PRO HD3  H N N 367 
PRO HXT  H N N 368 
SER N    N N N 369 
SER CA   C N S 370 
SER C    C N N 371 
SER O    O N N 372 
SER CB   C N N 373 
SER OG   O N N 374 
SER OXT  O N N 375 
SER H    H N N 376 
SER H2   H N N 377 
SER HA   H N N 378 
SER HB2  H N N 379 
SER HB3  H N N 380 
SER HG   H N N 381 
SER HXT  H N N 382 
THR N    N N N 383 
THR CA   C N S 384 
THR C    C N N 385 
THR O    O N N 386 
THR CB   C N R 387 
THR OG1  O N N 388 
THR CG2  C N N 389 
THR OXT  O N N 390 
THR H    H N N 391 
THR H2   H N N 392 
THR HA   H N N 393 
THR HB   H N N 394 
THR HG1  H N N 395 
THR HG21 H N N 396 
THR HG22 H N N 397 
THR HG23 H N N 398 
THR HXT  H N N 399 
TYR N    N N N 400 
TYR CA   C N S 401 
TYR C    C N N 402 
TYR O    O N N 403 
TYR CB   C N N 404 
TYR CG   C Y N 405 
TYR CD1  C Y N 406 
TYR CD2  C Y N 407 
TYR CE1  C Y N 408 
TYR CE2  C Y N 409 
TYR CZ   C Y N 410 
TYR OH   O N N 411 
TYR OXT  O N N 412 
TYR H    H N N 413 
TYR H2   H N N 414 
TYR HA   H N N 415 
TYR HB2  H N N 416 
TYR HB3  H N N 417 
TYR HD1  H N N 418 
TYR HD2  H N N 419 
TYR HE1  H N N 420 
TYR HE2  H N N 421 
TYR HH   H N N 422 
TYR HXT  H N N 423 
VAL N    N N N 424 
VAL CA   C N S 425 
VAL C    C N N 426 
VAL O    O N N 427 
VAL CB   C N N 428 
VAL CG1  C N N 429 
VAL CG2  C N N 430 
VAL OXT  O N N 431 
VAL H    H N N 432 
VAL H2   H N N 433 
VAL HA   H N N 434 
VAL HB   H N N 435 
VAL HG11 H N N 436 
VAL HG12 H N N 437 
VAL HG13 H N N 438 
VAL HG21 H N N 439 
VAL HG22 H N N 440 
VAL HG23 H N N 441 
VAL HXT  H N N 442 
# 
loop_
_chem_comp_bond.comp_id 
_chem_comp_bond.atom_id_1 
_chem_comp_bond.atom_id_2 
_chem_comp_bond.value_order 
_chem_comp_bond.pdbx_aromatic_flag 
_chem_comp_bond.pdbx_stereo_config 
_chem_comp_bond.pdbx_ordinal 
ACT C   O    doub N N 1   
ACT C   OXT  sing N N 2   
ACT C   CH3  sing N N 3   
ACT CH3 H1   sing N N 4   
ACT CH3 H2   sing N N 5   
ACT CH3 H3   sing N N 6   
ALA N   CA   sing N N 7   
ALA N   H    sing N N 8   
ALA N   H2   sing N N 9   
ALA CA  C    sing N N 10  
ALA CA  CB   sing N N 11  
ALA CA  HA   sing N N 12  
ALA C   O    doub N N 13  
ALA C   OXT  sing N N 14  
ALA CB  HB1  sing N N 15  
ALA CB  HB2  sing N N 16  
ALA CB  HB3  sing N N 17  
ALA OXT HXT  sing N N 18  
ARG N   CA   sing N N 19  
ARG N   H    sing N N 20  
ARG N   H2   sing N N 21  
ARG CA  C    sing N N 22  
ARG CA  CB   sing N N 23  
ARG CA  HA   sing N N 24  
ARG C   O    doub N N 25  
ARG C   OXT  sing N N 26  
ARG CB  CG   sing N N 27  
ARG CB  HB2  sing N N 28  
ARG CB  HB3  sing N N 29  
ARG CG  CD   sing N N 30  
ARG CG  HG2  sing N N 31  
ARG CG  HG3  sing N N 32  
ARG CD  NE   sing N N 33  
ARG CD  HD2  sing N N 34  
ARG CD  HD3  sing N N 35  
ARG NE  CZ   sing N N 36  
ARG NE  HE   sing N N 37  
ARG CZ  NH1  sing N N 38  
ARG CZ  NH2  doub N N 39  
ARG NH1 HH11 sing N N 40  
ARG NH1 HH12 sing N N 41  
ARG NH2 HH21 sing N N 42  
ARG NH2 HH22 sing N N 43  
ARG OXT HXT  sing N N 44  
ASN N   CA   sing N N 45  
ASN N   H    sing N N 46  
ASN N   H2   sing N N 47  
ASN CA  C    sing N N 48  
ASN CA  CB   sing N N 49  
ASN CA  HA   sing N N 50  
ASN C   O    doub N N 51  
ASN C   OXT  sing N N 52  
ASN CB  CG   sing N N 53  
ASN CB  HB2  sing N N 54  
ASN CB  HB3  sing N N 55  
ASN CG  OD1  doub N N 56  
ASN CG  ND2  sing N N 57  
ASN ND2 HD21 sing N N 58  
ASN ND2 HD22 sing N N 59  
ASN OXT HXT  sing N N 60  
ASP N   CA   sing N N 61  
ASP N   H    sing N N 62  
ASP N   H2   sing N N 63  
ASP CA  C    sing N N 64  
ASP CA  CB   sing N N 65  
ASP CA  HA   sing N N 66  
ASP C   O    doub N N 67  
ASP C   OXT  sing N N 68  
ASP CB  CG   sing N N 69  
ASP CB  HB2  sing N N 70  
ASP CB  HB3  sing N N 71  
ASP CG  OD1  doub N N 72  
ASP CG  OD2  sing N N 73  
ASP OD2 HD2  sing N N 74  
ASP OXT HXT  sing N N 75  
CSO N   CA   sing N N 76  
CSO N   H    sing N N 77  
CSO N   H2   sing N N 78  
CSO CA  CB   sing N N 79  
CSO CA  C    sing N N 80  
CSO CA  HA   sing N N 81  
CSO CB  SG   sing N N 82  
CSO CB  HB2  sing N N 83  
CSO CB  HB3  sing N N 84  
CSO SG  OD   sing N N 85  
CSO C   O    doub N N 86  
CSO C   OXT  sing N N 87  
CSO OXT HXT  sing N N 88  
CSO OD  HD   sing N N 89  
CYS N   CA   sing N N 90  
CYS N   H    sing N N 91  
CYS N   H2   sing N N 92  
CYS CA  C    sing N N 93  
CYS CA  CB   sing N N 94  
CYS CA  HA   sing N N 95  
CYS C   O    doub N N 96  
CYS C   OXT  sing N N 97  
CYS CB  SG   sing N N 98  
CYS CB  HB2  sing N N 99  
CYS CB  HB3  sing N N 100 
CYS SG  HG   sing N N 101 
CYS OXT HXT  sing N N 102 
DMS S   O    doub N N 103 
DMS S   C1   sing N N 104 
DMS S   C2   sing N N 105 
DMS C1  H11  sing N N 106 
DMS C1  H12  sing N N 107 
DMS C1  H13  sing N N 108 
DMS C2  H21  sing N N 109 
DMS C2  H22  sing N N 110 
DMS C2  H23  sing N N 111 
GLN N   CA   sing N N 112 
GLN N   H    sing N N 113 
GLN N   H2   sing N N 114 
GLN CA  C    sing N N 115 
GLN CA  CB   sing N N 116 
GLN CA  HA   sing N N 117 
GLN C   O    doub N N 118 
GLN C   OXT  sing N N 119 
GLN CB  CG   sing N N 120 
GLN CB  HB2  sing N N 121 
GLN CB  HB3  sing N N 122 
GLN CG  CD   sing N N 123 
GLN CG  HG2  sing N N 124 
GLN CG  HG3  sing N N 125 
GLN CD  OE1  doub N N 126 
GLN CD  NE2  sing N N 127 
GLN NE2 HE21 sing N N 128 
GLN NE2 HE22 sing N N 129 
GLN OXT HXT  sing N N 130 
GLU N   CA   sing N N 131 
GLU N   H    sing N N 132 
GLU N   H2   sing N N 133 
GLU CA  C    sing N N 134 
GLU CA  CB   sing N N 135 
GLU CA  HA   sing N N 136 
GLU C   O    doub N N 137 
GLU C   OXT  sing N N 138 
GLU CB  CG   sing N N 139 
GLU CB  HB2  sing N N 140 
GLU CB  HB3  sing N N 141 
GLU CG  CD   sing N N 142 
GLU CG  HG2  sing N N 143 
GLU CG  HG3  sing N N 144 
GLU CD  OE1  doub N N 145 
GLU CD  OE2  sing N N 146 
GLU OE2 HE2  sing N N 147 
GLU OXT HXT  sing N N 148 
GLY N   CA   sing N N 149 
GLY N   H    sing N N 150 
GLY N   H2   sing N N 151 
GLY CA  C    sing N N 152 
GLY CA  HA2  sing N N 153 
GLY CA  HA3  sing N N 154 
GLY C   O    doub N N 155 
GLY C   OXT  sing N N 156 
GLY OXT HXT  sing N N 157 
H47 O3  C8   doub N N 158 
H47 C10 C11  doub Y N 159 
H47 C10 C9   sing Y N 160 
H47 C11 O2   sing Y N 161 
H47 C8  C7   sing N N 162 
H47 C8  N1   sing N N 163 
H47 C7  C6   sing N N 164 
H47 C9  N1   sing N N 165 
H47 C9  N2   doub Y N 166 
H47 O2  N2   sing Y N 167 
H47 C5  C6   doub Y N 168 
H47 C5  C4   sing Y N 169 
H47 C6  C12  sing Y N 170 
H47 C4  C3   doub Y N 171 
H47 C12 C2   doub Y N 172 
H47 C3  C2   sing Y N 173 
H47 C2  O1   sing N N 174 
H47 O1  C1   sing N N 175 
H47 N1  H1   sing N N 176 
H47 C4  H2   sing N N 177 
H47 C5  H3   sing N N 178 
H47 C7  H4   sing N N 179 
H47 C7  H5   sing N N 180 
H47 C10 H6   sing N N 181 
H47 C1  H7   sing N N 182 
H47 C1  H8   sing N N 183 
H47 C1  H9   sing N N 184 
H47 C3  H10  sing N N 185 
H47 C11 H11  sing N N 186 
H47 C12 H12  sing N N 187 
HIS N   CA   sing N N 188 
HIS N   H    sing N N 189 
HIS N   H2   sing N N 190 
HIS CA  C    sing N N 191 
HIS CA  CB   sing N N 192 
HIS CA  HA   sing N N 193 
HIS C   O    doub N N 194 
HIS C   OXT  sing N N 195 
HIS CB  CG   sing N N 196 
HIS CB  HB2  sing N N 197 
HIS CB  HB3  sing N N 198 
HIS CG  ND1  sing Y N 199 
HIS CG  CD2  doub Y N 200 
HIS ND1 CE1  doub Y N 201 
HIS ND1 HD1  sing N N 202 
HIS CD2 NE2  sing Y N 203 
HIS CD2 HD2  sing N N 204 
HIS CE1 NE2  sing Y N 205 
HIS CE1 HE1  sing N N 206 
HIS NE2 HE2  sing N N 207 
HIS OXT HXT  sing N N 208 
HOH O   H1   sing N N 209 
HOH O   H2   sing N N 210 
HYP N   CA   sing N N 211 
HYP N   CD   sing N N 212 
HYP N   H    sing N N 213 
HYP CA  C    sing N N 214 
HYP CA  CB   sing N N 215 
HYP CA  HA   sing N N 216 
HYP C   O    doub N N 217 
HYP C   OXT  sing N N 218 
HYP CB  CG   sing N N 219 
HYP CB  HB2  sing N N 220 
HYP CB  HB3  sing N N 221 
HYP CG  CD   sing N N 222 
HYP CG  OD1  sing N N 223 
HYP CG  HG   sing N N 224 
HYP CD  HD22 sing N N 225 
HYP CD  HD23 sing N N 226 
HYP OD1 HD1  sing N N 227 
HYP OXT HXT  sing N N 228 
ILE N   CA   sing N N 229 
ILE N   H    sing N N 230 
ILE N   H2   sing N N 231 
ILE CA  C    sing N N 232 
ILE CA  CB   sing N N 233 
ILE CA  HA   sing N N 234 
ILE C   O    doub N N 235 
ILE C   OXT  sing N N 236 
ILE CB  CG1  sing N N 237 
ILE CB  CG2  sing N N 238 
ILE CB  HB   sing N N 239 
ILE CG1 CD1  sing N N 240 
ILE CG1 HG12 sing N N 241 
ILE CG1 HG13 sing N N 242 
ILE CG2 HG21 sing N N 243 
ILE CG2 HG22 sing N N 244 
ILE CG2 HG23 sing N N 245 
ILE CD1 HD11 sing N N 246 
ILE CD1 HD12 sing N N 247 
ILE CD1 HD13 sing N N 248 
ILE OXT HXT  sing N N 249 
LEU N   CA   sing N N 250 
LEU N   H    sing N N 251 
LEU N   H2   sing N N 252 
LEU CA  C    sing N N 253 
LEU CA  CB   sing N N 254 
LEU CA  HA   sing N N 255 
LEU C   O    doub N N 256 
LEU C   OXT  sing N N 257 
LEU CB  CG   sing N N 258 
LEU CB  HB2  sing N N 259 
LEU CB  HB3  sing N N 260 
LEU CG  CD1  sing N N 261 
LEU CG  CD2  sing N N 262 
LEU CG  HG   sing N N 263 
LEU CD1 HD11 sing N N 264 
LEU CD1 HD12 sing N N 265 
LEU CD1 HD13 sing N N 266 
LEU CD2 HD21 sing N N 267 
LEU CD2 HD22 sing N N 268 
LEU CD2 HD23 sing N N 269 
LEU OXT HXT  sing N N 270 
LYS N   CA   sing N N 271 
LYS N   H    sing N N 272 
LYS N   H2   sing N N 273 
LYS CA  C    sing N N 274 
LYS CA  CB   sing N N 275 
LYS CA  HA   sing N N 276 
LYS C   O    doub N N 277 
LYS C   OXT  sing N N 278 
LYS CB  CG   sing N N 279 
LYS CB  HB2  sing N N 280 
LYS CB  HB3  sing N N 281 
LYS CG  CD   sing N N 282 
LYS CG  HG2  sing N N 283 
LYS CG  HG3  sing N N 284 
LYS CD  CE   sing N N 285 
LYS CD  HD2  sing N N 286 
LYS CD  HD3  sing N N 287 
LYS CE  NZ   sing N N 288 
LYS CE  HE2  sing N N 289 
LYS CE  HE3  sing N N 290 
LYS NZ  HZ1  sing N N 291 
LYS NZ  HZ2  sing N N 292 
LYS NZ  HZ3  sing N N 293 
LYS OXT HXT  sing N N 294 
MET N   CA   sing N N 295 
MET N   H    sing N N 296 
MET N   H2   sing N N 297 
MET CA  C    sing N N 298 
MET CA  CB   sing N N 299 
MET CA  HA   sing N N 300 
MET C   O    doub N N 301 
MET C   OXT  sing N N 302 
MET CB  CG   sing N N 303 
MET CB  HB2  sing N N 304 
MET CB  HB3  sing N N 305 
MET CG  SD   sing N N 306 
MET CG  HG2  sing N N 307 
MET CG  HG3  sing N N 308 
MET SD  CE   sing N N 309 
MET CE  HE1  sing N N 310 
MET CE  HE2  sing N N 311 
MET CE  HE3  sing N N 312 
MET OXT HXT  sing N N 313 
PHE N   CA   sing N N 314 
PHE N   H    sing N N 315 
PHE N   H2   sing N N 316 
PHE CA  C    sing N N 317 
PHE CA  CB   sing N N 318 
PHE CA  HA   sing N N 319 
PHE C   O    doub N N 320 
PHE C   OXT  sing N N 321 
PHE CB  CG   sing N N 322 
PHE CB  HB2  sing N N 323 
PHE CB  HB3  sing N N 324 
PHE CG  CD1  doub Y N 325 
PHE CG  CD2  sing Y N 326 
PHE CD1 CE1  sing Y N 327 
PHE CD1 HD1  sing N N 328 
PHE CD2 CE2  doub Y N 329 
PHE CD2 HD2  sing N N 330 
PHE CE1 CZ   doub Y N 331 
PHE CE1 HE1  sing N N 332 
PHE CE2 CZ   sing Y N 333 
PHE CE2 HE2  sing N N 334 
PHE CZ  HZ   sing N N 335 
PHE OXT HXT  sing N N 336 
PRO N   CA   sing N N 337 
PRO N   CD   sing N N 338 
PRO N   H    sing N N 339 
PRO CA  C    sing N N 340 
PRO CA  CB   sing N N 341 
PRO CA  HA   sing N N 342 
PRO C   O    doub N N 343 
PRO C   OXT  sing N N 344 
PRO CB  CG   sing N N 345 
PRO CB  HB2  sing N N 346 
PRO CB  HB3  sing N N 347 
PRO CG  CD   sing N N 348 
PRO CG  HG2  sing N N 349 
PRO CG  HG3  sing N N 350 
PRO CD  HD2  sing N N 351 
PRO CD  HD3  sing N N 352 
PRO OXT HXT  sing N N 353 
SER N   CA   sing N N 354 
SER N   H    sing N N 355 
SER N   H2   sing N N 356 
SER CA  C    sing N N 357 
SER CA  CB   sing N N 358 
SER CA  HA   sing N N 359 
SER C   O    doub N N 360 
SER C   OXT  sing N N 361 
SER CB  OG   sing N N 362 
SER CB  HB2  sing N N 363 
SER CB  HB3  sing N N 364 
SER OG  HG   sing N N 365 
SER OXT HXT  sing N N 366 
THR N   CA   sing N N 367 
THR N   H    sing N N 368 
THR N   H2   sing N N 369 
THR CA  C    sing N N 370 
THR CA  CB   sing N N 371 
THR CA  HA   sing N N 372 
THR C   O    doub N N 373 
THR C   OXT  sing N N 374 
THR CB  OG1  sing N N 375 
THR CB  CG2  sing N N 376 
THR CB  HB   sing N N 377 
THR OG1 HG1  sing N N 378 
THR CG2 HG21 sing N N 379 
THR CG2 HG22 sing N N 380 
THR CG2 HG23 sing N N 381 
THR OXT HXT  sing N N 382 
TYR N   CA   sing N N 383 
TYR N   H    sing N N 384 
TYR N   H2   sing N N 385 
TYR CA  C    sing N N 386 
TYR CA  CB   sing N N 387 
TYR CA  HA   sing N N 388 
TYR C   O    doub N N 389 
TYR C   OXT  sing N N 390 
TYR CB  CG   sing N N 391 
TYR CB  HB2  sing N N 392 
TYR CB  HB3  sing N N 393 
TYR CG  CD1  doub Y N 394 
TYR CG  CD2  sing Y N 395 
TYR CD1 CE1  sing Y N 396 
TYR CD1 HD1  sing N N 397 
TYR CD2 CE2  doub Y N 398 
TYR CD2 HD2  sing N N 399 
TYR CE1 CZ   doub Y N 400 
TYR CE1 HE1  sing N N 401 
TYR CE2 CZ   sing Y N 402 
TYR CE2 HE2  sing N N 403 
TYR CZ  OH   sing N N 404 
TYR OH  HH   sing N N 405 
TYR OXT HXT  sing N N 406 
VAL N   CA   sing N N 407 
VAL N   H    sing N N 408 
VAL N   H2   sing N N 409 
VAL CA  C    sing N N 410 
VAL CA  CB   sing N N 411 
VAL CA  HA   sing N N 412 
VAL C   O    doub N N 413 
VAL C   OXT  sing N N 414 
VAL CB  CG1  sing N N 415 
VAL CB  CG2  sing N N 416 
VAL CB  HB   sing N N 417 
VAL CG1 HG11 sing N N 418 
VAL CG1 HG12 sing N N 419 
VAL CG1 HG13 sing N N 420 
VAL CG2 HG21 sing N N 421 
VAL CG2 HG22 sing N N 422 
VAL CG2 HG23 sing N N 423 
VAL OXT HXT  sing N N 424 
# 
_pdbx_deposit_group.group_id            G_1002045 
_pdbx_deposit_group.group_description   
;human NUDT7 screened against the 3D-Fragment Consortium Library by X-ray Crystallography at the XChem facility of Diamond Light Source beamline I04-1
;
_pdbx_deposit_group.group_title         'PanDDA analysis group deposition of models with modelled events (e.g. bound ligands)' 
_pdbx_deposit_group.group_type          'changed state' 
# 
loop_
_pdbx_entity_nonpoly.entity_id 
_pdbx_entity_nonpoly.name 
_pdbx_entity_nonpoly.comp_id 
2 'ACETATE ION'                                      ACT 
3 'DIMETHYL SULFOXIDE'                               DMS 
4 '2-(3-methoxyphenyl)-N-(1,2-oxazol-3-yl)acetamide' H47 
5 water                                              HOH 
# 
_pdbx_related_exp_data_set.ordinal              1 
_pdbx_related_exp_data_set.data_reference       10.5281/zenodo.1244111 
_pdbx_related_exp_data_set.metadata_reference   10.5281/zenodo.1244111 
_pdbx_related_exp_data_set.data_set_type        'other data' 
_pdbx_related_exp_data_set.details              'Complete PanDDA analysis' 
# 
